data_9C5T
#
_entry.id   9C5T
#
_cell.length_a   1.00
_cell.length_b   1.00
_cell.length_c   1.00
_cell.angle_alpha   90.00
_cell.angle_beta   90.00
_cell.angle_gamma   90.00
#
_symmetry.space_group_name_H-M   'P 1'
#
loop_
_entity.id
_entity.type
_entity.pdbx_description
1 polymer 'Denticleless protein homolog'
2 polymer 'DNA damage-binding protein 1'
#
loop_
_entity_poly.entity_id
_entity_poly.type
_entity_poly.pdbx_seq_one_letter_code
_entity_poly.pdbx_strand_id
1 'polypeptide(L)'
;MLFNSVLRQPQLGVLRNGWSSQYPLQSLLTGYQCSGNDEHTSYGETGVPVPPFGCTFSSAPNMEHVLAVANEEGFVRLYN
TESQSFRKKCFKEWMAHWNAVFDLAWVPGELKLVTAAGDQTAKFWDVKAGELIGTCKGHQCSLKSVAFSKFEKAVFCTGG
RDGNIMVWDTRCNKKDGFYRQVNQISGAHNTSDKQTPSKPKKKQNSKGLAPSVDFQQSVTVVLFQDENTLVSAGAVDGII
KVWDLRKNYTAYRQEPIASKSFLYPGSSTRKLGYSSLILDSTGSTLFANCTDDNIYMFNMTGLKTSPVAIFNGHQNSTFY
VKSSLSPDDQFLVSGSSDEAAYIWKVSTPWQPPTVLLGHSQEVTSVCWCPSDFTKIATCSDDNTLKIWRLNRGLEEKPGG
DKLSTVGWASQKKKESRPGLVTVTSSQSTPAKAPRAKCNPSNSSPSSAACAPSCAGDLENLYFQSHHHHHH
;
A
2 'polypeptide(L)'
;MSYNYVVTAQKPTAVNGCVTGHFTSAEDLNLLIAKNTRLEIYVVTAEGLRPVKEVGMYGKIAVMELFRPKGESKDLLFIL
TAKYNACILEYKQSGESIDIITRAHGNVQDRIGRPSETGIIGIIDPECRMIGLRLYDGLFKVIPLDRDNKELKAFNIRLE
ELHVIDVKFLYGCQAPTICFVYQDPQGRHVKTYEVSLREKEFNKGPWKQENVEAEASMVIAVPEPFGGAIIIGQESITYH
NGDKYLAIAPPIIKQSTIVCHNRVDPNGSRYLLGDMEGRLFMLLLEKEEQMDGTVTLKDLRVELLGETSIAECLTYLDNG
VVFVGSRLGDSQLVKLNVDSNEQGSYVVAMETFTNLGPIVDMCVVDLERQGQGQLVTCSGAFKEGSLRIIRNGIGIHEHA
SIDLPGIKGLWPLRSDPNRETDDTLVLSFVGQTRVLMLNGEEVEETELMGFVDDQQTFFCGNVAHQQLIQITSASVRLVS
QEPKALVSEWKEPQAKNISVASCNSSQVVVAVGRALYYLQIHPQELRQISHTEMEHEVACLDITPLGDSNGLSPLCAIGL
WTDISARILKLPSFELLHKEMLGGEIIPRSILMTTFESSHYLLCALGDGALFYFGLNIETGLLSDRKKVTLGTQPTVLRT
FRSLSTTNVFACSDRPTVIYSSNHKLVFSNVNLKEVNYMCPLNSDGYPDSLALANNSTLTIGTIDEIQKLHIRTVPLYES
PRKICYQEVSQCFGVLSSRIEVQDTSGGTTALRPSASTQALSSSVSSSKLFSSSTAPHETSFGEEVEVHNLLIIDQHTFE
VLHAHQFLQNEYALSLVSCKLGKDPNTYFIVGTAMVYPEEAEPKQGRIVVFQYSDGKLQTVAEKEVKGAVYSMVEFNGKL
LASINSTVRLYEWTTEKELRTECNHYNNIMALYLKTKGDFILVGDLMRSVLLLAYKPMEGNFEEIARDFNPNWMSAVEIL
DDDNFLGAENAFNLFVCQKDSAATTDEERQHLQEVGLFHLGEFVNVFCHGSLVMQNLGETSTPTQGSVLFGTVNGMIGLV
TSLSESWYNLLLDMQNRLNKVIKSVGKIEHSFWRSFHTERKTEPATGFIDGDLIESFLDISRPKMQEVVANLQYDDGSGM
KREATADDLIKVVEELTRIH
;
B
#
# COMPACT_ATOMS: atom_id res chain seq x y z
N MET A 1 1.24 -23.55 -4.06
CA MET A 1 2.05 -23.55 -5.27
C MET A 1 2.69 -22.18 -5.49
N LEU A 2 3.77 -22.15 -6.27
CA LEU A 2 4.49 -20.89 -6.49
C LEU A 2 3.66 -19.94 -7.34
N PHE A 3 3.09 -20.43 -8.44
CA PHE A 3 2.33 -19.56 -9.32
C PHE A 3 1.08 -19.02 -8.63
N ASN A 4 0.38 -19.88 -7.89
CA ASN A 4 -0.83 -19.45 -7.20
C ASN A 4 -0.50 -18.40 -6.13
N SER A 5 0.63 -18.56 -5.46
CA SER A 5 1.02 -17.59 -4.43
C SER A 5 1.25 -16.21 -5.03
N VAL A 6 1.92 -16.16 -6.19
CA VAL A 6 2.14 -14.88 -6.86
C VAL A 6 0.83 -14.32 -7.39
N LEU A 7 -0.02 -15.20 -7.94
CA LEU A 7 -1.27 -14.76 -8.53
C LEU A 7 -2.20 -14.13 -7.49
N ARG A 8 -2.27 -14.73 -6.30
CA ARG A 8 -3.21 -14.29 -5.28
C ARG A 8 -2.73 -13.07 -4.51
N GLN A 9 -1.47 -12.67 -4.65
CA GLN A 9 -0.94 -11.56 -3.87
C GLN A 9 -1.66 -10.24 -4.12
N PRO A 10 -1.92 -9.81 -5.36
CA PRO A 10 -2.59 -8.51 -5.54
C PRO A 10 -3.96 -8.42 -4.87
N GLN A 11 -4.70 -9.52 -4.79
CA GLN A 11 -6.03 -9.48 -4.19
C GLN A 11 -5.99 -9.68 -2.68
N LEU A 12 -5.32 -10.73 -2.22
CA LEU A 12 -5.31 -11.06 -0.80
C LEU A 12 -4.29 -10.25 0.00
N GLY A 13 -3.24 -9.75 -0.64
CA GLY A 13 -2.21 -9.02 0.07
C GLY A 13 -1.15 -9.93 0.64
N VAL A 14 -0.32 -9.32 1.51
CA VAL A 14 0.79 -10.05 2.10
C VAL A 14 0.27 -11.07 3.10
N LEU A 15 0.73 -12.32 2.96
CA LEU A 15 0.42 -13.38 3.91
C LEU A 15 1.72 -14.05 4.33
N ARG A 16 1.80 -14.40 5.61
CA ARG A 16 3.02 -14.89 6.23
C ARG A 16 3.01 -16.42 6.22
N ASN A 17 3.90 -17.02 5.43
CA ASN A 17 4.01 -18.47 5.40
C ASN A 17 4.71 -19.03 6.64
N GLY A 18 5.47 -18.19 7.35
CA GLY A 18 6.25 -18.66 8.47
C GLY A 18 7.71 -18.29 8.33
N TRP A 19 8.24 -18.36 7.11
CA TRP A 19 9.59 -17.92 6.83
C TRP A 19 9.59 -16.50 6.26
N SER A 20 10.79 -15.98 6.03
CA SER A 20 10.93 -14.59 5.60
C SER A 20 10.30 -14.37 4.22
N SER A 21 10.53 -15.29 3.29
CA SER A 21 9.98 -15.14 1.95
C SER A 21 8.46 -15.27 1.97
N GLN A 22 7.82 -14.57 1.04
CA GLN A 22 6.37 -14.60 0.90
C GLN A 22 5.89 -15.62 -0.12
N TYR A 23 6.80 -16.36 -0.75
CA TYR A 23 6.43 -17.35 -1.75
C TYR A 23 7.17 -18.65 -1.49
N PRO A 24 6.55 -19.80 -1.79
CA PRO A 24 7.25 -21.08 -1.71
C PRO A 24 8.06 -21.33 -2.97
N LEU A 25 9.38 -21.30 -2.84
CA LEU A 25 10.28 -21.45 -3.99
C LEU A 25 11.02 -22.79 -3.98
N GLN A 26 10.35 -23.84 -3.53
CA GLN A 26 10.97 -25.17 -3.53
C GLN A 26 10.94 -25.84 -4.90
N SER A 27 10.18 -25.31 -5.85
CA SER A 27 10.10 -25.91 -7.18
C SER A 27 11.33 -25.59 -8.02
N LEU A 28 11.95 -24.43 -7.82
CA LEU A 28 13.06 -23.97 -8.64
C LEU A 28 14.42 -24.40 -8.08
N LEU A 29 14.44 -25.18 -7.00
CA LEU A 29 15.71 -25.63 -6.43
C LEU A 29 16.48 -26.55 -7.36
N THR A 30 15.81 -27.18 -8.32
CA THR A 30 16.47 -28.11 -9.23
C THR A 30 17.23 -27.41 -10.35
N GLY A 31 17.13 -26.09 -10.46
CA GLY A 31 17.80 -25.33 -11.48
C GLY A 31 19.21 -24.89 -11.14
N TYR A 32 19.75 -25.35 -10.01
CA TYR A 32 21.08 -24.91 -9.60
C TYR A 32 22.14 -25.61 -10.45
N GLN A 33 22.94 -24.82 -11.16
CA GLN A 33 24.01 -25.33 -12.00
C GLN A 33 25.21 -24.43 -11.89
N CYS A 34 26.40 -25.02 -11.77
CA CYS A 34 27.65 -24.29 -11.65
C CYS A 34 28.40 -24.39 -12.98
N SER A 35 28.68 -23.24 -13.58
CA SER A 35 29.36 -23.22 -14.87
C SER A 35 30.82 -23.59 -14.70
N GLY A 36 31.46 -23.95 -15.83
CA GLY A 36 32.87 -24.28 -15.80
C GLY A 36 33.77 -23.12 -15.44
N ASN A 37 33.27 -21.89 -15.57
CA ASN A 37 34.07 -20.73 -15.18
C ASN A 37 34.30 -20.69 -13.68
N ASP A 38 33.35 -21.18 -12.88
CA ASP A 38 33.48 -21.17 -11.43
C ASP A 38 34.01 -22.52 -10.95
N GLU A 39 35.29 -22.74 -11.26
CA GLU A 39 36.02 -23.93 -10.83
C GLU A 39 37.38 -23.51 -10.30
N HIS A 40 37.38 -22.50 -9.43
CA HIS A 40 38.62 -21.93 -8.93
C HIS A 40 39.37 -22.95 -8.08
N THR A 41 40.59 -23.26 -8.47
CA THR A 41 41.45 -24.17 -7.71
C THR A 41 42.38 -23.35 -6.83
N SER A 42 42.27 -23.53 -5.52
CA SER A 42 43.11 -22.80 -4.57
C SER A 42 44.50 -23.43 -4.58
N TYR A 43 45.34 -22.97 -5.49
CA TYR A 43 46.68 -23.51 -5.63
C TYR A 43 47.53 -23.17 -4.42
N GLY A 44 48.36 -24.12 -4.00
CA GLY A 44 49.21 -23.93 -2.85
C GLY A 44 50.47 -23.16 -3.20
N GLU A 45 51.35 -23.04 -2.19
CA GLU A 45 52.60 -22.32 -2.39
C GLU A 45 53.49 -23.02 -3.41
N THR A 46 53.58 -24.35 -3.34
CA THR A 46 54.41 -25.10 -4.27
C THR A 46 53.85 -25.09 -5.69
N GLY A 47 52.54 -24.91 -5.84
CA GLY A 47 51.88 -24.95 -7.13
C GLY A 47 50.93 -26.12 -7.31
N VAL A 48 50.92 -27.06 -6.37
CA VAL A 48 49.97 -28.18 -6.41
C VAL A 48 48.63 -27.69 -5.84
N PRO A 49 47.51 -28.24 -6.27
CA PRO A 49 46.22 -27.81 -5.70
C PRO A 49 46.14 -28.18 -4.22
N VAL A 50 45.43 -27.32 -3.47
CA VAL A 50 45.31 -27.49 -2.03
C VAL A 50 43.84 -27.39 -1.64
N PRO A 51 43.33 -28.27 -0.80
CA PRO A 51 41.91 -28.24 -0.43
C PRO A 51 41.57 -26.98 0.34
N PRO A 52 40.60 -26.20 -0.15
CA PRO A 52 40.14 -25.04 0.62
C PRO A 52 39.09 -25.46 1.64
N PHE A 53 39.24 -24.94 2.85
CA PHE A 53 38.26 -25.19 3.91
C PHE A 53 37.97 -23.89 4.64
N GLY A 54 36.69 -23.52 4.69
CA GLY A 54 36.28 -22.30 5.36
C GLY A 54 36.23 -21.15 4.38
N CYS A 55 35.02 -20.77 3.96
CA CYS A 55 34.90 -19.73 2.94
C CYS A 55 33.51 -19.11 3.06
N THR A 56 33.46 -17.83 3.41
CA THR A 56 32.21 -17.13 3.70
C THR A 56 32.12 -15.84 2.90
N PHE A 57 30.89 -15.37 2.73
CA PHE A 57 30.61 -14.12 2.04
C PHE A 57 30.86 -12.93 2.97
N SER A 58 30.91 -11.74 2.37
CA SER A 58 31.10 -10.51 3.13
C SER A 58 29.76 -9.82 3.38
N SER A 59 29.80 -8.70 4.10
CA SER A 59 28.60 -7.96 4.42
C SER A 59 28.75 -6.45 4.35
N ALA A 60 29.89 -5.94 3.90
CA ALA A 60 30.08 -4.49 3.82
C ALA A 60 29.19 -3.90 2.74
N PRO A 61 28.76 -2.64 2.91
CA PRO A 61 27.88 -2.02 1.92
C PRO A 61 28.55 -1.95 0.55
N ASN A 62 27.73 -2.15 -0.49
CA ASN A 62 28.17 -2.11 -1.88
C ASN A 62 29.20 -3.19 -2.20
N MET A 63 29.48 -4.07 -1.23
CA MET A 63 30.45 -5.14 -1.40
C MET A 63 29.89 -6.46 -0.89
N GLU A 64 28.56 -6.62 -0.89
CA GLU A 64 27.96 -7.85 -0.39
C GLU A 64 27.98 -8.93 -1.47
N HIS A 65 29.14 -9.11 -2.11
CA HIS A 65 29.34 -10.19 -3.06
C HIS A 65 30.71 -10.85 -2.94
N VAL A 66 31.63 -10.29 -2.16
CA VAL A 66 32.98 -10.85 -2.05
C VAL A 66 32.92 -12.12 -1.21
N LEU A 67 33.53 -13.19 -1.73
CA LEU A 67 33.58 -14.48 -1.05
C LEU A 67 35.02 -14.79 -0.69
N ALA A 68 35.35 -14.69 0.59
CA ALA A 68 36.67 -15.08 1.07
C ALA A 68 36.81 -16.59 1.04
N VAL A 69 38.04 -17.07 1.13
CA VAL A 69 38.34 -18.49 1.16
C VAL A 69 39.72 -18.70 1.76
N ALA A 70 39.91 -19.81 2.46
CA ALA A 70 41.19 -20.17 3.03
C ALA A 70 41.48 -21.63 2.75
N ASN A 71 42.75 -22.01 2.92
CA ASN A 71 43.20 -23.36 2.60
C ASN A 71 44.18 -23.82 3.67
N GLU A 72 44.89 -24.91 3.40
CA GLU A 72 45.76 -25.54 4.39
C GLU A 72 47.14 -24.89 4.46
N GLU A 73 47.45 -23.94 3.59
CA GLU A 73 48.71 -23.22 3.64
C GLU A 73 48.55 -21.78 4.12
N GLY A 74 47.37 -21.41 4.60
CA GLY A 74 47.14 -20.08 5.12
C GLY A 74 46.78 -19.03 4.09
N PHE A 75 46.73 -19.40 2.81
CA PHE A 75 46.34 -18.44 1.78
C PHE A 75 44.89 -18.02 1.98
N VAL A 76 44.64 -16.72 1.96
CA VAL A 76 43.28 -16.18 2.03
C VAL A 76 43.07 -15.31 0.80
N ARG A 77 42.07 -15.67 -0.01
CA ARG A 77 41.81 -14.98 -1.27
C ARG A 77 40.37 -14.50 -1.29
N LEU A 78 40.18 -13.24 -1.67
CA LEU A 78 38.85 -12.66 -1.83
C LEU A 78 38.40 -12.85 -3.27
N TYR A 79 37.19 -13.38 -3.45
CA TYR A 79 36.67 -13.74 -4.76
C TYR A 79 35.46 -12.88 -5.10
N ASN A 80 35.50 -12.26 -6.27
CA ASN A 80 34.31 -11.64 -6.83
C ASN A 80 33.36 -12.72 -7.32
N THR A 81 32.06 -12.50 -7.13
CA THR A 81 31.06 -13.50 -7.48
C THR A 81 30.19 -13.10 -8.66
N GLU A 82 29.81 -11.82 -8.76
CA GLU A 82 28.95 -11.40 -9.86
C GLU A 82 29.70 -11.39 -11.19
N SER A 83 30.99 -11.05 -11.18
CA SER A 83 31.77 -11.01 -12.42
C SER A 83 32.04 -12.44 -12.91
N GLN A 84 32.34 -12.54 -14.20
CA GLN A 84 32.60 -13.82 -14.86
C GLN A 84 33.92 -13.72 -15.63
N SER A 85 35.02 -13.99 -14.93
CA SER A 85 36.35 -14.02 -15.55
C SER A 85 37.28 -14.76 -14.59
N PHE A 86 37.91 -15.83 -15.09
CA PHE A 86 38.63 -16.74 -14.20
C PHE A 86 39.76 -16.03 -13.45
N ARG A 87 40.55 -15.22 -14.16
CA ARG A 87 41.67 -14.55 -13.53
C ARG A 87 41.27 -13.28 -12.79
N LYS A 88 40.06 -12.77 -13.02
CA LYS A 88 39.63 -11.54 -12.37
C LYS A 88 38.99 -11.78 -11.01
N LYS A 89 38.65 -13.03 -10.67
CA LYS A 89 38.02 -13.30 -9.39
C LYS A 89 38.97 -13.03 -8.22
N CYS A 90 40.23 -13.40 -8.37
CA CYS A 90 41.21 -13.26 -7.29
C CYS A 90 41.80 -11.85 -7.33
N PHE A 91 41.13 -10.91 -6.67
CA PHE A 91 41.63 -9.53 -6.59
C PHE A 91 42.35 -9.24 -5.29
N LYS A 92 42.52 -10.22 -4.41
CA LYS A 92 43.22 -10.02 -3.15
C LYS A 92 43.73 -11.36 -2.65
N GLU A 93 45.04 -11.44 -2.39
CA GLU A 93 45.66 -12.66 -1.91
C GLU A 93 46.80 -12.29 -0.97
N TRP A 94 46.99 -13.09 0.08
CA TRP A 94 48.08 -12.89 1.03
C TRP A 94 48.22 -14.13 1.89
N MET A 95 49.28 -14.15 2.69
CA MET A 95 49.53 -15.22 3.65
C MET A 95 48.95 -14.82 4.99
N ALA A 96 47.82 -15.43 5.36
CA ALA A 96 47.26 -15.19 6.68
C ALA A 96 48.08 -15.89 7.76
N HIS A 97 48.45 -17.15 7.51
CA HIS A 97 49.22 -17.93 8.47
C HIS A 97 50.12 -18.90 7.71
N TRP A 98 51.13 -19.40 8.42
CA TRP A 98 52.00 -20.43 7.88
C TRP A 98 51.57 -21.84 8.29
N ASN A 99 50.48 -21.97 9.04
CA ASN A 99 50.01 -23.26 9.56
C ASN A 99 48.51 -23.41 9.36
N ALA A 100 48.05 -23.14 8.13
CA ALA A 100 46.66 -23.33 7.72
C ALA A 100 45.72 -22.38 8.43
N VAL A 101 44.46 -22.33 7.97
CA VAL A 101 43.42 -21.52 8.58
C VAL A 101 42.17 -22.39 8.72
N PHE A 102 41.57 -22.38 9.91
CA PHE A 102 40.47 -23.29 10.22
C PHE A 102 39.10 -22.61 10.22
N ASP A 103 39.05 -21.28 10.17
CA ASP A 103 37.77 -20.58 10.11
C ASP A 103 38.01 -19.14 9.68
N LEU A 104 36.94 -18.49 9.23
CA LEU A 104 36.99 -17.10 8.81
C LEU A 104 35.72 -16.42 9.28
N ALA A 105 35.79 -15.10 9.46
CA ALA A 105 34.63 -14.33 9.87
C ALA A 105 34.79 -12.89 9.42
N TRP A 106 33.77 -12.36 8.76
CA TRP A 106 33.78 -10.98 8.30
C TRP A 106 33.15 -10.08 9.36
N VAL A 107 33.81 -8.97 9.66
CA VAL A 107 33.23 -8.02 10.62
C VAL A 107 31.92 -7.48 10.06
N PRO A 108 30.82 -7.52 10.80
CA PRO A 108 29.53 -7.09 10.24
C PRO A 108 29.55 -5.63 9.83
N GLY A 109 28.95 -5.35 8.67
CA GLY A 109 28.85 -4.00 8.18
C GLY A 109 30.16 -3.32 7.87
N GLU A 110 31.24 -4.09 7.73
CA GLU A 110 32.55 -3.49 7.49
C GLU A 110 33.40 -4.46 6.67
N LEU A 111 34.44 -3.92 6.06
CA LEU A 111 35.39 -4.71 5.28
C LEU A 111 36.61 -5.05 6.14
N LYS A 112 36.36 -5.87 7.14
CA LYS A 112 37.40 -6.38 8.03
C LYS A 112 37.19 -7.87 8.22
N LEU A 113 38.29 -8.63 8.24
CA LEU A 113 38.22 -10.09 8.23
C LEU A 113 39.16 -10.66 9.28
N VAL A 114 38.73 -11.76 9.91
CA VAL A 114 39.49 -12.44 10.96
C VAL A 114 39.64 -13.90 10.59
N THR A 115 40.84 -14.43 10.76
CA THR A 115 41.15 -15.82 10.43
C THR A 115 41.44 -16.61 11.70
N ALA A 116 40.84 -17.79 11.80
CA ALA A 116 41.16 -18.74 12.86
C ALA A 116 42.08 -19.82 12.28
N ALA A 117 43.22 -20.03 12.94
CA ALA A 117 44.27 -20.84 12.36
C ALA A 117 44.80 -21.84 13.37
N GLY A 118 45.68 -22.72 12.89
CA GLY A 118 46.42 -23.64 13.71
C GLY A 118 47.65 -23.07 14.36
N ASP A 119 47.93 -21.79 14.13
CA ASP A 119 49.05 -21.10 14.75
C ASP A 119 48.76 -20.68 16.19
N GLN A 120 47.65 -21.16 16.76
CA GLN A 120 47.23 -20.79 18.12
C GLN A 120 47.07 -19.28 18.25
N THR A 121 46.58 -18.65 17.18
CA THR A 121 46.40 -17.21 17.16
C THR A 121 45.35 -16.85 16.12
N ALA A 122 44.83 -15.63 16.21
CA ALA A 122 43.82 -15.13 15.29
C ALA A 122 44.20 -13.71 14.88
N LYS A 123 44.42 -13.50 13.59
CA LYS A 123 44.82 -12.19 13.09
C LYS A 123 43.61 -11.33 12.79
N PHE A 124 43.82 -10.01 12.89
CA PHE A 124 42.80 -9.02 12.53
C PHE A 124 43.29 -8.28 11.29
N TRP A 125 42.49 -8.32 10.23
CA TRP A 125 42.89 -7.82 8.93
C TRP A 125 42.05 -6.64 8.50
N ASP A 126 42.66 -5.76 7.71
CA ASP A 126 41.98 -4.69 6.99
C ASP A 126 42.09 -5.01 5.51
N VAL A 127 41.07 -5.66 4.95
CA VAL A 127 41.12 -6.06 3.54
C VAL A 127 41.00 -4.88 2.60
N LYS A 128 40.53 -3.73 3.10
CA LYS A 128 40.48 -2.53 2.26
C LYS A 128 41.87 -2.10 1.83
N ALA A 129 42.82 -2.13 2.77
CA ALA A 129 44.22 -1.85 2.47
C ALA A 129 45.05 -2.87 3.23
N GLY A 130 45.70 -3.78 2.51
CA GLY A 130 46.37 -4.92 3.10
C GLY A 130 47.33 -4.59 4.22
N GLU A 131 46.97 -4.99 5.44
CA GLU A 131 47.81 -4.77 6.61
C GLU A 131 47.33 -5.69 7.73
N LEU A 132 48.18 -5.87 8.72
CA LEU A 132 47.89 -6.71 9.87
C LEU A 132 47.66 -5.79 11.08
N ILE A 133 46.39 -5.64 11.47
CA ILE A 133 46.07 -4.78 12.60
C ILE A 133 46.59 -5.37 13.90
N GLY A 134 46.35 -6.66 14.11
CA GLY A 134 46.80 -7.30 15.34
C GLY A 134 46.70 -8.80 15.24
N THR A 135 47.29 -9.47 16.23
CA THR A 135 47.33 -10.93 16.30
C THR A 135 46.93 -11.35 17.72
N CYS A 136 45.68 -11.74 17.89
CA CYS A 136 45.20 -12.19 19.19
C CYS A 136 45.87 -13.50 19.59
N LYS A 137 46.29 -13.57 20.85
CA LYS A 137 47.01 -14.73 21.36
C LYS A 137 46.49 -15.06 22.76
N GLY A 138 46.65 -16.32 23.14
CA GLY A 138 46.19 -16.78 24.44
C GLY A 138 45.69 -18.21 24.43
N HIS A 139 45.36 -18.72 23.24
CA HIS A 139 44.97 -20.11 23.12
C HIS A 139 46.17 -21.03 23.26
N GLN A 140 45.97 -22.17 23.91
CA GLN A 140 47.04 -23.14 24.12
C GLN A 140 47.12 -24.19 23.01
N CYS A 141 46.24 -24.14 22.03
CA CYS A 141 46.27 -25.08 20.92
C CYS A 141 45.67 -24.40 19.70
N SER A 142 45.45 -25.18 18.64
CA SER A 142 44.94 -24.63 17.39
C SER A 142 43.50 -24.14 17.55
N LEU A 143 43.20 -23.00 16.94
CA LEU A 143 41.86 -22.48 16.92
C LEU A 143 40.98 -23.30 15.98
N LYS A 144 39.67 -23.22 16.20
CA LYS A 144 38.73 -23.96 15.36
C LYS A 144 37.52 -23.17 14.90
N SER A 145 37.25 -21.99 15.47
CA SER A 145 36.10 -21.20 15.03
C SER A 145 36.26 -19.76 15.51
N VAL A 146 35.67 -18.85 14.73
CA VAL A 146 35.59 -17.43 15.09
C VAL A 146 34.20 -16.95 14.72
N ALA A 147 33.54 -16.24 15.64
CA ALA A 147 32.18 -15.78 15.42
C ALA A 147 32.07 -14.30 15.75
N PHE A 148 31.35 -13.58 14.89
CA PHE A 148 31.05 -12.17 15.09
C PHE A 148 29.55 -12.00 15.27
N SER A 149 29.16 -11.26 16.31
CA SER A 149 27.77 -10.92 16.51
C SER A 149 27.38 -9.80 15.56
N LYS A 150 26.28 -10.00 14.82
CA LYS A 150 25.85 -8.99 13.86
C LYS A 150 25.33 -7.72 14.53
N PHE A 151 25.08 -7.76 15.84
CA PHE A 151 24.64 -6.58 16.58
C PHE A 151 25.79 -5.83 17.25
N GLU A 152 27.02 -6.36 17.18
CA GLU A 152 28.16 -5.70 17.79
C GLU A 152 29.39 -6.08 16.98
N LYS A 153 29.92 -5.14 16.21
CA LYS A 153 30.96 -5.44 15.24
C LYS A 153 32.35 -5.55 15.85
N ALA A 154 32.58 -4.97 17.03
CA ALA A 154 33.92 -4.90 17.60
C ALA A 154 34.23 -6.02 18.57
N VAL A 155 33.30 -6.96 18.79
CA VAL A 155 33.50 -8.06 19.72
C VAL A 155 33.40 -9.38 18.95
N PHE A 156 34.42 -10.22 19.10
CA PHE A 156 34.42 -11.55 18.50
C PHE A 156 34.99 -12.55 19.49
N CYS A 157 34.62 -13.81 19.32
CA CYS A 157 35.01 -14.88 20.22
C CYS A 157 35.53 -16.07 19.42
N THR A 158 36.43 -16.83 20.04
CA THR A 158 37.06 -17.97 19.38
C THR A 158 36.96 -19.21 20.27
N GLY A 159 37.00 -20.37 19.62
CA GLY A 159 37.04 -21.63 20.32
C GLY A 159 38.12 -22.55 19.77
N GLY A 160 39.11 -22.89 20.60
CA GLY A 160 40.27 -23.61 20.14
C GLY A 160 40.21 -25.11 20.41
N ARG A 161 41.20 -25.81 19.86
CA ARG A 161 41.34 -27.25 20.08
C ARG A 161 41.68 -27.57 21.53
N ASP A 162 42.33 -26.65 22.24
CA ASP A 162 42.63 -26.85 23.65
C ASP A 162 41.38 -27.03 24.50
N GLY A 163 40.31 -26.30 24.22
CA GLY A 163 39.03 -26.55 24.85
C GLY A 163 38.37 -25.37 25.54
N ASN A 164 39.11 -24.29 25.79
CA ASN A 164 38.51 -23.13 26.46
C ASN A 164 38.07 -22.09 25.43
N ILE A 165 37.12 -21.25 25.84
CA ILE A 165 36.48 -20.28 24.96
C ILE A 165 36.78 -18.89 25.50
N MET A 166 37.31 -18.03 24.63
CA MET A 166 37.66 -16.66 25.00
C MET A 166 37.03 -15.68 24.03
N VAL A 167 36.53 -14.57 24.55
CA VAL A 167 35.92 -13.52 23.75
C VAL A 167 36.80 -12.29 23.82
N TRP A 168 37.12 -11.73 22.65
CA TRP A 168 38.00 -10.58 22.54
C TRP A 168 37.21 -9.32 22.25
N ASP A 169 37.84 -8.18 22.53
CA ASP A 169 37.27 -6.86 22.26
C ASP A 169 38.32 -6.04 21.54
N THR A 170 38.03 -5.68 20.28
CA THR A 170 38.99 -4.91 19.50
C THR A 170 39.17 -3.50 20.06
N ARG A 171 38.15 -2.97 20.75
CA ARG A 171 38.26 -1.66 21.35
C ARG A 171 39.15 -1.63 22.58
N CYS A 172 39.59 -2.78 23.06
CA CYS A 172 40.46 -2.83 24.23
C CYS A 172 41.86 -2.33 23.87
N ASN A 173 42.72 -2.24 24.88
CA ASN A 173 44.07 -1.75 24.68
C ASN A 173 44.85 -2.66 23.74
N LYS A 174 45.57 -2.05 22.80
CA LYS A 174 46.35 -2.82 21.84
C LYS A 174 47.56 -3.47 22.50
N LYS A 175 48.07 -2.89 23.58
CA LYS A 175 49.25 -3.40 24.31
C LYS A 175 50.41 -3.40 23.33
N ASP A 176 51.12 -4.51 23.14
CA ASP A 176 52.27 -4.59 22.25
C ASP A 176 51.91 -5.22 20.91
N GLY A 177 50.71 -4.93 20.40
CA GLY A 177 50.24 -5.52 19.16
C GLY A 177 49.47 -6.81 19.31
N PHE A 178 49.32 -7.32 20.54
CA PHE A 178 48.61 -8.55 20.80
C PHE A 178 47.35 -8.24 21.59
N TYR A 179 46.20 -8.72 21.11
CA TYR A 179 44.96 -8.55 21.82
C TYR A 179 44.89 -9.52 23.00
N ARG A 180 44.12 -9.13 24.02
CA ARG A 180 43.97 -9.93 25.23
C ARG A 180 42.51 -10.33 25.41
N GLN A 181 42.30 -11.52 25.98
CA GLN A 181 40.96 -12.01 26.19
C GLN A 181 40.23 -11.19 27.24
N VAL A 182 38.97 -10.88 26.99
CA VAL A 182 38.18 -10.12 27.95
C VAL A 182 37.50 -11.06 28.94
N ASN A 183 36.68 -11.98 28.45
CA ASN A 183 36.18 -13.09 29.23
C ASN A 183 36.68 -14.40 28.63
N GLN A 184 36.98 -15.36 29.50
CA GLN A 184 37.46 -16.67 29.07
C GLN A 184 36.67 -17.75 29.79
N ILE A 185 36.19 -18.73 29.03
CA ILE A 185 35.44 -19.84 29.59
C ILE A 185 36.33 -21.08 29.57
N SER A 186 37.03 -21.34 30.68
CA SER A 186 37.97 -22.45 30.75
C SER A 186 37.22 -23.77 30.86
N GLY A 187 37.64 -24.75 30.06
CA GLY A 187 37.02 -26.05 30.09
C GLY A 187 35.54 -26.04 29.75
N ALA A 188 35.17 -25.31 28.70
CA ALA A 188 33.76 -25.15 28.36
C ALA A 188 33.11 -26.47 27.99
N HIS A 189 33.81 -27.33 27.25
CA HIS A 189 33.22 -28.53 26.67
C HIS A 189 34.01 -29.76 27.07
N ASN A 190 34.32 -29.90 28.35
CA ASN A 190 34.96 -31.09 28.85
C ASN A 190 33.97 -32.26 28.88
N THR A 191 34.52 -33.47 28.86
CA THR A 191 33.70 -34.68 28.87
C THR A 191 33.00 -34.87 30.21
N GLN A 216 41.74 -32.88 23.89
CA GLN A 216 40.86 -33.50 22.89
C GLN A 216 39.41 -33.07 23.11
N GLN A 217 39.19 -32.20 24.09
CA GLN A 217 37.87 -31.64 24.38
C GLN A 217 37.64 -30.37 23.59
N SER A 218 37.85 -30.44 22.29
CA SER A 218 37.85 -29.27 21.44
C SER A 218 36.46 -28.66 21.33
N VAL A 219 36.42 -27.33 21.27
CA VAL A 219 35.18 -26.61 20.99
C VAL A 219 35.09 -26.47 19.48
N THR A 220 34.19 -27.25 18.87
CA THR A 220 34.17 -27.36 17.41
C THR A 220 33.75 -26.05 16.76
N VAL A 221 32.70 -25.42 17.27
CA VAL A 221 32.16 -24.21 16.65
C VAL A 221 31.62 -23.30 17.74
N VAL A 222 31.94 -22.01 17.66
CA VAL A 222 31.35 -20.99 18.52
C VAL A 222 30.44 -20.12 17.67
N LEU A 223 29.40 -19.57 18.25
CA LEU A 223 28.42 -18.81 17.49
C LEU A 223 27.85 -17.72 18.41
N PHE A 224 27.32 -16.66 17.80
CA PHE A 224 26.81 -15.50 18.53
C PHE A 224 25.35 -15.32 18.16
N GLN A 225 24.43 -15.63 19.08
CA GLN A 225 23.02 -15.39 18.82
C GLN A 225 22.67 -13.92 18.90
N ASP A 226 23.19 -13.23 19.91
CA ASP A 226 22.84 -11.84 20.16
C ASP A 226 24.11 -11.10 20.54
N GLU A 227 23.94 -9.86 21.00
CA GLU A 227 25.09 -9.07 21.46
C GLU A 227 25.73 -9.70 22.69
N ASN A 228 24.97 -10.45 23.47
CA ASN A 228 25.44 -11.02 24.72
C ASN A 228 25.38 -12.54 24.76
N THR A 229 24.33 -13.14 24.21
CA THR A 229 24.18 -14.59 24.25
C THR A 229 25.12 -15.25 23.25
N LEU A 230 25.86 -16.26 23.72
CA LEU A 230 26.79 -17.01 22.90
C LEU A 230 26.44 -18.48 22.94
N VAL A 231 26.52 -19.15 21.79
CA VAL A 231 26.18 -20.56 21.65
C VAL A 231 27.42 -21.31 21.22
N SER A 232 27.68 -22.45 21.86
CA SER A 232 28.87 -23.24 21.62
C SER A 232 28.50 -24.71 21.43
N ALA A 233 29.41 -25.45 20.80
CA ALA A 233 29.24 -26.88 20.58
C ALA A 233 30.57 -27.58 20.78
N GLY A 234 30.50 -28.83 21.23
CA GLY A 234 31.68 -29.60 21.57
C GLY A 234 31.88 -30.78 20.64
N ALA A 235 33.14 -31.22 20.54
CA ALA A 235 33.49 -32.33 19.66
C ALA A 235 33.37 -33.68 20.33
N VAL A 236 33.29 -33.73 21.66
CA VAL A 236 33.27 -34.98 22.41
C VAL A 236 32.03 -35.09 23.29
N ASP A 237 31.69 -34.03 24.02
CA ASP A 237 30.56 -34.10 24.94
C ASP A 237 29.23 -34.22 24.18
N GLY A 238 29.06 -33.45 23.11
CA GLY A 238 27.84 -33.53 22.33
C GLY A 238 26.64 -32.82 22.92
N ILE A 239 26.85 -31.83 23.79
CA ILE A 239 25.76 -31.00 24.32
C ILE A 239 26.00 -29.57 23.90
N ILE A 240 25.01 -28.97 23.23
CA ILE A 240 25.06 -27.56 22.89
C ILE A 240 24.82 -26.74 24.16
N LYS A 241 25.62 -25.70 24.35
CA LYS A 241 25.52 -24.86 25.53
C LYS A 241 25.39 -23.40 25.11
N VAL A 242 24.61 -22.65 25.89
CA VAL A 242 24.37 -21.24 25.64
C VAL A 242 24.92 -20.45 26.83
N TRP A 243 25.84 -19.54 26.55
CA TRP A 243 26.46 -18.73 27.59
C TRP A 243 26.10 -17.26 27.39
N ASP A 244 25.88 -16.55 28.49
CA ASP A 244 25.71 -15.11 28.48
C ASP A 244 27.02 -14.44 28.88
N LEU A 245 27.41 -13.41 28.13
CA LEU A 245 28.72 -12.79 28.31
C LEU A 245 28.72 -11.66 29.34
N ARG A 246 27.57 -11.35 29.94
CA ARG A 246 27.54 -10.30 30.97
C ARG A 246 28.39 -10.71 32.17
N LYS A 247 28.27 -11.96 32.62
CA LYS A 247 29.07 -12.43 33.74
C LYS A 247 30.48 -12.76 33.28
N ASN A 248 31.39 -12.79 34.24
CA ASN A 248 32.81 -13.03 33.98
C ASN A 248 33.14 -14.47 34.36
N TYR A 249 33.58 -15.27 33.38
CA TYR A 249 33.92 -16.67 33.59
C TYR A 249 35.39 -16.89 33.87
N THR A 250 36.22 -15.84 33.81
CA THR A 250 37.64 -16.01 34.07
C THR A 250 37.91 -16.42 35.51
N ALA A 251 37.12 -15.91 36.45
CA ALA A 251 37.29 -16.18 37.87
C ALA A 251 36.24 -17.14 38.41
N TYR A 252 35.85 -18.15 37.62
CA TYR A 252 34.76 -19.03 38.04
C TYR A 252 35.23 -20.10 39.02
N ARG A 253 36.50 -20.51 38.97
CA ARG A 253 37.10 -21.49 39.87
C ARG A 253 36.46 -22.87 39.80
N GLN A 254 35.54 -23.11 38.86
CA GLN A 254 35.02 -24.45 38.62
C GLN A 254 34.53 -24.51 37.18
N GLU A 255 33.91 -25.62 36.81
CA GLU A 255 33.36 -25.76 35.47
C GLU A 255 32.17 -24.83 35.30
N PRO A 256 32.18 -23.94 34.30
CA PRO A 256 31.08 -22.99 34.15
C PRO A 256 29.78 -23.69 33.78
N ILE A 257 28.67 -23.09 34.22
CA ILE A 257 27.34 -23.61 33.98
C ILE A 257 26.66 -22.70 32.97
N ALA A 258 26.23 -23.27 31.85
CA ALA A 258 25.59 -22.51 30.79
C ALA A 258 24.18 -22.10 31.19
N SER A 259 23.73 -20.97 30.62
CA SER A 259 22.37 -20.52 30.87
C SER A 259 21.34 -21.52 30.35
N LYS A 260 21.57 -22.04 29.15
CA LYS A 260 20.72 -23.08 28.56
C LYS A 260 21.61 -24.16 27.98
N SER A 261 21.09 -25.39 27.97
CA SER A 261 21.85 -26.54 27.48
C SER A 261 20.89 -27.46 26.74
N PHE A 262 21.07 -27.57 25.43
CA PHE A 262 20.28 -28.48 24.61
C PHE A 262 20.97 -29.84 24.62
N LEU A 263 20.38 -30.80 25.33
CA LEU A 263 20.99 -32.10 25.49
C LEU A 263 21.00 -32.86 24.16
N TYR A 264 21.84 -33.90 24.11
CA TYR A 264 21.98 -34.69 22.90
C TYR A 264 20.73 -35.53 22.69
N PRO A 265 19.99 -35.34 21.60
CA PRO A 265 18.71 -36.05 21.40
C PRO A 265 18.77 -37.32 20.57
N GLY A 266 19.94 -37.71 20.06
CA GLY A 266 20.04 -38.88 19.22
C GLY A 266 19.99 -40.18 19.99
N SER A 267 20.19 -41.27 19.26
CA SER A 267 20.11 -42.62 19.81
C SER A 267 21.45 -43.33 19.90
N SER A 268 22.44 -42.93 19.11
CA SER A 268 23.73 -43.60 19.14
C SER A 268 24.41 -43.41 20.49
N THR A 269 25.00 -44.49 21.00
CA THR A 269 25.64 -44.48 22.31
C THR A 269 27.09 -43.99 22.25
N ARG A 270 27.66 -43.85 21.06
CA ARG A 270 29.04 -43.41 20.95
C ARG A 270 29.18 -41.94 21.34
N LYS A 271 30.39 -41.58 21.77
CA LYS A 271 30.67 -40.18 22.13
C LYS A 271 30.68 -39.34 20.86
N LEU A 272 29.63 -38.57 20.66
CA LEU A 272 29.44 -37.79 19.44
C LEU A 272 29.85 -36.35 19.64
N GLY A 273 29.95 -35.62 18.53
CA GLY A 273 30.30 -34.21 18.57
C GLY A 273 29.74 -33.44 17.39
N TYR A 274 29.20 -32.26 17.65
CA TYR A 274 28.66 -31.43 16.59
C TYR A 274 29.78 -30.78 15.79
N SER A 275 29.47 -30.40 14.55
CA SER A 275 30.45 -29.84 13.65
C SER A 275 30.09 -28.46 13.10
N SER A 276 28.85 -28.02 13.24
CA SER A 276 28.46 -26.71 12.72
C SER A 276 27.22 -26.23 13.44
N LEU A 277 27.16 -24.91 13.64
CA LEU A 277 26.01 -24.26 14.25
C LEU A 277 25.55 -23.12 13.36
N ILE A 278 24.24 -23.00 13.17
CA ILE A 278 23.65 -22.03 12.26
C ILE A 278 22.31 -21.57 12.82
N LEU A 279 22.06 -20.27 12.76
CA LEU A 279 20.78 -19.69 13.14
C LEU A 279 20.11 -19.05 11.92
N ASP A 280 18.82 -18.82 12.04
CA ASP A 280 18.09 -18.10 11.01
C ASP A 280 18.30 -16.58 11.17
N SER A 281 17.63 -15.82 10.32
CA SER A 281 17.78 -14.36 10.37
C SER A 281 17.27 -13.80 11.69
N THR A 282 16.14 -14.31 12.19
CA THR A 282 15.57 -13.84 13.44
C THR A 282 16.31 -14.36 14.67
N GLY A 283 17.18 -15.36 14.51
CA GLY A 283 17.95 -15.87 15.62
C GLY A 283 17.20 -16.81 16.54
N SER A 284 16.00 -17.23 16.17
CA SER A 284 15.21 -18.11 17.05
C SER A 284 15.67 -19.56 16.93
N THR A 285 15.54 -20.14 15.74
CA THR A 285 15.87 -21.54 15.53
C THR A 285 17.38 -21.72 15.37
N LEU A 286 17.85 -22.92 15.70
CA LEU A 286 19.26 -23.27 15.58
C LEU A 286 19.37 -24.60 14.85
N PHE A 287 20.29 -24.67 13.89
CA PHE A 287 20.58 -25.88 13.15
C PHE A 287 21.99 -26.34 13.48
N ALA A 288 22.13 -27.60 13.88
CA ALA A 288 23.41 -28.10 14.39
C ALA A 288 23.68 -29.47 13.78
N ASN A 289 24.62 -29.52 12.84
CA ASN A 289 25.06 -30.80 12.30
C ASN A 289 25.75 -31.61 13.39
N CYS A 290 25.54 -32.91 13.39
CA CYS A 290 26.11 -33.79 14.39
C CYS A 290 26.82 -34.95 13.71
N THR A 291 27.56 -35.73 14.50
CA THR A 291 28.31 -36.85 13.95
C THR A 291 27.42 -38.01 13.54
N ASP A 292 26.17 -38.05 14.00
CA ASP A 292 25.24 -39.10 13.63
C ASP A 292 24.55 -38.84 12.29
N ASP A 293 25.13 -37.96 11.47
CA ASP A 293 24.59 -37.63 10.15
C ASP A 293 23.18 -37.07 10.23
N ASN A 294 22.91 -36.32 11.29
CA ASN A 294 21.62 -35.67 11.50
C ASN A 294 21.84 -34.19 11.76
N ILE A 295 20.90 -33.37 11.30
CA ILE A 295 20.94 -31.94 11.56
C ILE A 295 19.75 -31.59 12.44
N TYR A 296 19.95 -31.59 13.76
CA TYR A 296 18.87 -31.29 14.67
C TYR A 296 18.55 -29.80 14.66
N MET A 297 17.26 -29.48 14.58
CA MET A 297 16.78 -28.11 14.50
C MET A 297 16.14 -27.77 15.86
N PHE A 298 16.92 -27.15 16.73
CA PHE A 298 16.42 -26.76 18.03
C PHE A 298 15.75 -25.39 17.97
N ASN A 299 15.06 -25.04 19.05
CA ASN A 299 14.44 -23.73 19.21
C ASN A 299 14.97 -23.10 20.49
N MET A 300 15.43 -21.85 20.38
CA MET A 300 16.06 -21.17 21.50
C MET A 300 15.22 -20.02 22.05
N THR A 301 13.94 -19.97 21.72
CA THR A 301 13.04 -18.94 22.23
C THR A 301 11.82 -19.57 22.89
N GLY A 302 12.04 -20.64 23.63
CA GLY A 302 10.96 -21.35 24.29
C GLY A 302 11.50 -22.42 25.21
N LEU A 303 10.57 -23.09 25.89
CA LEU A 303 10.92 -24.14 26.84
C LEU A 303 11.12 -25.50 26.20
N LYS A 304 10.94 -25.62 24.89
CA LYS A 304 11.06 -26.90 24.19
C LYS A 304 12.53 -27.13 23.84
N THR A 305 13.25 -27.77 24.77
CA THR A 305 14.64 -28.10 24.51
C THR A 305 14.78 -29.18 23.45
N SER A 306 13.80 -30.07 23.35
CA SER A 306 13.86 -31.15 22.37
C SER A 306 13.85 -30.58 20.95
N PRO A 307 14.52 -31.26 20.01
CA PRO A 307 14.60 -30.74 18.64
C PRO A 307 13.24 -30.70 17.97
N VAL A 308 13.09 -29.76 17.04
CA VAL A 308 11.84 -29.60 16.30
C VAL A 308 11.82 -30.48 15.05
N ALA A 309 12.90 -30.48 14.29
CA ALA A 309 12.97 -31.26 13.05
C ALA A 309 14.31 -31.99 13.00
N ILE A 310 14.32 -33.11 12.30
CA ILE A 310 15.50 -33.96 12.16
C ILE A 310 15.79 -34.08 10.67
N PHE A 311 16.80 -33.36 10.20
CA PHE A 311 17.23 -33.46 8.82
C PHE A 311 18.31 -34.53 8.69
N ASN A 312 18.13 -35.43 7.74
CA ASN A 312 19.08 -36.52 7.55
C ASN A 312 19.06 -36.97 6.09
N GLY A 313 20.08 -37.73 5.72
CA GLY A 313 20.21 -38.21 4.35
C GLY A 313 21.61 -38.01 3.81
N HIS A 314 22.50 -37.49 4.63
CA HIS A 314 23.88 -37.20 4.24
C HIS A 314 24.84 -38.02 5.11
N GLN A 315 26.13 -37.72 4.99
CA GLN A 315 27.18 -38.43 5.73
C GLN A 315 28.08 -37.38 6.38
N ASN A 316 27.81 -37.08 7.64
CA ASN A 316 28.60 -36.11 8.41
C ASN A 316 29.70 -36.82 9.20
N SER A 317 30.57 -37.52 8.46
CA SER A 317 31.60 -38.32 9.10
C SER A 317 32.73 -37.45 9.65
N THR A 318 33.02 -36.31 9.02
CA THR A 318 34.15 -35.49 9.38
C THR A 318 33.68 -34.18 10.01
N PHE A 319 34.47 -33.67 10.95
CA PHE A 319 34.12 -32.43 11.65
C PHE A 319 34.20 -31.21 10.75
N TYR A 320 34.84 -31.32 9.58
CA TYR A 320 34.99 -30.17 8.69
C TYR A 320 33.69 -29.83 7.98
N VAL A 321 32.70 -30.72 8.00
CA VAL A 321 31.45 -30.48 7.27
C VAL A 321 30.66 -29.40 7.99
N LYS A 322 30.28 -28.35 7.27
CA LYS A 322 29.49 -27.26 7.80
C LYS A 322 28.27 -27.04 6.92
N SER A 323 27.39 -26.15 7.36
CA SER A 323 26.14 -25.88 6.65
C SER A 323 25.87 -24.39 6.67
N SER A 324 24.82 -23.98 5.95
CA SER A 324 24.38 -22.60 5.94
C SER A 324 22.92 -22.55 5.54
N LEU A 325 22.26 -21.45 5.88
CA LEU A 325 20.85 -21.28 5.60
C LEU A 325 20.62 -20.35 4.42
N SER A 326 19.45 -20.48 3.82
CA SER A 326 19.04 -19.59 2.74
C SER A 326 18.79 -18.19 3.31
N PRO A 327 18.91 -17.15 2.48
CA PRO A 327 18.66 -15.80 2.98
C PRO A 327 17.26 -15.58 3.52
N ASP A 328 16.28 -16.31 3.01
CA ASP A 328 14.89 -16.18 3.47
C ASP A 328 14.56 -17.16 4.59
N ASP A 329 15.55 -17.89 5.10
CA ASP A 329 15.34 -18.88 6.16
C ASP A 329 14.31 -19.93 5.74
N GLN A 330 14.38 -20.36 4.48
CA GLN A 330 13.45 -21.34 3.95
C GLN A 330 14.10 -22.66 3.57
N PHE A 331 15.39 -22.66 3.25
CA PHE A 331 16.09 -23.89 2.87
C PHE A 331 17.41 -23.96 3.62
N LEU A 332 17.79 -25.18 3.98
CA LEU A 332 19.05 -25.45 4.68
C LEU A 332 19.94 -26.27 3.76
N VAL A 333 21.13 -25.77 3.47
CA VAL A 333 22.10 -26.46 2.64
C VAL A 333 23.28 -26.87 3.53
N SER A 334 23.70 -28.12 3.38
CA SER A 334 24.79 -28.66 4.19
C SER A 334 25.72 -29.47 3.30
N GLY A 335 26.99 -29.53 3.71
CA GLY A 335 27.95 -30.38 3.06
C GLY A 335 27.77 -31.83 3.47
N SER A 336 28.57 -32.70 2.86
CA SER A 336 28.53 -34.12 3.17
C SER A 336 29.86 -34.74 2.75
N SER A 337 30.10 -35.95 3.26
CA SER A 337 31.27 -36.71 2.85
C SER A 337 31.00 -37.63 1.66
N ASP A 338 29.77 -37.62 1.13
CA ASP A 338 29.44 -38.36 -0.08
C ASP A 338 29.56 -37.51 -1.33
N GLU A 339 30.45 -36.52 -1.32
CA GLU A 339 30.73 -35.66 -2.47
C GLU A 339 29.44 -35.04 -3.04
N ALA A 340 28.69 -34.37 -2.17
CA ALA A 340 27.44 -33.77 -2.60
C ALA A 340 26.95 -32.80 -1.54
N ALA A 341 26.26 -31.75 -1.98
CA ALA A 341 25.61 -30.81 -1.08
C ALA A 341 24.11 -31.05 -1.10
N TYR A 342 23.50 -31.05 0.09
CA TYR A 342 22.09 -31.40 0.26
C TYR A 342 21.31 -30.18 0.72
N ILE A 343 20.17 -29.95 0.07
CA ILE A 343 19.32 -28.80 0.38
C ILE A 343 17.95 -29.34 0.76
N TRP A 344 17.60 -29.26 2.05
CA TRP A 344 16.27 -29.60 2.51
C TRP A 344 15.41 -28.36 2.65
N LYS A 345 14.10 -28.54 2.48
CA LYS A 345 13.17 -27.48 2.79
C LYS A 345 12.99 -27.39 4.31
N VAL A 346 13.07 -26.17 4.85
CA VAL A 346 13.06 -26.00 6.29
C VAL A 346 11.71 -26.34 6.91
N SER A 347 10.63 -26.34 6.12
CA SER A 347 9.30 -26.62 6.66
C SER A 347 8.88 -28.06 6.47
N THR A 348 9.48 -28.79 5.54
CA THR A 348 9.11 -30.16 5.23
C THR A 348 10.37 -31.03 5.24
N PRO A 349 10.85 -31.41 6.42
CA PRO A 349 12.03 -32.27 6.49
C PRO A 349 11.82 -33.64 5.87
N TRP A 350 10.57 -34.11 5.77
CA TRP A 350 10.32 -35.46 5.27
C TRP A 350 10.57 -35.56 3.77
N GLN A 351 10.48 -34.45 3.04
CA GLN A 351 10.69 -34.49 1.61
C GLN A 351 12.15 -34.83 1.29
N PRO A 352 12.41 -35.56 0.21
CA PRO A 352 13.78 -35.89 -0.16
C PRO A 352 14.57 -34.63 -0.47
N PRO A 353 15.86 -34.59 -0.11
CA PRO A 353 16.66 -33.40 -0.35
C PRO A 353 17.05 -33.24 -1.82
N THR A 354 17.39 -32.00 -2.16
CA THR A 354 17.97 -31.72 -3.47
C THR A 354 19.48 -31.86 -3.39
N VAL A 355 20.05 -32.71 -4.23
CA VAL A 355 21.46 -33.09 -4.14
C VAL A 355 22.23 -32.38 -5.24
N LEU A 356 23.31 -31.70 -4.86
CA LEU A 356 24.13 -30.92 -5.79
C LEU A 356 25.37 -31.73 -6.15
N LEU A 357 25.20 -32.70 -7.05
CA LEU A 357 26.32 -33.51 -7.50
C LEU A 357 27.29 -32.70 -8.33
N GLY A 358 28.50 -33.22 -8.47
CA GLY A 358 29.52 -32.56 -9.26
C GLY A 358 30.92 -32.65 -8.70
N HIS A 359 31.04 -32.90 -7.40
CA HIS A 359 32.33 -33.02 -6.74
C HIS A 359 32.73 -34.48 -6.64
N SER A 360 34.05 -34.72 -6.67
CA SER A 360 34.59 -36.07 -6.49
C SER A 360 35.10 -36.32 -5.08
N GLN A 361 35.30 -35.28 -4.29
CA GLN A 361 35.70 -35.39 -2.89
C GLN A 361 34.62 -34.77 -2.01
N GLU A 362 34.82 -34.85 -0.70
CA GLU A 362 33.82 -34.37 0.25
C GLU A 362 33.63 -32.86 0.13
N VAL A 363 32.44 -32.40 0.53
CA VAL A 363 32.07 -31.00 0.43
C VAL A 363 31.93 -30.45 1.84
N THR A 364 32.65 -29.37 2.13
CA THR A 364 32.72 -28.80 3.47
C THR A 364 32.55 -27.29 3.43
N SER A 365 31.95 -26.76 4.51
CA SER A 365 31.76 -25.32 4.71
C SER A 365 30.99 -24.67 3.55
N VAL A 366 29.81 -25.22 3.28
CA VAL A 366 28.92 -24.64 2.28
C VAL A 366 28.37 -23.31 2.82
N CYS A 367 28.34 -22.29 1.95
CA CYS A 367 27.90 -20.96 2.36
C CYS A 367 26.88 -20.44 1.34
N TRP A 368 25.61 -20.50 1.70
CA TRP A 368 24.59 -19.84 0.90
C TRP A 368 24.74 -18.33 1.03
N CYS A 369 24.62 -17.63 -0.10
CA CYS A 369 24.85 -16.18 -0.11
C CYS A 369 23.72 -15.47 0.62
N PRO A 370 24.02 -14.71 1.69
CA PRO A 370 22.94 -14.03 2.41
C PRO A 370 22.35 -12.85 1.64
N SER A 371 23.13 -12.23 0.76
CA SER A 371 22.67 -11.07 0.00
C SER A 371 22.11 -11.43 -1.37
N ASP A 372 22.02 -12.71 -1.70
CA ASP A 372 21.49 -13.13 -3.00
C ASP A 372 21.01 -14.55 -2.88
N PHE A 373 19.70 -14.77 -3.08
CA PHE A 373 19.14 -16.11 -3.02
C PHE A 373 19.70 -17.03 -4.10
N THR A 374 20.15 -16.47 -5.22
CA THR A 374 20.57 -17.28 -6.34
C THR A 374 21.92 -17.94 -6.08
N LYS A 375 22.88 -17.21 -5.50
CA LYS A 375 24.23 -17.71 -5.36
C LYS A 375 24.33 -18.68 -4.18
N ILE A 376 24.93 -19.84 -4.43
CA ILE A 376 25.27 -20.81 -3.40
C ILE A 376 26.71 -21.23 -3.64
N ALA A 377 27.61 -20.81 -2.76
CA ALA A 377 29.01 -21.18 -2.88
C ALA A 377 29.25 -22.53 -2.20
N THR A 378 29.34 -23.59 -3.00
CA THR A 378 29.55 -24.94 -2.49
C THR A 378 31.07 -25.11 -2.37
N CYS A 379 31.53 -25.04 -1.13
CA CYS A 379 32.96 -25.01 -0.84
C CYS A 379 33.38 -26.45 -0.62
N SER A 380 34.57 -26.83 -1.10
CA SER A 380 34.83 -28.25 -1.25
C SER A 380 36.26 -28.63 -0.89
N ASP A 381 36.44 -29.93 -0.63
CA ASP A 381 37.74 -30.56 -0.43
C ASP A 381 38.41 -30.92 -1.75
N ASP A 382 37.68 -30.88 -2.86
CA ASP A 382 38.15 -31.25 -4.18
C ASP A 382 39.12 -30.26 -4.77
N ASN A 383 39.63 -29.32 -3.97
CA ASN A 383 40.48 -28.23 -4.45
C ASN A 383 39.77 -27.38 -5.49
N THR A 384 38.44 -27.28 -5.38
CA THR A 384 37.63 -26.54 -6.33
C THR A 384 36.52 -25.82 -5.58
N LEU A 385 36.60 -24.50 -5.52
CA LEU A 385 35.55 -23.69 -4.90
C LEU A 385 34.53 -23.35 -5.98
N LYS A 386 33.40 -24.05 -5.97
CA LYS A 386 32.36 -23.88 -6.99
C LYS A 386 31.31 -22.90 -6.48
N ILE A 387 30.86 -22.02 -7.37
CA ILE A 387 29.80 -21.06 -7.08
C ILE A 387 28.59 -21.48 -7.90
N TRP A 388 27.53 -21.91 -7.21
CA TRP A 388 26.33 -22.38 -7.89
C TRP A 388 25.32 -21.25 -8.04
N ARG A 389 24.74 -21.15 -9.22
CA ARG A 389 23.76 -20.10 -9.51
C ARG A 389 22.53 -20.73 -10.16
N LEU A 390 21.39 -20.06 -9.97
CA LEU A 390 20.15 -20.54 -10.55
C LEU A 390 20.16 -20.38 -12.07
N ASN A 391 19.63 -21.38 -12.77
CA ASN A 391 19.52 -21.36 -14.22
C ASN A 391 18.06 -21.69 -14.56
N ARG A 392 17.22 -20.66 -14.58
CA ARG A 392 15.81 -20.87 -14.90
C ARG A 392 15.62 -21.11 -16.39
N GLY A 393 16.51 -20.57 -17.22
CA GLY A 393 16.46 -20.84 -18.64
C GLY A 393 17.07 -22.18 -19.00
N LEU A 394 16.45 -23.26 -18.52
CA LEU A 394 16.95 -24.60 -18.82
C LEU A 394 16.88 -24.90 -20.31
N GLU A 395 15.77 -24.52 -20.95
CA GLU A 395 15.65 -24.70 -22.39
C GLU A 395 16.67 -23.84 -23.13
N GLU A 396 16.72 -22.55 -22.81
CA GLU A 396 17.71 -21.59 -23.34
C GLU A 396 17.67 -21.66 -24.87
N LYS A 397 18.81 -21.71 -25.55
CA LYS A 397 18.86 -21.87 -26.99
C LYS A 397 20.05 -22.75 -27.37
N PRO A 398 21.26 -22.51 -26.85
CA PRO A 398 22.33 -23.50 -27.01
C PRO A 398 22.38 -24.45 -25.82
N GLY A 399 23.17 -25.51 -25.97
CA GLY A 399 23.33 -26.47 -24.90
C GLY A 399 24.74 -26.53 -24.35
N GLY A 400 25.73 -26.30 -25.21
CA GLY A 400 27.11 -26.30 -24.78
C GLY A 400 27.60 -27.62 -24.22
N ASP A 401 26.88 -28.71 -24.46
CA ASP A 401 27.21 -30.03 -23.93
C ASP A 401 27.36 -29.98 -22.41
N LYS A 402 28.15 -30.89 -21.85
CA LYS A 402 28.42 -30.92 -20.43
C LYS A 402 29.69 -30.17 -20.05
N LEU A 403 30.40 -29.59 -21.03
CA LEU A 403 31.60 -28.83 -20.71
C LEU A 403 31.27 -27.52 -20.01
N SER A 404 30.18 -26.85 -20.43
CA SER A 404 29.84 -25.55 -19.87
C SER A 404 29.42 -25.66 -18.41
N THR A 405 28.56 -26.62 -18.10
CA THR A 405 28.05 -26.80 -16.75
C THR A 405 28.79 -27.96 -16.08
N VAL A 406 29.38 -27.71 -14.92
CA VAL A 406 30.14 -28.72 -14.20
C VAL A 406 29.37 -29.30 -13.02
N GLY A 407 28.26 -28.66 -12.61
CA GLY A 407 27.47 -29.17 -11.51
C GLY A 407 25.99 -29.19 -11.83
N TRP A 408 25.33 -30.31 -11.57
CA TRP A 408 23.91 -30.49 -11.87
C TRP A 408 23.16 -30.84 -10.59
N ALA A 409 22.09 -30.11 -10.31
CA ALA A 409 21.26 -30.40 -9.15
C ALA A 409 20.19 -31.42 -9.49
N SER A 410 20.01 -32.38 -8.61
CA SER A 410 19.05 -33.46 -8.83
C SER A 410 18.42 -33.86 -7.51
N GLN A 411 17.10 -34.07 -7.53
CA GLN A 411 16.40 -34.51 -6.33
C GLN A 411 16.80 -35.95 -6.00
N LYS A 412 17.10 -36.19 -4.72
CA LYS A 412 17.48 -37.53 -4.28
C LYS A 412 16.29 -38.47 -4.36
N LYS A 413 16.53 -39.68 -4.86
CA LYS A 413 15.49 -40.69 -4.96
C LYS A 413 15.95 -42.01 -4.34
N SER B 2 18.12 11.39 -6.92
CA SER B 2 16.67 11.33 -7.10
C SER B 2 15.93 11.87 -5.88
N TYR B 3 15.05 12.85 -6.12
CA TYR B 3 14.26 13.47 -5.06
C TYR B 3 12.80 13.43 -5.50
N ASN B 4 11.95 12.80 -4.68
CA ASN B 4 10.56 12.58 -5.02
C ASN B 4 9.65 13.18 -3.96
N TYR B 5 8.34 13.09 -4.20
CA TYR B 5 7.33 13.70 -3.34
C TYR B 5 6.12 12.77 -3.34
N VAL B 6 5.98 11.99 -2.27
CA VAL B 6 4.89 11.02 -2.17
C VAL B 6 3.75 11.65 -1.38
N VAL B 7 2.59 11.77 -2.03
CA VAL B 7 1.39 12.31 -1.40
C VAL B 7 0.24 11.35 -1.68
N THR B 8 -0.79 11.44 -0.84
CA THR B 8 -1.92 10.52 -0.89
C THR B 8 -3.11 11.22 -1.52
N ALA B 9 -3.48 10.81 -2.73
CA ALA B 9 -4.64 11.39 -3.38
C ALA B 9 -5.94 10.93 -2.73
N GLN B 10 -5.97 9.68 -2.25
CA GLN B 10 -7.17 9.14 -1.60
C GLN B 10 -6.72 8.27 -0.44
N LYS B 11 -7.23 8.56 0.75
CA LYS B 11 -6.85 7.81 1.94
C LYS B 11 -7.32 6.36 1.84
N PRO B 12 -6.63 5.43 2.48
CA PRO B 12 -7.04 4.02 2.41
C PRO B 12 -8.44 3.82 2.96
N THR B 13 -9.17 2.89 2.34
CA THR B 13 -10.56 2.63 2.70
C THR B 13 -10.83 1.21 3.14
N ALA B 14 -9.90 0.27 2.90
CA ALA B 14 -10.09 -1.09 3.38
C ALA B 14 -10.03 -1.14 4.90
N VAL B 15 -10.92 -1.95 5.48
CA VAL B 15 -11.07 -2.01 6.93
C VAL B 15 -10.24 -3.17 7.47
N ASN B 16 -9.36 -2.87 8.42
CA ASN B 16 -8.51 -3.88 9.03
C ASN B 16 -9.16 -4.50 10.27
N GLY B 17 -9.65 -3.65 11.17
CA GLY B 17 -10.28 -4.13 12.39
C GLY B 17 -11.34 -3.16 12.86
N CYS B 18 -12.16 -3.62 13.81
CA CYS B 18 -13.25 -2.83 14.33
C CYS B 18 -13.43 -3.13 15.81
N VAL B 19 -13.98 -2.16 16.54
CA VAL B 19 -14.24 -2.31 17.97
C VAL B 19 -15.31 -1.29 18.34
N THR B 20 -16.08 -1.61 19.38
CA THR B 20 -17.13 -0.73 19.86
C THR B 20 -17.02 -0.57 21.36
N GLY B 21 -17.53 0.56 21.86
CA GLY B 21 -17.48 0.84 23.28
C GLY B 21 -17.83 2.29 23.54
N HIS B 22 -17.55 2.72 24.76
CA HIS B 22 -17.79 4.09 25.17
C HIS B 22 -16.45 4.82 25.19
N PHE B 23 -16.05 5.34 24.03
CA PHE B 23 -14.77 6.03 23.89
C PHE B 23 -14.92 7.54 24.05
N THR B 24 -15.80 8.16 23.25
CA THR B 24 -15.98 9.61 23.33
C THR B 24 -16.51 10.03 24.69
N SER B 25 -17.49 9.29 25.22
CA SER B 25 -18.01 9.55 26.55
C SER B 25 -18.67 8.29 27.07
N ALA B 26 -18.94 8.27 28.37
CA ALA B 26 -19.47 7.08 29.02
C ALA B 26 -20.90 6.74 28.61
N GLU B 27 -21.60 7.65 27.94
CA GLU B 27 -22.99 7.41 27.58
C GLU B 27 -23.21 7.06 26.11
N ASP B 28 -22.50 7.72 25.20
CA ASP B 28 -22.73 7.56 23.77
C ASP B 28 -21.90 6.40 23.24
N LEU B 29 -22.56 5.48 22.54
CA LEU B 29 -21.86 4.36 21.93
C LEU B 29 -20.94 4.83 20.82
N ASN B 30 -19.85 4.12 20.62
CA ASN B 30 -18.85 4.46 19.61
C ASN B 30 -18.55 3.26 18.74
N LEU B 31 -18.06 3.54 17.54
CA LEU B 31 -17.59 2.50 16.62
C LEU B 31 -16.27 2.97 16.05
N LEU B 32 -15.20 2.25 16.35
CA LEU B 32 -13.87 2.61 15.90
C LEU B 32 -13.45 1.71 14.75
N ILE B 33 -13.06 2.32 13.63
CA ILE B 33 -12.64 1.62 12.44
C ILE B 33 -11.21 2.02 12.11
N ALA B 34 -10.35 1.04 11.88
CA ALA B 34 -8.93 1.26 11.61
C ALA B 34 -8.66 0.91 10.16
N LYS B 35 -8.80 1.90 9.28
CA LYS B 35 -8.53 1.72 7.85
C LYS B 35 -7.04 1.89 7.61
N ASN B 36 -6.28 0.86 7.97
CA ASN B 36 -4.82 0.81 7.85
C ASN B 36 -4.24 1.94 8.69
N THR B 37 -3.54 2.92 8.11
CA THR B 37 -2.88 3.94 8.92
C THR B 37 -3.87 4.89 9.59
N ARG B 38 -5.13 4.87 9.19
CA ARG B 38 -6.11 5.82 9.70
C ARG B 38 -7.00 5.18 10.75
N LEU B 39 -7.47 6.01 11.67
CA LEU B 39 -8.42 5.62 12.71
C LEU B 39 -9.63 6.52 12.64
N GLU B 40 -10.82 5.91 12.64
CA GLU B 40 -12.07 6.64 12.50
C GLU B 40 -12.95 6.37 13.72
N ILE B 41 -13.28 7.42 14.45
CA ILE B 41 -14.14 7.31 15.62
C ILE B 41 -15.53 7.82 15.25
N TYR B 42 -16.55 7.01 15.49
CA TYR B 42 -17.93 7.35 15.18
C TYR B 42 -18.76 7.36 16.46
N VAL B 43 -19.98 7.88 16.33
CA VAL B 43 -20.98 7.82 17.40
C VAL B 43 -22.24 7.22 16.80
N VAL B 44 -22.72 6.14 17.39
CA VAL B 44 -23.86 5.39 16.84
C VAL B 44 -25.11 6.08 17.35
N THR B 45 -25.65 6.98 16.53
CA THR B 45 -26.91 7.63 16.84
C THR B 45 -28.08 6.75 16.41
N ALA B 46 -29.30 7.30 16.50
CA ALA B 46 -30.47 6.56 16.06
C ALA B 46 -30.50 6.40 14.55
N GLU B 47 -30.03 7.41 13.82
CA GLU B 47 -30.07 7.38 12.36
C GLU B 47 -28.88 6.67 11.74
N GLY B 48 -27.89 6.27 12.55
CA GLY B 48 -26.70 5.61 12.06
C GLY B 48 -25.46 6.27 12.59
N LEU B 49 -24.33 5.95 11.95
CA LEU B 49 -23.05 6.47 12.40
C LEU B 49 -22.95 7.97 12.14
N ARG B 50 -22.42 8.70 13.11
CA ARG B 50 -22.15 10.13 12.98
C ARG B 50 -20.66 10.36 13.16
N PRO B 51 -19.93 10.75 12.11
CA PRO B 51 -18.48 10.95 12.26
C PRO B 51 -18.18 12.02 13.29
N VAL B 52 -17.13 11.77 14.08
CA VAL B 52 -16.73 12.65 15.17
C VAL B 52 -15.28 13.11 15.02
N LYS B 53 -14.35 12.16 14.91
CA LYS B 53 -12.94 12.48 14.82
C LYS B 53 -12.22 11.38 14.06
N GLU B 54 -11.34 11.79 13.15
CA GLU B 54 -10.52 10.84 12.39
C GLU B 54 -9.07 11.31 12.50
N VAL B 55 -8.18 10.39 12.91
CA VAL B 55 -6.79 10.71 13.16
C VAL B 55 -5.91 9.74 12.39
N GLY B 56 -4.81 10.27 11.84
CA GLY B 56 -3.88 9.45 11.09
C GLY B 56 -2.75 8.93 11.95
N MET B 57 -2.84 7.66 12.35
CA MET B 57 -1.81 7.05 13.17
C MET B 57 -0.54 6.85 12.36
N TYR B 58 0.60 7.12 12.99
CA TYR B 58 1.91 6.96 12.35
C TYR B 58 2.33 5.49 12.32
N GLY B 59 1.52 4.68 11.65
CA GLY B 59 1.83 3.27 11.52
C GLY B 59 0.63 2.49 11.04
N LYS B 60 0.90 1.26 10.62
CA LYS B 60 -0.14 0.35 10.17
C LYS B 60 -0.83 -0.25 11.39
N ILE B 61 -2.04 0.20 11.68
CA ILE B 61 -2.75 -0.28 12.86
C ILE B 61 -3.05 -1.76 12.70
N ALA B 62 -2.52 -2.58 13.61
CA ALA B 62 -2.70 -4.03 13.55
C ALA B 62 -3.46 -4.60 14.73
N VAL B 63 -3.52 -3.90 15.87
CA VAL B 63 -4.27 -4.34 17.03
C VAL B 63 -5.09 -3.16 17.55
N MET B 64 -6.38 -3.37 17.75
CA MET B 64 -7.26 -2.33 18.27
C MET B 64 -8.15 -2.95 19.34
N GLU B 65 -8.00 -2.51 20.59
CA GLU B 65 -8.81 -3.01 21.68
C GLU B 65 -9.21 -1.84 22.57
N LEU B 66 -10.38 -1.96 23.19
CA LEU B 66 -10.88 -0.97 24.14
C LEU B 66 -10.99 -1.61 25.52
N PHE B 67 -10.48 -0.92 26.53
CA PHE B 67 -10.51 -1.41 27.89
C PHE B 67 -10.89 -0.28 28.83
N ARG B 68 -11.48 -0.65 29.97
CA ARG B 68 -11.94 0.30 30.97
C ARG B 68 -11.30 -0.05 32.30
N PRO B 69 -10.13 0.53 32.61
CA PRO B 69 -9.50 0.27 33.90
C PRO B 69 -10.33 0.82 35.05
N LYS B 70 -10.18 0.19 36.20
CA LYS B 70 -10.89 0.64 37.39
C LYS B 70 -10.47 2.07 37.75
N GLY B 71 -11.45 2.90 38.05
CA GLY B 71 -11.20 4.29 38.36
C GLY B 71 -11.25 5.23 37.17
N GLU B 72 -11.65 4.74 36.00
CA GLU B 72 -11.76 5.57 34.81
C GLU B 72 -13.21 5.63 34.35
N SER B 73 -13.58 6.78 33.78
CA SER B 73 -14.95 6.99 33.31
C SER B 73 -15.15 6.44 31.91
N LYS B 74 -14.35 6.90 30.95
CA LYS B 74 -14.44 6.45 29.57
C LYS B 74 -13.35 5.43 29.27
N ASP B 75 -13.62 4.58 28.30
CA ASP B 75 -12.69 3.50 27.96
C ASP B 75 -11.44 4.06 27.27
N LEU B 76 -10.31 3.42 27.53
CA LEU B 76 -9.06 3.73 26.85
C LEU B 76 -8.89 2.83 25.63
N LEU B 77 -8.10 3.31 24.68
CA LEU B 77 -7.85 2.60 23.43
C LEU B 77 -6.39 2.16 23.36
N PHE B 78 -6.18 0.89 23.02
CA PHE B 78 -4.85 0.32 22.86
C PHE B 78 -4.62 0.03 21.39
N ILE B 79 -3.55 0.59 20.83
CA ILE B 79 -3.22 0.43 19.41
C ILE B 79 -1.79 -0.04 19.30
N LEU B 80 -1.57 -1.13 18.55
CA LEU B 80 -0.24 -1.64 18.27
C LEU B 80 -0.04 -1.69 16.77
N THR B 81 0.94 -0.94 16.27
CA THR B 81 1.18 -0.87 14.84
C THR B 81 1.91 -2.11 14.35
N ALA B 82 2.03 -2.21 13.02
CA ALA B 82 2.73 -3.33 12.42
C ALA B 82 4.22 -3.33 12.73
N LYS B 83 4.79 -2.16 13.05
CA LYS B 83 6.18 -2.06 13.45
C LYS B 83 6.35 -2.09 14.96
N TYR B 84 5.33 -2.58 15.69
CA TYR B 84 5.40 -2.77 17.13
C TYR B 84 5.63 -1.45 17.87
N ASN B 85 4.69 -0.51 17.69
CA ASN B 85 4.67 0.73 18.45
C ASN B 85 3.38 0.75 19.26
N ALA B 86 3.42 0.12 20.44
CA ALA B 86 2.25 0.07 21.30
C ALA B 86 1.98 1.44 21.90
N CYS B 87 0.69 1.74 22.10
CA CYS B 87 0.29 3.01 22.65
C CYS B 87 -1.11 2.89 23.23
N ILE B 88 -1.38 3.70 24.25
CA ILE B 88 -2.67 3.75 24.91
C ILE B 88 -3.24 5.15 24.70
N LEU B 89 -4.43 5.22 24.11
CA LEU B 89 -5.04 6.47 23.69
C LEU B 89 -6.30 6.75 24.51
N GLU B 90 -6.45 8.00 24.94
CA GLU B 90 -7.64 8.43 25.68
C GLU B 90 -8.27 9.61 24.96
N TYR B 91 -9.55 9.49 24.62
CA TYR B 91 -10.27 10.59 24.02
C TYR B 91 -10.46 11.72 25.02
N LYS B 92 -10.29 12.96 24.56
CA LYS B 92 -10.38 14.11 25.45
C LYS B 92 -10.99 15.27 24.65
N GLN B 93 -12.26 15.56 24.92
CA GLN B 93 -12.98 16.63 24.24
C GLN B 93 -12.99 17.86 25.15
N SER B 94 -11.84 18.54 25.19
CA SER B 94 -11.73 19.76 25.97
C SER B 94 -12.45 20.90 25.26
N GLY B 95 -13.71 21.14 25.61
CA GLY B 95 -14.49 22.13 24.90
C GLY B 95 -14.81 21.67 23.48
N GLU B 96 -14.94 22.63 22.58
CA GLU B 96 -15.19 22.30 21.18
C GLU B 96 -13.99 21.64 20.52
N SER B 97 -12.78 21.84 21.06
CA SER B 97 -11.60 21.20 20.51
C SER B 97 -11.56 19.73 20.88
N ILE B 98 -11.14 18.89 19.94
CA ILE B 98 -11.08 17.45 20.12
C ILE B 98 -9.65 17.00 19.88
N ASP B 99 -9.09 16.26 20.84
CA ASP B 99 -7.75 15.73 20.70
C ASP B 99 -7.68 14.37 21.40
N ILE B 100 -6.71 13.57 21.01
CA ILE B 100 -6.51 12.23 21.54
C ILE B 100 -5.15 12.22 22.21
N ILE B 101 -5.14 12.27 23.55
CA ILE B 101 -3.89 12.24 24.28
C ILE B 101 -3.38 10.79 24.38
N THR B 102 -2.09 10.67 24.64
CA THR B 102 -1.43 9.36 24.72
C THR B 102 -0.97 9.13 26.15
N ARG B 103 -1.57 8.15 26.81
CA ARG B 103 -1.21 7.84 28.20
C ARG B 103 0.11 7.08 28.29
N ALA B 104 0.39 6.19 27.33
CA ALA B 104 1.62 5.41 27.34
C ALA B 104 1.98 5.06 25.92
N HIS B 105 3.27 4.74 25.72
CA HIS B 105 3.77 4.37 24.40
C HIS B 105 5.05 3.58 24.59
N GLY B 106 5.72 3.26 23.49
CA GLY B 106 6.98 2.54 23.53
C GLY B 106 6.98 1.31 22.65
N ASN B 107 8.17 0.96 22.17
CA ASN B 107 8.33 -0.21 21.32
C ASN B 107 8.20 -1.49 22.15
N VAL B 108 7.77 -2.56 21.48
CA VAL B 108 7.67 -3.87 22.13
C VAL B 108 8.41 -4.90 21.28
N GLN B 109 9.15 -4.43 20.28
CA GLN B 109 9.89 -5.31 19.40
C GLN B 109 11.02 -6.01 20.17
N ASP B 110 11.30 -7.25 19.77
CA ASP B 110 12.37 -8.03 20.35
C ASP B 110 13.45 -8.30 19.31
N ARG B 111 14.72 -8.23 19.74
CA ARG B 111 15.82 -8.49 18.82
C ARG B 111 15.84 -9.93 18.35
N ILE B 112 15.50 -10.87 19.22
CA ILE B 112 15.51 -12.30 18.91
C ILE B 112 14.08 -12.81 18.97
N GLY B 113 13.67 -13.52 17.93
CA GLY B 113 12.34 -14.09 17.87
C GLY B 113 11.70 -13.99 16.50
N ARG B 114 11.23 -15.11 15.99
CA ARG B 114 10.59 -15.13 14.67
C ARG B 114 9.19 -14.54 14.77
N PRO B 115 8.82 -13.62 13.89
CA PRO B 115 7.43 -13.16 13.84
C PRO B 115 6.49 -14.33 13.60
N SER B 116 5.56 -14.53 14.51
CA SER B 116 4.76 -15.74 14.50
C SER B 116 3.81 -15.78 13.31
N GLU B 117 3.42 -16.99 12.94
CA GLU B 117 2.43 -17.18 11.89
C GLU B 117 1.06 -16.75 12.40
N THR B 118 0.10 -16.68 11.48
CA THR B 118 -1.28 -16.25 11.75
C THR B 118 -1.35 -14.83 12.29
N GLY B 119 -0.30 -14.04 12.09
CA GLY B 119 -0.34 -12.62 12.41
C GLY B 119 -0.16 -12.32 13.88
N ILE B 120 -0.27 -11.03 14.19
CA ILE B 120 -0.17 -10.54 15.55
C ILE B 120 -1.50 -10.67 16.25
N ILE B 121 -1.49 -11.22 17.47
CA ILE B 121 -2.70 -11.37 18.28
C ILE B 121 -2.52 -10.52 19.53
N GLY B 122 -3.43 -9.59 19.76
CA GLY B 122 -3.40 -8.75 20.93
C GLY B 122 -4.64 -8.90 21.78
N ILE B 123 -4.47 -9.30 23.03
CA ILE B 123 -5.59 -9.55 23.93
C ILE B 123 -5.41 -8.75 25.20
N ILE B 124 -6.53 -8.41 25.83
CA ILE B 124 -6.56 -7.63 27.06
C ILE B 124 -7.41 -8.37 28.08
N ASP B 125 -6.96 -8.39 29.32
CA ASP B 125 -7.66 -9.14 30.36
C ASP B 125 -9.05 -8.57 30.57
N PRO B 126 -10.06 -9.42 30.77
CA PRO B 126 -11.41 -8.90 31.06
C PRO B 126 -11.46 -8.05 32.32
N GLU B 127 -10.66 -8.40 33.34
CA GLU B 127 -10.53 -7.55 34.52
C GLU B 127 -9.74 -6.29 34.24
N CYS B 128 -9.08 -6.20 33.08
CA CYS B 128 -8.32 -5.02 32.67
C CYS B 128 -7.19 -4.72 33.66
N ARG B 129 -6.30 -5.71 33.83
CA ARG B 129 -5.13 -5.55 34.67
C ARG B 129 -3.81 -5.68 33.91
N MET B 130 -3.85 -6.14 32.67
CA MET B 130 -2.63 -6.31 31.88
C MET B 130 -3.03 -6.52 30.42
N ILE B 131 -2.03 -6.47 29.54
CA ILE B 131 -2.20 -6.67 28.11
C ILE B 131 -1.26 -7.79 27.66
N GLY B 132 -1.79 -8.72 26.87
CA GLY B 132 -0.98 -9.80 26.35
C GLY B 132 -0.90 -9.80 24.84
N LEU B 133 0.31 -9.94 24.30
CA LEU B 133 0.53 -9.93 22.86
C LEU B 133 1.35 -11.13 22.46
N ARG B 134 0.88 -11.87 21.46
CA ARG B 134 1.63 -12.99 20.89
C ARG B 134 2.31 -12.53 19.60
N LEU B 135 3.38 -11.77 19.77
CA LEU B 135 4.10 -11.25 18.61
C LEU B 135 4.99 -12.31 17.98
N TYR B 136 5.67 -13.12 18.79
CA TYR B 136 6.71 -14.01 18.31
C TYR B 136 6.40 -15.46 18.69
N ASP B 137 6.97 -16.38 17.93
CA ASP B 137 6.82 -17.80 18.22
C ASP B 137 7.52 -18.15 19.52
N GLY B 138 6.83 -18.88 20.38
CA GLY B 138 7.40 -19.33 21.64
C GLY B 138 7.46 -18.30 22.73
N LEU B 139 6.88 -17.11 22.52
CA LEU B 139 6.90 -16.05 23.52
C LEU B 139 5.51 -15.44 23.63
N PHE B 140 5.23 -14.87 24.80
CA PHE B 140 3.94 -14.22 25.06
C PHE B 140 4.21 -12.97 25.89
N LYS B 141 4.32 -11.83 25.20
CA LYS B 141 4.60 -10.58 25.88
C LYS B 141 3.41 -10.18 26.75
N VAL B 142 3.69 -9.82 28.00
CA VAL B 142 2.67 -9.39 28.95
C VAL B 142 3.04 -7.98 29.39
N ILE B 143 2.15 -7.02 29.17
CA ILE B 143 2.35 -5.64 29.55
C ILE B 143 1.46 -5.35 30.75
N PRO B 144 2.02 -5.18 31.95
CA PRO B 144 1.19 -4.78 33.09
C PRO B 144 0.52 -3.44 32.85
N LEU B 145 -0.72 -3.31 33.31
CA LEU B 145 -1.53 -2.13 33.07
C LEU B 145 -1.53 -1.17 34.25
N ASP B 146 -0.43 -1.12 35.00
CA ASP B 146 -0.34 -0.21 36.12
C ASP B 146 -0.34 1.24 35.65
N ARG B 147 -0.85 2.13 36.49
CA ARG B 147 -0.91 3.54 36.14
C ARG B 147 0.48 4.14 36.02
N ASP B 148 1.48 3.56 36.68
CA ASP B 148 2.85 4.04 36.63
C ASP B 148 3.64 3.47 35.47
N ASN B 149 3.06 2.57 34.68
CA ASN B 149 3.75 1.97 33.54
C ASN B 149 3.56 2.85 32.31
N LYS B 150 4.19 4.03 32.36
CA LYS B 150 4.03 5.02 31.30
C LYS B 150 4.78 4.64 30.03
N GLU B 151 5.79 3.77 30.12
CA GLU B 151 6.58 3.38 28.96
C GLU B 151 6.22 2.00 28.44
N LEU B 152 5.17 1.39 28.97
CA LEU B 152 4.74 0.05 28.58
C LEU B 152 5.90 -0.94 28.70
N LYS B 153 6.38 -1.11 29.93
CA LYS B 153 7.53 -1.98 30.21
C LYS B 153 7.06 -3.43 30.19
N ALA B 154 7.05 -4.00 28.99
CA ALA B 154 6.64 -5.38 28.82
C ALA B 154 7.72 -6.34 29.30
N PHE B 155 7.30 -7.54 29.67
CA PHE B 155 8.22 -8.61 30.03
C PHE B 155 7.83 -9.88 29.31
N ASN B 156 8.82 -10.59 28.79
CA ASN B 156 8.59 -11.81 28.03
C ASN B 156 8.24 -12.97 28.96
N ILE B 157 7.51 -13.94 28.41
CA ILE B 157 7.17 -15.16 29.12
C ILE B 157 7.38 -16.32 28.15
N ARG B 158 8.40 -17.14 28.40
CA ARG B 158 8.66 -18.29 27.56
C ARG B 158 7.63 -19.38 27.82
N LEU B 159 7.11 -19.97 26.73
CA LEU B 159 6.13 -21.02 26.83
C LEU B 159 6.50 -22.14 25.85
N GLU B 160 6.13 -23.37 26.21
CA GLU B 160 6.63 -24.55 25.52
C GLU B 160 6.06 -24.69 24.11
N GLU B 161 4.80 -24.30 23.91
CA GLU B 161 4.10 -24.55 22.64
C GLU B 161 4.49 -23.47 21.64
N LEU B 162 5.41 -23.81 20.72
CA LEU B 162 5.94 -22.82 19.80
C LEU B 162 4.86 -22.26 18.89
N HIS B 163 4.04 -23.12 18.29
CA HIS B 163 3.05 -22.72 17.30
C HIS B 163 1.70 -22.56 17.99
N VAL B 164 1.23 -21.32 18.08
CA VAL B 164 -0.04 -20.99 18.71
C VAL B 164 -0.94 -20.35 17.66
N ILE B 165 -2.16 -20.87 17.54
CA ILE B 165 -3.09 -20.39 16.52
C ILE B 165 -3.84 -19.14 16.98
N ASP B 166 -4.39 -19.16 18.19
CA ASP B 166 -5.13 -18.01 18.69
C ASP B 166 -5.14 -18.04 20.20
N VAL B 167 -4.97 -16.88 20.82
CA VAL B 167 -4.94 -16.72 22.26
C VAL B 167 -6.12 -15.86 22.69
N LYS B 168 -6.76 -16.25 23.79
CA LYS B 168 -7.87 -15.48 24.33
C LYS B 168 -7.86 -15.58 25.85
N PHE B 169 -8.45 -14.59 26.50
CA PHE B 169 -8.50 -14.52 27.96
C PHE B 169 -9.87 -14.98 28.43
N LEU B 170 -9.89 -15.99 29.30
CA LEU B 170 -11.14 -16.53 29.79
C LEU B 170 -11.81 -15.55 30.75
N TYR B 171 -13.13 -15.52 30.73
CA TYR B 171 -13.90 -14.70 31.64
C TYR B 171 -14.19 -15.45 32.93
N GLY B 172 -14.34 -14.68 34.02
CA GLY B 172 -14.80 -15.22 35.27
C GLY B 172 -13.74 -15.85 36.14
N CYS B 173 -12.50 -15.94 35.69
CA CYS B 173 -11.43 -16.49 36.52
C CYS B 173 -10.98 -15.47 37.56
N GLN B 174 -10.75 -15.94 38.78
CA GLN B 174 -10.30 -15.06 39.85
C GLN B 174 -8.90 -14.52 39.60
N ALA B 175 -8.14 -15.15 38.72
CA ALA B 175 -6.81 -14.73 38.32
C ALA B 175 -6.74 -14.67 36.80
N PRO B 176 -5.85 -13.84 36.25
CA PRO B 176 -5.72 -13.80 34.78
C PRO B 176 -5.41 -15.18 34.23
N THR B 177 -6.18 -15.59 33.22
CA THR B 177 -6.07 -16.93 32.66
C THR B 177 -6.15 -16.85 31.15
N ILE B 178 -5.19 -17.45 30.47
CA ILE B 178 -5.15 -17.48 29.03
C ILE B 178 -5.72 -18.81 28.55
N CYS B 179 -6.19 -18.84 27.31
CA CYS B 179 -6.71 -20.05 26.70
C CYS B 179 -6.40 -20.00 25.22
N PHE B 180 -5.55 -20.91 24.75
CA PHE B 180 -5.06 -20.87 23.38
C PHE B 180 -5.12 -22.25 22.75
N VAL B 181 -5.18 -22.26 21.42
CA VAL B 181 -5.16 -23.48 20.63
C VAL B 181 -3.80 -23.55 19.97
N TYR B 182 -2.93 -24.44 20.47
CA TYR B 182 -1.62 -24.62 19.88
C TYR B 182 -1.60 -25.85 18.98
N GLN B 183 -0.53 -25.96 18.20
CA GLN B 183 -0.35 -27.08 17.29
C GLN B 183 0.99 -27.77 17.57
N ASP B 184 0.94 -29.08 17.71
CA ASP B 184 2.10 -29.95 17.83
C ASP B 184 1.91 -31.13 16.89
N PRO B 185 2.99 -31.85 16.54
CA PRO B 185 2.85 -32.96 15.58
C PRO B 185 1.75 -33.96 15.91
N GLN B 186 1.33 -34.03 17.18
CA GLN B 186 0.23 -34.89 17.54
C GLN B 186 -1.13 -34.34 17.09
N GLY B 187 -1.22 -33.04 16.85
CA GLY B 187 -2.46 -32.42 16.42
C GLY B 187 -2.82 -31.23 17.29
N ARG B 188 -3.73 -30.41 16.75
CA ARG B 188 -4.12 -29.19 17.44
C ARG B 188 -4.77 -29.51 18.78
N HIS B 189 -4.33 -28.79 19.81
CA HIS B 189 -4.85 -28.96 21.17
C HIS B 189 -5.15 -27.59 21.76
N VAL B 190 -6.02 -27.57 22.77
CA VAL B 190 -6.32 -26.37 23.52
C VAL B 190 -5.80 -26.57 24.94
N LYS B 191 -4.94 -25.65 25.39
CA LYS B 191 -4.37 -25.70 26.73
C LYS B 191 -4.44 -24.31 27.33
N THR B 192 -4.86 -24.24 28.59
CA THR B 192 -5.01 -22.97 29.29
C THR B 192 -3.90 -22.82 30.33
N TYR B 193 -3.51 -21.57 30.58
CA TYR B 193 -2.48 -21.24 31.55
C TYR B 193 -3.01 -20.17 32.49
N GLU B 194 -2.66 -20.30 33.77
CA GLU B 194 -3.02 -19.31 34.79
C GLU B 194 -1.81 -18.41 35.01
N VAL B 195 -1.66 -17.43 34.11
CA VAL B 195 -0.55 -16.48 34.22
C VAL B 195 -0.73 -15.64 35.48
N SER B 196 0.41 -15.30 36.10
CA SER B 196 0.42 -14.49 37.31
C SER B 196 1.45 -13.38 37.15
N LEU B 197 1.06 -12.15 37.49
CA LEU B 197 1.98 -11.03 37.40
C LEU B 197 3.02 -11.05 38.50
N ARG B 198 2.71 -11.70 39.62
CA ARG B 198 3.63 -11.72 40.76
C ARG B 198 4.93 -12.44 40.41
N GLU B 199 4.82 -13.67 39.89
CA GLU B 199 6.00 -14.45 39.53
C GLU B 199 6.40 -14.26 38.07
N LYS B 200 5.60 -13.56 37.28
CA LYS B 200 5.90 -13.31 35.87
C LYS B 200 6.12 -14.61 35.11
N GLU B 201 5.25 -15.58 35.36
CA GLU B 201 5.40 -16.90 34.74
C GLU B 201 4.04 -17.59 34.69
N PHE B 202 3.89 -18.49 33.73
CA PHE B 202 2.67 -19.26 33.58
C PHE B 202 2.53 -20.28 34.71
N ASN B 203 1.29 -20.67 34.98
CA ASN B 203 0.97 -21.73 35.93
C ASN B 203 -0.01 -22.70 35.28
N LYS B 204 -0.44 -23.70 36.05
CA LYS B 204 -1.36 -24.70 35.53
C LYS B 204 -2.72 -24.08 35.26
N GLY B 205 -3.36 -24.54 34.18
CA GLY B 205 -4.64 -24.01 33.76
C GLY B 205 -5.80 -24.55 34.58
N PRO B 206 -6.92 -23.82 34.57
CA PRO B 206 -8.08 -24.28 35.33
C PRO B 206 -8.62 -25.63 34.90
N TRP B 207 -8.56 -25.95 33.61
CA TRP B 207 -9.10 -27.21 33.10
C TRP B 207 -8.12 -27.89 32.18
N LYS B 208 -8.25 -29.22 32.11
CA LYS B 208 -7.30 -30.07 31.41
C LYS B 208 -7.28 -29.76 29.91
N GLN B 209 -6.10 -29.86 29.32
CA GLN B 209 -5.94 -29.68 27.88
C GLN B 209 -6.71 -30.75 27.12
N GLU B 210 -7.38 -30.34 26.04
CA GLU B 210 -8.17 -31.23 25.21
C GLU B 210 -7.61 -31.25 23.79
N ASN B 211 -8.07 -32.22 23.00
CA ASN B 211 -7.66 -32.37 21.61
C ASN B 211 -8.81 -31.88 20.72
N VAL B 212 -8.65 -30.69 20.16
CA VAL B 212 -9.67 -30.05 19.33
C VAL B 212 -9.60 -30.58 17.90
N GLU B 213 -10.59 -30.20 17.10
CA GLU B 213 -10.61 -30.54 15.68
C GLU B 213 -9.31 -30.09 15.02
N ALA B 214 -8.96 -30.78 13.93
CA ALA B 214 -7.66 -30.58 13.31
C ALA B 214 -7.50 -29.21 12.66
N GLU B 215 -8.59 -28.44 12.51
CA GLU B 215 -8.53 -27.14 11.86
C GLU B 215 -9.25 -26.11 12.74
N ALA B 216 -8.93 -26.11 14.03
CA ALA B 216 -9.45 -25.09 14.94
C ALA B 216 -8.71 -23.78 14.68
N SER B 217 -9.47 -22.72 14.38
CA SER B 217 -8.87 -21.48 13.88
C SER B 217 -8.93 -20.31 14.86
N MET B 218 -9.90 -20.27 15.76
CA MET B 218 -10.01 -19.13 16.67
C MET B 218 -10.74 -19.56 17.93
N VAL B 219 -10.62 -18.72 18.96
CA VAL B 219 -11.17 -18.99 20.28
C VAL B 219 -12.10 -17.86 20.67
N ILE B 220 -13.27 -18.20 21.18
CA ILE B 220 -14.24 -17.24 21.70
C ILE B 220 -14.37 -17.46 23.19
N ALA B 221 -14.23 -16.38 23.97
CA ALA B 221 -14.34 -16.44 25.43
C ALA B 221 -15.75 -16.06 25.83
N VAL B 222 -16.51 -17.03 26.33
CA VAL B 222 -17.89 -16.76 26.76
C VAL B 222 -17.86 -15.97 28.07
N PRO B 223 -18.77 -15.00 28.26
CA PRO B 223 -18.73 -14.19 29.48
C PRO B 223 -19.16 -14.92 30.75
N GLU B 224 -19.29 -14.15 31.83
CA GLU B 224 -19.55 -14.70 33.16
C GLU B 224 -20.71 -15.68 33.25
N PRO B 225 -21.90 -15.42 32.67
CA PRO B 225 -23.03 -16.34 32.91
C PRO B 225 -22.74 -17.77 32.53
N PHE B 226 -21.98 -18.02 31.47
CA PHE B 226 -21.63 -19.37 31.06
C PHE B 226 -20.18 -19.71 31.36
N GLY B 227 -19.25 -18.82 30.99
CA GLY B 227 -17.84 -19.09 31.16
C GLY B 227 -17.31 -20.04 30.10
N GLY B 228 -16.04 -20.37 30.23
CA GLY B 228 -15.40 -21.28 29.30
C GLY B 228 -15.03 -20.61 27.99
N ALA B 229 -14.67 -21.46 27.02
CA ALA B 229 -14.22 -21.00 25.72
C ALA B 229 -14.96 -21.76 24.63
N ILE B 230 -15.17 -21.08 23.50
CA ILE B 230 -15.78 -21.66 22.31
C ILE B 230 -14.71 -21.80 21.24
N ILE B 231 -14.54 -23.02 20.74
CA ILE B 231 -13.52 -23.29 19.74
C ILE B 231 -14.17 -23.65 18.41
N ILE B 232 -14.37 -22.66 17.56
CA ILE B 232 -14.95 -22.89 16.24
C ILE B 232 -13.83 -23.19 15.25
N GLY B 233 -14.05 -24.20 14.42
CA GLY B 233 -13.07 -24.55 13.40
C GLY B 233 -13.60 -24.36 12.01
N GLN B 234 -13.54 -25.42 11.20
CA GLN B 234 -14.09 -25.42 9.85
C GLN B 234 -15.33 -26.29 9.70
N GLU B 235 -15.39 -27.41 10.42
CA GLU B 235 -16.50 -28.34 10.34
C GLU B 235 -17.33 -28.40 11.62
N SER B 236 -16.69 -28.32 12.79
CA SER B 236 -17.37 -28.49 14.06
C SER B 236 -17.14 -27.27 14.96
N ILE B 237 -18.08 -27.07 15.88
CA ILE B 237 -18.01 -26.00 16.88
C ILE B 237 -18.07 -26.67 18.24
N THR B 238 -17.10 -26.39 19.10
CA THR B 238 -17.00 -27.02 20.40
C THR B 238 -17.03 -25.98 21.52
N TYR B 239 -17.46 -26.42 22.69
CA TYR B 239 -17.51 -25.60 23.90
C TYR B 239 -16.74 -26.31 24.99
N HIS B 240 -15.75 -25.63 25.55
CA HIS B 240 -14.87 -26.21 26.58
C HIS B 240 -14.96 -25.37 27.84
N ASN B 241 -15.37 -26.00 28.94
CA ASN B 241 -15.38 -25.34 30.24
C ASN B 241 -15.30 -26.41 31.32
N GLY B 242 -14.12 -26.58 31.89
CA GLY B 242 -13.94 -27.63 32.90
C GLY B 242 -14.22 -28.99 32.32
N ASP B 243 -15.01 -29.77 33.05
CA ASP B 243 -15.43 -31.09 32.57
C ASP B 243 -16.53 -31.01 31.52
N LYS B 244 -17.23 -29.89 31.43
CA LYS B 244 -18.29 -29.73 30.44
C LYS B 244 -17.70 -29.61 29.05
N TYR B 245 -18.24 -30.38 28.11
CA TYR B 245 -17.76 -30.35 26.73
C TYR B 245 -18.86 -30.89 25.83
N LEU B 246 -19.38 -30.03 24.96
CA LEU B 246 -20.37 -30.44 23.97
C LEU B 246 -19.98 -29.87 22.61
N ALA B 247 -20.22 -30.65 21.56
CA ALA B 247 -19.80 -30.29 20.22
C ALA B 247 -20.97 -30.47 19.26
N ILE B 248 -20.96 -29.67 18.19
CA ILE B 248 -21.96 -29.75 17.13
C ILE B 248 -21.23 -29.84 15.80
N ALA B 249 -21.89 -30.46 14.82
CA ALA B 249 -21.34 -30.61 13.48
C ALA B 249 -22.37 -30.14 12.47
N PRO B 250 -22.55 -28.83 12.33
CA PRO B 250 -23.55 -28.30 11.42
C PRO B 250 -23.06 -28.31 9.99
N PRO B 251 -23.80 -28.92 9.06
CA PRO B 251 -23.39 -28.93 7.66
C PRO B 251 -23.40 -27.54 7.02
N ILE B 252 -24.11 -26.57 7.61
CA ILE B 252 -24.25 -25.26 7.00
C ILE B 252 -22.93 -24.48 6.99
N ILE B 253 -21.96 -24.87 7.84
CA ILE B 253 -20.69 -24.17 7.90
C ILE B 253 -19.57 -24.92 7.17
N LYS B 254 -19.82 -26.14 6.71
CA LYS B 254 -18.80 -26.91 6.01
C LYS B 254 -18.43 -26.30 4.67
N GLN B 255 -19.31 -25.50 4.08
CA GLN B 255 -19.06 -24.97 2.74
C GLN B 255 -17.80 -24.11 2.71
N SER B 256 -17.61 -23.25 3.71
CA SER B 256 -16.41 -22.42 3.77
C SER B 256 -16.15 -22.05 5.23
N THR B 257 -14.90 -21.67 5.50
CA THR B 257 -14.43 -21.52 6.87
C THR B 257 -14.85 -20.18 7.47
N ILE B 258 -15.18 -20.21 8.76
CA ILE B 258 -15.48 -18.99 9.50
C ILE B 258 -14.20 -18.19 9.73
N VAL B 259 -14.34 -16.86 9.77
CA VAL B 259 -13.18 -15.99 9.94
C VAL B 259 -13.39 -15.05 11.13
N CYS B 260 -14.48 -14.31 11.12
CA CYS B 260 -14.71 -13.25 12.10
C CYS B 260 -15.83 -13.64 13.05
N HIS B 261 -15.76 -13.09 14.26
CA HIS B 261 -16.76 -13.35 15.28
C HIS B 261 -16.94 -12.10 16.13
N ASN B 262 -18.11 -11.98 16.73
CA ASN B 262 -18.40 -10.85 17.61
C ASN B 262 -19.55 -11.22 18.54
N ARG B 263 -19.49 -10.71 19.76
CA ARG B 263 -20.54 -10.97 20.75
C ARG B 263 -21.69 -9.99 20.55
N VAL B 264 -22.91 -10.52 20.60
CA VAL B 264 -24.10 -9.70 20.40
C VAL B 264 -24.67 -9.27 21.74
N ASP B 265 -25.06 -10.23 22.56
CA ASP B 265 -25.62 -9.86 23.85
C ASP B 265 -24.52 -9.80 24.90
N PRO B 266 -24.67 -8.92 25.91
CA PRO B 266 -23.66 -8.87 26.98
C PRO B 266 -23.52 -10.17 27.72
N ASN B 267 -24.58 -10.95 27.85
CA ASN B 267 -24.50 -12.27 28.47
C ASN B 267 -23.78 -13.29 27.60
N GLY B 268 -23.50 -12.95 26.34
CA GLY B 268 -22.87 -13.90 25.44
C GLY B 268 -23.82 -14.93 24.86
N SER B 269 -25.13 -14.69 24.92
CA SER B 269 -26.09 -15.68 24.43
C SER B 269 -26.04 -15.83 22.92
N ARG B 270 -25.83 -14.74 22.19
CA ARG B 270 -25.84 -14.76 20.73
C ARG B 270 -24.50 -14.26 20.21
N TYR B 271 -24.00 -14.92 19.17
CA TYR B 271 -22.72 -14.57 18.56
C TYR B 271 -22.88 -14.49 17.05
N LEU B 272 -22.20 -13.52 16.45
CA LEU B 272 -22.15 -13.41 15.00
C LEU B 272 -20.89 -14.08 14.47
N LEU B 273 -20.97 -14.61 13.26
CA LEU B 273 -19.83 -15.28 12.63
C LEU B 273 -19.77 -14.89 11.16
N GLY B 274 -18.62 -14.40 10.73
CA GLY B 274 -18.39 -14.10 9.33
C GLY B 274 -17.99 -15.32 8.54
N ASP B 275 -17.57 -15.09 7.30
CA ASP B 275 -17.21 -16.19 6.41
C ASP B 275 -16.45 -15.64 5.22
N MET B 276 -15.83 -16.55 4.45
CA MET B 276 -15.19 -16.15 3.21
C MET B 276 -16.21 -15.60 2.22
N GLU B 277 -17.33 -16.30 2.06
CA GLU B 277 -18.30 -16.00 1.00
C GLU B 277 -19.36 -15.00 1.45
N GLY B 278 -19.10 -14.24 2.50
CA GLY B 278 -20.02 -13.21 2.94
C GLY B 278 -21.17 -13.69 3.80
N ARG B 279 -21.26 -15.00 4.06
CA ARG B 279 -22.34 -15.50 4.91
C ARG B 279 -22.19 -14.97 6.33
N LEU B 280 -23.32 -14.67 6.95
CA LEU B 280 -23.36 -14.06 8.28
C LEU B 280 -24.16 -14.99 9.20
N PHE B 281 -23.47 -15.94 9.82
CA PHE B 281 -24.13 -16.88 10.71
C PHE B 281 -24.41 -16.25 12.07
N MET B 282 -25.27 -16.90 12.83
CA MET B 282 -25.55 -16.53 14.21
C MET B 282 -25.41 -17.77 15.08
N LEU B 283 -24.60 -17.67 16.13
CA LEU B 283 -24.29 -18.80 17.00
C LEU B 283 -25.05 -18.59 18.32
N LEU B 284 -26.22 -19.19 18.42
CA LEU B 284 -27.01 -19.09 19.64
C LEU B 284 -26.47 -20.01 20.72
N LEU B 285 -26.66 -19.61 21.98
CA LEU B 285 -26.23 -20.38 23.14
C LEU B 285 -27.44 -20.55 24.06
N GLU B 286 -28.00 -21.75 24.07
CA GLU B 286 -29.18 -22.02 24.89
C GLU B 286 -28.83 -21.98 26.37
N LYS B 287 -29.74 -21.41 27.16
CA LYS B 287 -29.54 -21.26 28.59
C LYS B 287 -30.34 -22.32 29.34
N GLU B 288 -29.67 -23.06 30.22
CA GLU B 288 -30.28 -24.10 31.02
C GLU B 288 -30.08 -23.76 32.49
N GLU B 289 -31.08 -23.12 33.08
CA GLU B 289 -31.00 -22.77 34.50
C GLU B 289 -31.17 -24.03 35.35
N GLN B 290 -30.29 -24.20 36.33
CA GLN B 290 -30.34 -25.34 37.22
C GLN B 290 -31.10 -25.00 38.49
N MET B 291 -31.35 -26.04 39.30
CA MET B 291 -32.11 -25.84 40.54
C MET B 291 -31.37 -24.93 41.50
N ASP B 292 -30.06 -25.14 41.67
CA ASP B 292 -29.27 -24.30 42.55
C ASP B 292 -27.92 -23.86 42.00
N GLY B 293 -27.43 -24.47 40.92
CA GLY B 293 -26.14 -24.11 40.38
C GLY B 293 -26.22 -22.93 39.42
N THR B 294 -25.09 -22.65 38.78
CA THR B 294 -25.02 -21.57 37.81
C THR B 294 -25.81 -21.94 36.55
N VAL B 295 -26.00 -20.94 35.70
CA VAL B 295 -26.78 -21.13 34.47
C VAL B 295 -25.91 -21.81 33.42
N THR B 296 -25.93 -23.13 33.39
CA THR B 296 -25.17 -23.87 32.41
C THR B 296 -25.86 -23.82 31.05
N LEU B 297 -25.08 -24.07 30.00
CA LEU B 297 -25.62 -24.09 28.66
C LEU B 297 -26.23 -25.45 28.34
N LYS B 298 -27.22 -25.44 27.45
CA LYS B 298 -27.89 -26.68 27.02
C LYS B 298 -27.23 -27.25 25.77
N ASP B 299 -27.21 -26.47 24.69
CA ASP B 299 -26.58 -26.89 23.45
C ASP B 299 -26.39 -25.68 22.56
N LEU B 300 -25.38 -25.76 21.69
CA LEU B 300 -25.13 -24.71 20.71
C LEU B 300 -26.01 -24.92 19.48
N ARG B 301 -26.40 -23.80 18.87
CA ARG B 301 -27.27 -23.86 17.69
C ARG B 301 -26.89 -22.71 16.77
N VAL B 302 -26.52 -23.04 15.54
CA VAL B 302 -26.17 -22.03 14.54
C VAL B 302 -27.37 -21.75 13.66
N GLU B 303 -27.34 -20.59 13.00
CA GLU B 303 -28.40 -20.21 12.08
C GLU B 303 -27.79 -19.39 10.95
N LEU B 304 -28.47 -19.39 9.81
CA LEU B 304 -28.04 -18.62 8.65
C LEU B 304 -28.87 -17.35 8.57
N LEU B 305 -28.20 -16.20 8.69
CA LEU B 305 -28.87 -14.90 8.73
C LEU B 305 -28.73 -14.13 7.44
N GLY B 306 -28.43 -14.81 6.34
CA GLY B 306 -28.33 -14.17 5.05
C GLY B 306 -26.90 -13.85 4.65
N GLU B 307 -26.72 -13.55 3.37
CA GLU B 307 -25.40 -13.25 2.83
C GLU B 307 -25.13 -11.74 2.90
N THR B 308 -23.88 -11.40 3.20
CA THR B 308 -23.46 -10.02 3.30
C THR B 308 -22.13 -9.83 2.56
N SER B 309 -21.48 -8.70 2.76
CA SER B 309 -20.18 -8.48 2.15
C SER B 309 -19.15 -9.43 2.76
N ILE B 310 -18.02 -9.57 2.08
CA ILE B 310 -16.95 -10.43 2.58
C ILE B 310 -16.41 -9.78 3.85
N ALA B 311 -16.71 -10.40 4.99
CA ALA B 311 -16.52 -9.74 6.28
C ALA B 311 -15.09 -9.86 6.76
N GLU B 312 -14.51 -8.73 7.16
CA GLU B 312 -13.26 -8.69 7.89
C GLU B 312 -13.43 -8.28 9.34
N CYS B 313 -14.45 -7.47 9.65
CA CYS B 313 -14.82 -7.17 11.01
C CYS B 313 -16.35 -7.20 11.11
N LEU B 314 -16.86 -7.72 12.22
CA LEU B 314 -18.26 -7.64 12.55
C LEU B 314 -18.40 -6.94 13.90
N THR B 315 -19.35 -6.02 14.00
CA THR B 315 -19.52 -5.21 15.20
C THR B 315 -21.02 -4.95 15.37
N TYR B 316 -21.64 -5.67 16.31
CA TYR B 316 -23.05 -5.47 16.60
C TYR B 316 -23.22 -4.14 17.32
N LEU B 317 -23.75 -3.14 16.63
CA LEU B 317 -23.97 -1.83 17.21
C LEU B 317 -25.25 -1.85 18.04
N ASP B 318 -25.72 -0.67 18.44
CA ASP B 318 -26.97 -0.58 19.19
C ASP B 318 -28.15 -0.93 18.29
N ASN B 319 -29.28 -1.24 18.93
CA ASN B 319 -30.52 -1.64 18.26
C ASN B 319 -30.21 -2.90 17.44
N GLY B 320 -30.57 -2.96 16.16
CA GLY B 320 -30.36 -4.17 15.38
C GLY B 320 -29.35 -4.05 14.26
N VAL B 321 -28.77 -2.88 14.07
CA VAL B 321 -27.80 -2.68 13.00
C VAL B 321 -26.52 -3.43 13.31
N VAL B 322 -25.82 -3.85 12.26
CA VAL B 322 -24.58 -4.61 12.38
C VAL B 322 -23.60 -4.07 11.35
N PHE B 323 -22.51 -3.48 11.82
CA PHE B 323 -21.46 -3.04 10.90
C PHE B 323 -20.65 -4.23 10.42
N VAL B 324 -20.43 -4.31 9.11
CA VAL B 324 -19.70 -5.41 8.49
C VAL B 324 -18.57 -4.80 7.69
N GLY B 325 -17.37 -4.78 8.25
CA GLY B 325 -16.22 -4.27 7.53
C GLY B 325 -15.70 -5.27 6.52
N SER B 326 -15.20 -4.75 5.40
CA SER B 326 -14.74 -5.59 4.31
C SER B 326 -13.38 -5.13 3.82
N ARG B 327 -12.53 -6.09 3.47
CA ARG B 327 -11.24 -5.81 2.85
C ARG B 327 -11.25 -6.03 1.34
N LEU B 328 -12.20 -6.80 0.83
CA LEU B 328 -12.33 -7.07 -0.60
C LEU B 328 -13.71 -6.65 -1.11
N GLY B 329 -14.16 -5.49 -0.69
CA GLY B 329 -15.46 -5.01 -1.10
C GLY B 329 -15.93 -3.88 -0.21
N ASP B 330 -17.15 -3.42 -0.49
CA ASP B 330 -17.74 -2.35 0.28
C ASP B 330 -18.08 -2.82 1.69
N SER B 331 -17.81 -1.97 2.68
CA SER B 331 -18.09 -2.28 4.08
C SER B 331 -19.46 -1.72 4.43
N GLN B 332 -20.50 -2.52 4.21
CA GLN B 332 -21.86 -2.08 4.41
C GLN B 332 -22.23 -2.11 5.90
N LEU B 333 -23.46 -1.70 6.19
CA LEU B 333 -23.98 -1.65 7.56
C LEU B 333 -25.36 -2.30 7.53
N VAL B 334 -25.41 -3.61 7.75
CA VAL B 334 -26.63 -4.39 7.59
C VAL B 334 -27.51 -4.26 8.83
N LYS B 335 -28.76 -4.72 8.70
CA LYS B 335 -29.72 -4.70 9.79
C LYS B 335 -30.32 -6.09 9.96
N LEU B 336 -30.35 -6.60 11.18
CA LEU B 336 -30.87 -7.93 11.47
C LEU B 336 -32.35 -7.84 11.73
N ASN B 337 -33.15 -8.07 10.67
CA ASN B 337 -34.60 -8.09 10.83
C ASN B 337 -35.03 -9.31 11.63
N VAL B 338 -35.96 -9.10 12.55
CA VAL B 338 -36.43 -10.18 13.42
C VAL B 338 -37.15 -11.25 12.60
N ASP B 339 -37.91 -10.84 11.59
CA ASP B 339 -38.67 -11.74 10.75
C ASP B 339 -38.06 -11.82 9.36
N SER B 340 -38.00 -13.03 8.81
CA SER B 340 -37.47 -13.22 7.47
C SER B 340 -38.35 -12.53 6.45
N ASN B 341 -37.72 -11.85 5.48
CA ASN B 341 -38.43 -11.12 4.45
C ASN B 341 -38.54 -11.92 3.16
N GLU B 342 -37.41 -12.33 2.59
CA GLU B 342 -37.40 -13.11 1.37
C GLU B 342 -36.14 -13.96 1.33
N GLN B 343 -36.22 -15.06 0.57
CA GLN B 343 -35.10 -15.98 0.31
C GLN B 343 -34.40 -16.45 1.59
N GLY B 344 -35.08 -16.34 2.73
CA GLY B 344 -34.53 -16.80 3.99
C GLY B 344 -33.41 -15.96 4.56
N SER B 345 -33.26 -14.71 4.11
CA SER B 345 -32.21 -13.83 4.59
C SER B 345 -32.78 -12.80 5.55
N TYR B 346 -32.15 -12.66 6.72
CA TYR B 346 -32.59 -11.70 7.71
C TYR B 346 -31.87 -10.35 7.61
N VAL B 347 -30.80 -10.26 6.84
CA VAL B 347 -30.01 -9.04 6.74
C VAL B 347 -30.55 -8.17 5.62
N VAL B 348 -30.70 -6.88 5.90
CA VAL B 348 -31.08 -5.88 4.90
C VAL B 348 -30.07 -4.75 4.98
N ALA B 349 -29.34 -4.53 3.90
CA ALA B 349 -28.32 -3.49 3.89
C ALA B 349 -28.95 -2.11 4.03
N MET B 350 -28.31 -1.25 4.81
CA MET B 350 -28.82 0.08 5.11
C MET B 350 -27.97 1.19 4.52
N GLU B 351 -26.67 1.21 4.84
CA GLU B 351 -25.78 2.28 4.37
C GLU B 351 -24.48 1.63 3.91
N THR B 352 -24.35 1.41 2.60
CA THR B 352 -23.14 0.84 2.05
C THR B 352 -22.04 1.89 1.98
N PHE B 353 -20.89 1.60 2.56
CA PHE B 353 -19.76 2.51 2.58
C PHE B 353 -18.78 2.13 1.46
N THR B 354 -18.33 3.14 0.72
CA THR B 354 -17.45 2.89 -0.41
C THR B 354 -16.09 2.38 0.07
N ASN B 355 -15.46 1.56 -0.77
CA ASN B 355 -14.14 1.02 -0.47
C ASN B 355 -13.50 0.63 -1.79
N LEU B 356 -12.42 1.33 -2.17
CA LEU B 356 -11.72 1.00 -3.40
C LEU B 356 -11.06 -0.38 -3.34
N GLY B 357 -10.79 -0.88 -2.13
CA GLY B 357 -10.35 -2.25 -1.95
C GLY B 357 -9.09 -2.61 -2.70
N PRO B 358 -8.97 -3.89 -3.06
CA PRO B 358 -7.75 -4.37 -3.71
C PRO B 358 -7.62 -3.93 -5.15
N ILE B 359 -7.03 -2.76 -5.39
CA ILE B 359 -6.89 -2.23 -6.74
C ILE B 359 -5.88 -3.10 -7.49
N VAL B 360 -6.38 -4.04 -8.28
CA VAL B 360 -5.48 -4.96 -8.98
C VAL B 360 -4.80 -4.26 -10.15
N ASP B 361 -5.54 -3.44 -10.90
CA ASP B 361 -4.98 -2.74 -12.04
C ASP B 361 -5.72 -1.42 -12.19
N MET B 362 -5.12 -0.50 -12.94
CA MET B 362 -5.63 0.85 -13.04
C MET B 362 -5.17 1.47 -14.35
N CYS B 363 -5.99 2.36 -14.89
CA CYS B 363 -5.63 3.10 -16.09
C CYS B 363 -6.16 4.52 -15.97
N VAL B 364 -5.51 5.43 -16.67
CA VAL B 364 -5.86 6.85 -16.65
C VAL B 364 -6.38 7.24 -18.03
N VAL B 365 -7.64 7.67 -18.09
CA VAL B 365 -8.26 8.09 -19.33
C VAL B 365 -9.16 9.29 -19.04
N ASP B 366 -9.44 10.06 -20.09
CA ASP B 366 -10.43 11.13 -20.04
C ASP B 366 -11.48 10.82 -21.12
N LEU B 367 -12.74 10.73 -20.68
CA LEU B 367 -13.80 10.35 -21.60
C LEU B 367 -14.39 11.56 -22.32
N GLU B 368 -14.57 12.67 -21.58
CA GLU B 368 -15.13 13.88 -22.15
C GLU B 368 -14.11 14.71 -22.91
N ARG B 369 -12.85 14.29 -22.91
CA ARG B 369 -11.79 14.94 -23.69
C ARG B 369 -11.56 16.39 -23.27
N GLN B 370 -11.15 16.59 -22.01
CA GLN B 370 -10.75 17.89 -21.51
C GLN B 370 -9.29 17.96 -21.12
N GLY B 371 -8.56 16.84 -21.23
CA GLY B 371 -7.20 16.76 -20.74
C GLY B 371 -7.08 16.36 -19.29
N GLN B 372 -8.19 16.26 -18.56
CA GLN B 372 -8.20 15.85 -17.16
C GLN B 372 -8.63 14.39 -17.09
N GLY B 373 -7.66 13.51 -16.85
CA GLY B 373 -7.96 12.09 -16.84
C GLY B 373 -8.72 11.65 -15.62
N GLN B 374 -9.39 10.50 -15.75
CA GLN B 374 -10.11 9.87 -14.66
C GLN B 374 -9.59 8.45 -14.47
N LEU B 375 -9.42 8.06 -13.21
CA LEU B 375 -8.94 6.73 -12.89
C LEU B 375 -10.04 5.70 -13.15
N VAL B 376 -9.65 4.57 -13.74
CA VAL B 376 -10.56 3.45 -13.98
C VAL B 376 -9.86 2.21 -13.41
N THR B 377 -10.16 1.89 -12.16
CA THR B 377 -9.47 0.83 -11.43
C THR B 377 -10.25 -0.47 -11.49
N CYS B 378 -9.51 -1.58 -11.51
CA CYS B 378 -10.09 -2.91 -11.40
C CYS B 378 -10.18 -3.29 -9.92
N SER B 379 -11.06 -2.56 -9.22
CA SER B 379 -11.18 -2.70 -7.78
C SER B 379 -11.92 -3.98 -7.42
N GLY B 380 -11.90 -4.30 -6.14
CA GLY B 380 -12.66 -5.42 -5.62
C GLY B 380 -12.02 -6.76 -5.90
N ALA B 381 -12.65 -7.80 -5.36
CA ALA B 381 -12.20 -9.17 -5.58
C ALA B 381 -13.38 -10.11 -5.32
N PHE B 382 -13.27 -11.31 -5.89
CA PHE B 382 -14.27 -12.35 -5.71
C PHE B 382 -15.68 -11.86 -6.04
N LYS B 383 -16.65 -12.20 -5.20
CA LYS B 383 -18.05 -11.86 -5.49
C LYS B 383 -18.31 -10.35 -5.44
N GLU B 384 -17.42 -9.57 -4.83
CA GLU B 384 -17.61 -8.12 -4.73
C GLU B 384 -16.66 -7.33 -5.62
N GLY B 385 -16.13 -7.95 -6.68
CA GLY B 385 -15.33 -7.19 -7.62
C GLY B 385 -16.17 -6.16 -8.36
N SER B 386 -15.53 -5.08 -8.77
CA SER B 386 -16.24 -3.99 -9.42
C SER B 386 -15.24 -3.20 -10.27
N LEU B 387 -15.67 -2.04 -10.75
CA LEU B 387 -14.87 -1.22 -11.65
C LEU B 387 -15.19 0.24 -11.32
N ARG B 388 -14.37 0.84 -10.46
CA ARG B 388 -14.64 2.19 -9.97
C ARG B 388 -14.15 3.23 -10.96
N ILE B 389 -14.98 4.24 -11.20
CA ILE B 389 -14.65 5.37 -12.06
C ILE B 389 -14.32 6.53 -11.13
N ILE B 390 -13.03 6.76 -10.91
CA ILE B 390 -12.57 7.79 -9.98
C ILE B 390 -12.14 9.01 -10.78
N ARG B 391 -12.68 10.17 -10.42
CA ARG B 391 -12.35 11.41 -11.12
C ARG B 391 -12.13 12.51 -10.09
N ASN B 392 -11.14 13.35 -10.35
CA ASN B 392 -10.83 14.46 -9.45
C ASN B 392 -11.85 15.58 -9.61
N GLY B 393 -12.00 16.37 -8.55
CA GLY B 393 -12.89 17.50 -8.56
C GLY B 393 -14.34 17.12 -8.36
N ILE B 394 -15.17 18.13 -8.15
CA ILE B 394 -16.59 17.92 -7.94
C ILE B 394 -17.24 17.46 -9.24
N ALA B 400 -31.70 16.81 -15.02
CA ALA B 400 -33.08 17.03 -15.46
C ALA B 400 -33.11 17.63 -16.86
N SER B 401 -32.91 16.80 -17.87
CA SER B 401 -32.88 17.27 -19.25
C SER B 401 -34.29 17.59 -19.72
N ILE B 402 -34.57 18.88 -19.94
CA ILE B 402 -35.86 19.35 -20.43
C ILE B 402 -35.57 20.33 -21.57
N ASP B 403 -35.68 19.84 -22.80
CA ASP B 403 -35.31 20.61 -23.99
C ASP B 403 -36.02 21.96 -24.05
N LEU B 404 -35.25 23.04 -23.97
CA LEU B 404 -35.76 24.40 -23.94
C LEU B 404 -34.87 25.28 -24.81
N PRO B 405 -35.39 26.40 -25.30
CA PRO B 405 -34.55 27.34 -26.04
C PRO B 405 -33.49 27.95 -25.13
N GLY B 406 -32.57 28.69 -25.76
CA GLY B 406 -31.50 29.35 -25.04
C GLY B 406 -32.00 30.29 -23.96
N ILE B 407 -31.48 30.12 -22.74
CA ILE B 407 -31.95 30.91 -21.61
C ILE B 407 -31.28 32.27 -21.64
N LYS B 408 -32.08 33.32 -21.77
CA LYS B 408 -31.57 34.69 -21.81
C LYS B 408 -31.46 35.32 -20.43
N GLY B 409 -31.93 34.66 -19.39
CA GLY B 409 -31.83 35.19 -18.04
C GLY B 409 -32.49 34.33 -16.98
N LEU B 410 -31.81 34.15 -15.85
CA LEU B 410 -32.34 33.39 -14.73
C LEU B 410 -31.99 34.12 -13.44
N TRP B 411 -32.93 34.12 -12.49
CA TRP B 411 -32.76 34.90 -11.28
C TRP B 411 -33.71 34.36 -10.22
N PRO B 412 -33.31 34.36 -8.94
CA PRO B 412 -34.24 33.95 -7.88
C PRO B 412 -35.29 35.01 -7.64
N LEU B 413 -36.54 34.68 -7.95
CA LEU B 413 -37.68 35.56 -7.71
C LEU B 413 -38.26 35.20 -6.35
N ARG B 414 -37.74 35.86 -5.31
CA ARG B 414 -38.14 35.57 -3.93
C ARG B 414 -39.44 36.28 -3.62
N SER B 415 -40.54 35.69 -4.12
CA SER B 415 -41.87 36.23 -3.80
C SER B 415 -42.26 35.94 -2.36
N ASP B 416 -41.53 35.07 -1.67
CA ASP B 416 -41.78 34.84 -0.25
C ASP B 416 -41.36 36.07 0.55
N PRO B 417 -42.06 36.38 1.66
CA PRO B 417 -41.73 37.60 2.42
C PRO B 417 -40.29 37.61 2.93
N ASN B 418 -39.90 36.59 3.70
CA ASN B 418 -38.53 36.50 4.19
C ASN B 418 -38.04 35.06 4.28
N ARG B 419 -38.75 34.10 3.66
CA ARG B 419 -38.36 32.70 3.76
C ARG B 419 -37.09 32.38 2.97
N GLU B 420 -36.65 33.28 2.10
CA GLU B 420 -35.45 33.07 1.28
C GLU B 420 -35.54 31.79 0.45
N THR B 421 -36.76 31.47 0.00
CA THR B 421 -37.02 30.32 -0.85
C THR B 421 -37.58 30.80 -2.17
N ASP B 422 -37.01 30.30 -3.27
CA ASP B 422 -37.43 30.72 -4.61
C ASP B 422 -38.76 30.07 -4.95
N ASP B 423 -39.82 30.59 -4.33
CA ASP B 423 -41.16 30.11 -4.61
C ASP B 423 -41.62 30.40 -6.03
N THR B 424 -40.95 31.32 -6.72
CA THR B 424 -41.20 31.60 -8.13
C THR B 424 -39.87 31.76 -8.84
N LEU B 425 -39.84 31.33 -10.10
CA LEU B 425 -38.61 31.39 -10.91
C LEU B 425 -38.98 31.85 -12.31
N VAL B 426 -38.58 33.07 -12.66
CA VAL B 426 -38.91 33.66 -13.96
C VAL B 426 -37.98 33.04 -14.99
N LEU B 427 -38.49 32.05 -15.72
CA LEU B 427 -37.75 31.44 -16.81
C LEU B 427 -38.07 32.13 -18.12
N SER B 428 -37.04 32.67 -18.77
CA SER B 428 -37.22 33.52 -19.94
C SER B 428 -36.50 32.94 -21.15
N PHE B 429 -37.16 33.00 -22.30
CA PHE B 429 -36.58 32.67 -23.59
C PHE B 429 -36.42 33.95 -24.41
N VAL B 430 -36.00 33.78 -25.66
CA VAL B 430 -35.87 34.93 -26.55
C VAL B 430 -37.21 35.55 -26.84
N GLY B 431 -38.23 34.73 -27.10
CA GLY B 431 -39.55 35.23 -27.44
C GLY B 431 -40.64 34.91 -26.43
N GLN B 432 -40.29 34.23 -25.34
CA GLN B 432 -41.26 33.85 -24.34
C GLN B 432 -40.64 33.97 -22.96
N THR B 433 -41.49 34.03 -21.94
CA THR B 433 -41.05 34.14 -20.55
C THR B 433 -42.11 33.53 -19.67
N ARG B 434 -41.72 32.52 -18.87
CA ARG B 434 -42.63 31.81 -17.97
C ARG B 434 -42.05 31.80 -16.57
N VAL B 435 -42.91 32.05 -15.58
CA VAL B 435 -42.49 32.07 -14.18
C VAL B 435 -42.76 30.69 -13.58
N LEU B 436 -41.71 30.06 -13.05
CA LEU B 436 -41.80 28.72 -12.47
C LEU B 436 -42.15 28.85 -11.00
N MET B 437 -43.44 28.74 -10.69
CA MET B 437 -43.88 28.76 -9.29
C MET B 437 -43.41 27.49 -8.58
N LEU B 438 -42.80 27.66 -7.42
CA LEU B 438 -42.23 26.55 -6.65
C LEU B 438 -42.88 26.54 -5.27
N ASN B 439 -44.01 25.84 -5.15
CA ASN B 439 -44.67 25.66 -3.85
C ASN B 439 -43.88 24.63 -3.05
N GLY B 440 -42.80 25.10 -2.44
CA GLY B 440 -41.87 24.21 -1.76
C GLY B 440 -41.00 23.46 -2.75
N GLU B 441 -41.14 22.14 -2.79
CA GLU B 441 -40.44 21.34 -3.79
C GLU B 441 -41.23 21.17 -5.08
N GLU B 442 -42.46 21.68 -5.14
CA GLU B 442 -43.26 21.59 -6.35
C GLU B 442 -42.66 22.45 -7.46
N VAL B 443 -42.93 22.07 -8.71
CA VAL B 443 -42.44 22.78 -9.89
C VAL B 443 -43.61 22.93 -10.85
N GLU B 444 -44.06 24.17 -11.05
CA GLU B 444 -45.14 24.45 -11.98
C GLU B 444 -44.95 25.84 -12.56
N GLU B 445 -45.47 26.04 -13.78
CA GLU B 445 -45.33 27.31 -14.50
C GLU B 445 -46.61 28.11 -14.34
N THR B 446 -46.56 29.15 -13.49
CA THR B 446 -47.66 30.11 -13.35
C THR B 446 -47.04 31.50 -13.41
N GLU B 447 -47.17 32.16 -14.55
CA GLU B 447 -46.58 33.49 -14.72
C GLU B 447 -47.30 34.50 -13.83
N LEU B 448 -46.51 35.31 -13.11
CA LEU B 448 -47.08 36.32 -12.23
C LEU B 448 -47.61 37.49 -13.04
N MET B 449 -48.70 38.09 -12.57
CA MET B 449 -49.33 39.19 -13.29
C MET B 449 -48.47 40.45 -13.29
N GLY B 450 -47.53 40.57 -12.36
CA GLY B 450 -46.70 41.76 -12.27
C GLY B 450 -45.51 41.80 -13.19
N PHE B 451 -45.31 40.78 -14.01
CA PHE B 451 -44.16 40.72 -14.91
C PHE B 451 -44.63 40.37 -16.32
N VAL B 452 -44.12 41.12 -17.30
CA VAL B 452 -44.50 40.91 -18.69
C VAL B 452 -43.71 39.74 -19.28
N ASP B 453 -44.18 39.26 -20.43
CA ASP B 453 -43.54 38.15 -21.12
C ASP B 453 -43.35 38.40 -22.61
N ASP B 454 -43.79 39.54 -23.13
CA ASP B 454 -43.65 39.86 -24.55
C ASP B 454 -42.25 40.32 -24.92
N GLN B 455 -41.41 40.64 -23.96
CA GLN B 455 -40.06 41.09 -24.21
C GLN B 455 -39.07 40.19 -23.49
N GLN B 456 -37.91 40.00 -24.11
CA GLN B 456 -36.86 39.16 -23.54
C GLN B 456 -36.23 39.85 -22.34
N THR B 457 -36.60 39.41 -21.14
CA THR B 457 -36.17 40.10 -19.92
C THR B 457 -34.69 39.85 -19.64
N PHE B 458 -33.99 40.91 -19.23
CA PHE B 458 -32.57 40.85 -18.96
C PHE B 458 -32.22 40.84 -17.47
N PHE B 459 -33.11 41.33 -16.60
CA PHE B 459 -32.82 41.37 -15.18
C PHE B 459 -34.13 41.56 -14.42
N CYS B 460 -34.27 40.80 -13.33
CA CYS B 460 -35.48 40.84 -12.52
C CYS B 460 -35.17 40.81 -11.03
N GLY B 461 -34.14 41.52 -10.60
CA GLY B 461 -33.73 41.52 -9.21
C GLY B 461 -34.59 42.38 -8.31
N ASN B 462 -34.23 42.41 -7.04
CA ASN B 462 -34.91 43.20 -6.03
C ASN B 462 -34.13 44.49 -5.75
N VAL B 463 -34.83 45.49 -5.20
CA VAL B 463 -34.20 46.77 -4.93
C VAL B 463 -34.25 47.09 -3.44
N ALA B 464 -35.45 47.29 -2.90
CA ALA B 464 -35.62 47.69 -1.51
C ALA B 464 -37.10 47.66 -1.17
N HIS B 465 -37.37 47.66 0.14
CA HIS B 465 -38.75 47.58 0.66
C HIS B 465 -39.47 46.34 0.13
N GLN B 466 -38.68 45.34 -0.25
CA GLN B 466 -39.18 44.14 -0.92
C GLN B 466 -40.06 44.53 -2.10
N GLN B 467 -39.53 45.38 -2.97
CA GLN B 467 -40.20 45.75 -4.22
C GLN B 467 -39.25 45.42 -5.37
N LEU B 468 -39.63 44.43 -6.16
CA LEU B 468 -38.76 43.90 -7.19
C LEU B 468 -38.70 44.80 -8.42
N ILE B 469 -37.72 44.55 -9.27
CA ILE B 469 -37.59 45.22 -10.55
C ILE B 469 -37.72 44.18 -11.66
N GLN B 470 -38.04 44.65 -12.86
CA GLN B 470 -38.12 43.78 -14.03
C GLN B 470 -37.58 44.55 -15.22
N ILE B 471 -36.33 44.30 -15.57
CA ILE B 471 -35.66 45.00 -16.66
C ILE B 471 -35.73 44.08 -17.87
N THR B 472 -36.66 44.38 -18.78
CA THR B 472 -36.86 43.59 -19.98
C THR B 472 -36.04 44.17 -21.13
N SER B 473 -36.29 43.72 -22.34
CA SER B 473 -35.65 44.26 -23.53
C SER B 473 -36.53 45.36 -24.14
N ALA B 474 -35.87 46.42 -24.60
CA ALA B 474 -36.47 47.61 -25.19
C ALA B 474 -37.33 48.39 -24.21
N SER B 475 -37.36 48.01 -22.93
CA SER B 475 -38.15 48.71 -21.93
C SER B 475 -37.73 48.23 -20.54
N VAL B 476 -37.90 49.11 -19.56
CA VAL B 476 -37.65 48.79 -18.15
C VAL B 476 -38.93 49.06 -17.38
N ARG B 477 -39.37 48.07 -16.60
CA ARG B 477 -40.66 48.16 -15.89
C ARG B 477 -40.48 47.59 -14.50
N LEU B 478 -40.23 48.47 -13.52
CA LEU B 478 -40.21 48.07 -12.12
C LEU B 478 -41.63 47.80 -11.65
N VAL B 479 -41.83 46.69 -10.95
CA VAL B 479 -43.14 46.32 -10.41
C VAL B 479 -42.94 45.74 -9.02
N SER B 480 -43.60 46.35 -8.03
CA SER B 480 -43.61 45.79 -6.69
C SER B 480 -44.50 44.55 -6.64
N GLN B 481 -43.98 43.47 -6.05
CA GLN B 481 -44.69 42.21 -6.03
C GLN B 481 -45.66 42.10 -4.84
N GLU B 482 -45.11 42.19 -3.63
CA GLU B 482 -45.96 42.08 -2.43
C GLU B 482 -46.97 43.22 -2.33
N PRO B 483 -46.60 44.50 -2.50
CA PRO B 483 -47.65 45.54 -2.58
C PRO B 483 -48.56 45.38 -3.79
N LYS B 484 -48.12 44.67 -4.82
CA LYS B 484 -48.88 44.49 -6.06
C LYS B 484 -49.30 45.82 -6.65
N ALA B 485 -48.36 46.77 -6.66
CA ALA B 485 -48.59 48.09 -7.21
C ALA B 485 -47.38 48.51 -8.03
N LEU B 486 -47.63 49.27 -9.09
CA LEU B 486 -46.56 49.79 -9.95
C LEU B 486 -46.02 51.07 -9.29
N VAL B 487 -45.20 50.87 -8.26
CA VAL B 487 -44.67 52.00 -7.50
C VAL B 487 -43.79 52.88 -8.37
N SER B 488 -43.17 52.30 -9.40
CA SER B 488 -42.34 53.07 -10.32
C SER B 488 -42.33 52.36 -11.67
N GLU B 489 -42.77 53.07 -12.70
CA GLU B 489 -42.80 52.54 -14.07
C GLU B 489 -42.02 53.45 -15.00
N TRP B 490 -40.81 53.82 -14.57
CA TRP B 490 -39.92 54.61 -15.41
C TRP B 490 -39.56 53.80 -16.65
N LYS B 491 -40.10 54.19 -17.79
CA LYS B 491 -39.79 53.51 -19.04
C LYS B 491 -38.45 53.96 -19.58
N GLU B 492 -37.80 53.09 -20.34
CA GLU B 492 -36.48 53.38 -20.87
C GLU B 492 -36.57 54.48 -21.92
N PRO B 493 -35.91 55.62 -21.72
CA PRO B 493 -35.99 56.69 -22.74
C PRO B 493 -35.45 56.27 -24.10
N GLN B 494 -34.38 55.48 -24.12
CA GLN B 494 -33.83 55.02 -25.40
C GLN B 494 -34.65 53.88 -26.01
N ALA B 495 -35.34 53.10 -25.16
CA ALA B 495 -36.21 52.02 -25.61
C ALA B 495 -35.44 50.96 -26.41
N LYS B 496 -34.17 50.76 -26.11
CA LYS B 496 -33.36 49.75 -26.75
C LYS B 496 -33.18 48.55 -25.82
N ASN B 497 -32.69 47.45 -26.40
CA ASN B 497 -32.42 46.25 -25.63
C ASN B 497 -31.40 46.54 -24.54
N ILE B 498 -31.82 46.41 -23.28
CA ILE B 498 -30.95 46.75 -22.14
C ILE B 498 -30.14 45.49 -21.85
N SER B 499 -29.05 45.33 -22.61
CA SER B 499 -28.21 44.15 -22.46
C SER B 499 -27.44 44.16 -21.13
N VAL B 500 -27.20 45.33 -20.56
CA VAL B 500 -26.49 45.47 -19.29
C VAL B 500 -27.46 46.07 -18.28
N ALA B 501 -27.70 45.34 -17.19
CA ALA B 501 -28.61 45.80 -16.14
C ALA B 501 -28.01 45.38 -14.81
N SER B 502 -27.24 46.28 -14.19
CA SER B 502 -26.58 45.99 -12.93
C SER B 502 -27.36 46.59 -11.77
N CYS B 503 -27.52 45.80 -10.70
CA CYS B 503 -28.24 46.25 -9.52
C CYS B 503 -27.73 45.50 -8.31
N ASN B 504 -27.61 46.21 -7.20
CA ASN B 504 -27.21 45.61 -5.93
C ASN B 504 -27.75 46.47 -4.80
N SER B 505 -28.43 45.84 -3.84
CA SER B 505 -29.06 46.51 -2.71
C SER B 505 -30.01 47.56 -3.26
N SER B 506 -29.92 48.83 -2.85
CA SER B 506 -30.87 49.86 -3.24
C SER B 506 -30.29 50.81 -4.29
N GLN B 507 -29.51 50.28 -5.22
CA GLN B 507 -29.00 51.07 -6.34
C GLN B 507 -28.99 50.22 -7.60
N VAL B 508 -29.38 50.84 -8.72
CA VAL B 508 -29.39 50.20 -10.02
C VAL B 508 -28.69 51.10 -11.01
N VAL B 509 -27.68 50.57 -11.70
CA VAL B 509 -26.92 51.31 -12.71
C VAL B 509 -26.98 50.49 -13.99
N VAL B 510 -27.92 50.84 -14.87
CA VAL B 510 -28.12 50.09 -16.11
C VAL B 510 -27.32 50.74 -17.23
N ALA B 511 -26.99 49.94 -18.24
CA ALA B 511 -26.30 50.41 -19.44
C ALA B 511 -27.06 49.87 -20.64
N VAL B 512 -27.87 50.73 -21.26
CA VAL B 512 -28.73 50.32 -22.38
C VAL B 512 -27.86 50.39 -23.63
N GLY B 513 -27.15 49.30 -23.89
CA GLY B 513 -26.32 49.20 -25.08
C GLY B 513 -25.03 49.97 -24.96
N ARG B 514 -25.12 51.30 -25.03
CA ARG B 514 -23.93 52.15 -24.95
C ARG B 514 -24.21 53.42 -24.14
N ALA B 515 -25.12 53.36 -23.17
CA ALA B 515 -25.56 54.54 -22.44
C ALA B 515 -25.56 54.24 -20.94
N LEU B 516 -24.61 54.82 -20.22
CA LEU B 516 -24.59 54.74 -18.76
C LEU B 516 -25.40 55.88 -18.16
N TYR B 517 -26.17 55.56 -17.12
CA TYR B 517 -26.94 56.55 -16.39
C TYR B 517 -26.65 56.45 -14.91
N TYR B 518 -26.41 57.59 -14.28
CA TYR B 518 -26.29 57.65 -12.82
C TYR B 518 -27.68 57.71 -12.21
N LEU B 519 -28.12 56.60 -11.62
CA LEU B 519 -29.47 56.48 -11.09
C LEU B 519 -29.43 56.20 -9.60
N GLN B 520 -30.22 56.95 -8.84
CA GLN B 520 -30.45 56.67 -7.42
C GLN B 520 -31.76 55.91 -7.27
N ILE B 521 -31.76 54.69 -7.81
CA ILE B 521 -32.98 53.89 -7.89
C ILE B 521 -33.41 53.49 -6.48
N HIS B 522 -34.54 54.01 -6.05
CA HIS B 522 -35.12 53.73 -4.74
C HIS B 522 -36.60 53.44 -4.94
N PRO B 523 -37.24 52.77 -4.00
CA PRO B 523 -38.69 52.56 -4.09
C PRO B 523 -39.42 53.88 -4.25
N GLN B 524 -40.29 53.94 -5.27
CA GLN B 524 -41.01 55.14 -5.65
C GLN B 524 -40.08 56.29 -6.02
N GLU B 525 -38.85 55.97 -6.44
CA GLU B 525 -37.88 57.00 -6.83
C GLU B 525 -36.97 56.39 -7.89
N LEU B 526 -37.33 56.62 -9.16
CA LEU B 526 -36.57 56.15 -10.32
C LEU B 526 -36.23 57.38 -11.15
N ARG B 527 -35.08 57.99 -10.86
CA ARG B 527 -34.69 59.27 -11.43
C ARG B 527 -33.58 59.08 -12.46
N GLN B 528 -33.73 59.76 -13.60
CA GLN B 528 -32.72 59.74 -14.67
C GLN B 528 -31.84 60.98 -14.52
N ILE B 529 -30.92 60.91 -13.56
CA ILE B 529 -30.04 62.04 -13.28
C ILE B 529 -29.08 62.27 -14.43
N SER B 530 -28.47 61.21 -14.94
CA SER B 530 -27.48 61.30 -16.01
C SER B 530 -27.92 60.48 -17.21
N HIS B 531 -27.45 60.89 -18.39
CA HIS B 531 -27.74 60.19 -19.63
C HIS B 531 -26.50 60.13 -20.51
N THR B 532 -25.35 59.81 -19.91
CA THR B 532 -24.11 59.75 -20.67
C THR B 532 -24.15 58.62 -21.69
N GLU B 533 -23.76 58.94 -22.92
CA GLU B 533 -23.78 58.00 -24.03
C GLU B 533 -22.46 58.05 -24.78
N MET B 534 -21.83 56.90 -24.97
CA MET B 534 -20.61 56.79 -25.76
C MET B 534 -20.90 55.98 -27.02
N GLU B 535 -20.00 56.11 -28.00
CA GLU B 535 -20.13 55.36 -29.24
C GLU B 535 -19.91 53.86 -29.03
N HIS B 536 -18.93 53.52 -28.19
CA HIS B 536 -18.58 52.11 -28.00
C HIS B 536 -19.70 51.36 -27.29
N GLU B 537 -19.98 50.16 -27.77
CA GLU B 537 -21.01 49.33 -27.17
C GLU B 537 -20.54 48.80 -25.81
N VAL B 538 -21.50 48.58 -24.93
CA VAL B 538 -21.23 48.05 -23.59
C VAL B 538 -21.93 46.69 -23.52
N ALA B 539 -21.16 45.62 -23.75
CA ALA B 539 -21.71 44.28 -23.68
C ALA B 539 -21.91 43.80 -22.24
N CYS B 540 -21.02 44.19 -21.33
CA CYS B 540 -21.12 43.78 -19.93
C CYS B 540 -20.60 44.89 -19.04
N LEU B 541 -21.27 45.08 -17.90
CA LEU B 541 -20.90 46.07 -16.91
C LEU B 541 -21.65 45.77 -15.62
N ASP B 542 -20.97 45.90 -14.49
CA ASP B 542 -21.59 45.60 -13.20
C ASP B 542 -21.04 46.53 -12.15
N ILE B 543 -21.90 46.92 -11.20
CA ILE B 543 -21.53 47.74 -10.06
C ILE B 543 -21.69 46.91 -8.80
N THR B 544 -20.65 46.88 -7.96
CA THR B 544 -20.65 46.06 -6.77
C THR B 544 -20.00 46.84 -5.63
N PRO B 545 -20.63 46.88 -4.46
CA PRO B 545 -20.03 47.59 -3.31
C PRO B 545 -18.80 46.86 -2.82
N LEU B 546 -17.92 47.62 -2.16
CA LEU B 546 -16.69 47.05 -1.61
C LEU B 546 -16.94 46.05 -0.49
N GLY B 547 -18.12 46.10 0.14
CA GLY B 547 -18.40 45.25 1.27
C GLY B 547 -19.74 45.54 1.91
N ASP B 548 -19.75 45.70 3.23
CA ASP B 548 -20.98 45.96 3.98
C ASP B 548 -21.61 47.30 3.63
N SER B 549 -20.90 48.19 2.94
CA SER B 549 -21.47 49.46 2.53
C SER B 549 -22.65 49.24 1.60
N ASN B 550 -23.65 50.11 1.72
CA ASN B 550 -24.91 49.96 0.98
C ASN B 550 -24.72 50.48 -0.44
N GLY B 551 -24.12 49.63 -1.27
CA GLY B 551 -23.98 49.95 -2.68
C GLY B 551 -23.00 51.07 -2.99
N LEU B 552 -22.02 51.31 -2.13
CA LEU B 552 -21.05 52.36 -2.33
C LEU B 552 -19.77 51.75 -2.93
N SER B 553 -19.42 52.19 -4.14
CA SER B 553 -18.21 51.73 -4.81
C SER B 553 -17.41 52.95 -5.26
N PRO B 554 -16.46 53.41 -4.44
CA PRO B 554 -15.66 54.59 -4.82
C PRO B 554 -14.92 54.43 -6.14
N LEU B 555 -14.46 53.23 -6.46
CA LEU B 555 -13.73 52.98 -7.69
C LEU B 555 -14.59 52.18 -8.66
N CYS B 556 -14.36 52.41 -9.96
CA CYS B 556 -15.09 51.73 -11.01
C CYS B 556 -14.15 51.47 -12.17
N ALA B 557 -14.50 50.49 -13.00
CA ALA B 557 -13.70 50.11 -14.14
C ALA B 557 -14.58 50.00 -15.38
N ILE B 558 -14.01 50.35 -16.53
CA ILE B 558 -14.70 50.27 -17.81
C ILE B 558 -13.76 49.64 -18.83
N GLY B 559 -14.30 48.70 -19.61
CA GLY B 559 -13.53 48.03 -20.64
C GLY B 559 -13.57 48.76 -21.97
N LEU B 560 -12.84 48.19 -22.94
CA LEU B 560 -12.78 48.75 -24.28
C LEU B 560 -13.15 47.70 -25.32
N TRP B 561 -12.96 48.03 -26.60
CA TRP B 561 -13.32 47.15 -27.69
C TRP B 561 -12.12 46.65 -28.49
N THR B 562 -11.24 47.56 -28.93
CA THR B 562 -10.10 47.16 -29.73
C THR B 562 -9.17 46.22 -28.96
N ASP B 563 -8.89 46.55 -27.69
CA ASP B 563 -8.04 45.73 -26.86
C ASP B 563 -8.64 45.45 -25.48
N ILE B 564 -9.85 45.96 -25.20
CA ILE B 564 -10.51 45.80 -23.91
C ILE B 564 -9.58 46.25 -22.80
N SER B 565 -9.16 47.51 -22.85
CA SER B 565 -8.30 48.08 -21.81
C SER B 565 -9.16 48.49 -20.62
N ALA B 566 -9.02 47.78 -19.51
CA ALA B 566 -9.78 48.06 -18.29
C ALA B 566 -9.20 49.32 -17.65
N ARG B 567 -9.75 50.47 -18.03
CA ARG B 567 -9.26 51.74 -17.50
C ARG B 567 -9.51 51.81 -16.00
N ILE B 568 -8.49 52.20 -15.26
CA ILE B 568 -8.56 52.33 -13.80
C ILE B 568 -8.18 53.77 -13.46
N LEU B 569 -9.06 54.45 -12.73
CA LEU B 569 -8.86 55.85 -12.37
C LEU B 569 -8.96 56.00 -10.85
N LYS B 570 -8.07 56.81 -10.29
CA LYS B 570 -8.08 57.07 -8.86
C LYS B 570 -9.21 58.05 -8.54
N LEU B 571 -10.03 57.71 -7.56
CA LEU B 571 -11.17 58.57 -7.20
C LEU B 571 -10.76 59.96 -6.76
N PRO B 572 -9.77 60.16 -5.87
CA PRO B 572 -9.45 61.52 -5.44
C PRO B 572 -8.94 62.42 -6.55
N SER B 573 -8.44 61.86 -7.64
CA SER B 573 -7.77 62.64 -8.68
C SER B 573 -8.46 62.61 -10.03
N PHE B 574 -8.94 61.45 -10.47
CA PHE B 574 -9.43 61.27 -11.84
C PHE B 574 -8.37 61.68 -12.87
N GLU B 575 -7.11 61.36 -12.59
CA GLU B 575 -6.00 61.69 -13.46
C GLU B 575 -5.20 60.44 -13.77
N LEU B 576 -4.26 60.58 -14.70
CA LEU B 576 -3.48 59.44 -15.16
C LEU B 576 -2.34 59.16 -14.18
N LEU B 577 -2.25 57.91 -13.74
CA LEU B 577 -1.16 57.46 -12.87
C LEU B 577 -0.28 56.41 -13.53
N HIS B 578 -0.88 55.44 -14.22
CA HIS B 578 -0.12 54.41 -14.92
C HIS B 578 -1.02 53.80 -15.99
N LYS B 579 -0.63 53.97 -17.25
CA LYS B 579 -1.39 53.40 -18.35
C LYS B 579 -1.29 51.88 -18.34
N GLU B 580 -2.40 51.23 -18.68
CA GLU B 580 -2.50 49.78 -18.66
C GLU B 580 -2.98 49.30 -20.03
N MET B 581 -2.36 48.22 -20.52
CA MET B 581 -2.68 47.65 -21.82
C MET B 581 -2.88 46.14 -21.69
N LEU B 582 -3.84 45.61 -22.44
CA LEU B 582 -4.17 44.19 -22.41
C LEU B 582 -4.31 43.65 -23.83
N GLY B 583 -4.05 42.35 -23.98
CA GLY B 583 -4.22 41.70 -25.25
C GLY B 583 -5.64 41.18 -25.46
N GLY B 584 -5.84 40.58 -26.63
CA GLY B 584 -7.15 40.03 -26.96
C GLY B 584 -7.96 40.92 -27.87
N GLU B 585 -8.32 40.41 -29.05
CA GLU B 585 -9.12 41.19 -29.99
C GLU B 585 -10.61 40.91 -29.83
N ILE B 586 -10.98 39.66 -29.59
CA ILE B 586 -12.38 39.30 -29.43
C ILE B 586 -12.91 39.88 -28.14
N ILE B 587 -14.13 40.41 -28.19
CA ILE B 587 -14.73 41.04 -27.00
C ILE B 587 -15.00 39.97 -25.95
N PRO B 588 -14.80 40.26 -24.67
CA PRO B 588 -15.12 39.27 -23.63
C PRO B 588 -16.60 39.01 -23.54
N ARG B 589 -16.95 37.77 -23.20
CA ARG B 589 -18.36 37.42 -23.01
C ARG B 589 -18.91 38.02 -21.72
N SER B 590 -18.11 38.04 -20.66
CA SER B 590 -18.55 38.56 -19.38
C SER B 590 -17.36 39.11 -18.61
N ILE B 591 -17.58 40.23 -17.91
CA ILE B 591 -16.59 40.83 -17.02
C ILE B 591 -17.18 40.81 -15.62
N LEU B 592 -16.48 40.20 -14.68
CA LEU B 592 -16.98 40.03 -13.32
C LEU B 592 -15.94 40.51 -12.32
N MET B 593 -16.36 41.34 -11.36
CA MET B 593 -15.55 41.65 -10.21
C MET B 593 -15.74 40.57 -9.15
N THR B 594 -14.65 39.92 -8.75
CA THR B 594 -14.71 38.80 -7.82
C THR B 594 -13.96 39.13 -6.53
N THR B 595 -14.55 38.73 -5.42
CA THR B 595 -13.96 38.99 -4.10
C THR B 595 -14.21 37.78 -3.21
N PHE B 596 -13.20 36.93 -3.07
CA PHE B 596 -13.22 35.82 -2.12
C PHE B 596 -12.30 36.07 -0.93
N GLU B 597 -11.14 36.67 -1.17
CA GLU B 597 -10.19 37.03 -0.15
C GLU B 597 -10.07 38.55 -0.06
N SER B 598 -9.11 39.03 0.72
CA SER B 598 -8.88 40.47 0.81
C SER B 598 -8.55 41.06 -0.55
N SER B 599 -7.71 40.39 -1.33
CA SER B 599 -7.42 40.84 -2.68
C SER B 599 -8.56 40.46 -3.63
N HIS B 600 -8.89 41.37 -4.53
CA HIS B 600 -9.95 41.17 -5.50
C HIS B 600 -9.38 40.81 -6.87
N TYR B 601 -10.18 40.12 -7.66
CA TYR B 601 -9.75 39.62 -8.96
C TYR B 601 -10.84 39.93 -9.99
N LEU B 602 -10.47 40.67 -11.03
CA LEU B 602 -11.42 41.04 -12.08
C LEU B 602 -11.30 40.03 -13.20
N LEU B 603 -12.20 39.04 -13.20
CA LEU B 603 -12.19 38.02 -14.24
C LEU B 603 -12.58 38.63 -15.59
N CYS B 604 -11.91 38.19 -16.65
CA CYS B 604 -12.18 38.63 -18.01
C CYS B 604 -12.48 37.39 -18.85
N ALA B 605 -13.74 36.98 -18.86
CA ALA B 605 -14.16 35.79 -19.60
C ALA B 605 -14.36 36.15 -21.07
N LEU B 606 -13.37 35.81 -21.89
CA LEU B 606 -13.46 36.06 -23.32
C LEU B 606 -14.36 35.04 -24.00
N GLY B 607 -14.68 35.32 -25.27
CA GLY B 607 -15.51 34.41 -26.04
C GLY B 607 -14.81 33.12 -26.42
N ASP B 608 -13.48 33.12 -26.46
CA ASP B 608 -12.73 31.92 -26.79
C ASP B 608 -12.51 31.01 -25.59
N GLY B 609 -12.89 31.44 -24.39
CA GLY B 609 -12.73 30.67 -23.18
C GLY B 609 -11.59 31.11 -22.30
N ALA B 610 -10.64 31.89 -22.84
CA ALA B 610 -9.53 32.37 -22.03
C ALA B 610 -10.02 33.38 -21.00
N LEU B 611 -9.59 33.20 -19.76
CA LEU B 611 -9.98 34.06 -18.65
C LEU B 611 -8.76 34.79 -18.12
N PHE B 612 -8.84 36.12 -18.07
CA PHE B 612 -7.76 36.98 -17.58
C PHE B 612 -8.25 37.64 -16.29
N TYR B 613 -8.04 36.98 -15.16
CA TYR B 613 -8.49 37.50 -13.86
C TYR B 613 -7.42 38.43 -13.30
N PHE B 614 -7.46 39.68 -13.75
CA PHE B 614 -6.57 40.69 -13.21
C PHE B 614 -6.87 40.94 -11.74
N GLY B 615 -5.82 41.21 -10.97
CA GLY B 615 -6.00 41.45 -9.55
C GLY B 615 -6.33 42.90 -9.25
N LEU B 616 -7.61 43.17 -9.07
CA LEU B 616 -8.07 44.52 -8.74
C LEU B 616 -7.89 44.79 -7.26
N ASN B 617 -7.46 46.01 -6.94
CA ASN B 617 -7.19 46.39 -5.55
C ASN B 617 -7.93 47.67 -5.23
N ILE B 618 -8.52 47.73 -4.03
CA ILE B 618 -9.16 48.96 -3.58
C ILE B 618 -8.12 50.07 -3.42
N GLU B 619 -6.89 49.69 -3.04
CA GLU B 619 -5.83 50.68 -2.89
C GLU B 619 -5.38 51.24 -4.24
N THR B 620 -5.16 50.36 -5.22
CA THR B 620 -4.66 50.79 -6.53
C THR B 620 -5.62 50.49 -7.66
N GLY B 621 -6.08 49.24 -7.80
CA GLY B 621 -6.94 48.85 -8.90
C GLY B 621 -6.22 48.52 -10.18
N LEU B 622 -4.90 48.67 -10.24
CA LEU B 622 -4.16 48.37 -11.45
C LEU B 622 -4.24 46.88 -11.79
N LEU B 623 -4.25 46.59 -13.08
CA LEU B 623 -4.35 45.21 -13.54
C LEU B 623 -3.08 44.45 -13.20
N SER B 624 -3.23 43.37 -12.44
CA SER B 624 -2.11 42.57 -11.98
C SER B 624 -1.65 41.66 -13.11
N ASP B 625 -0.82 40.66 -12.78
CA ASP B 625 -0.33 39.72 -13.78
C ASP B 625 -1.49 39.01 -14.47
N ARG B 626 -1.32 38.74 -15.76
CA ARG B 626 -2.39 38.19 -16.59
C ARG B 626 -2.17 36.70 -16.77
N LYS B 627 -2.48 35.94 -15.72
CA LYS B 627 -2.49 34.49 -15.83
C LYS B 627 -3.73 34.04 -16.59
N LYS B 628 -3.52 33.17 -17.58
CA LYS B 628 -4.56 32.77 -18.51
C LYS B 628 -5.03 31.36 -18.16
N VAL B 629 -6.33 31.22 -17.90
CA VAL B 629 -6.97 29.92 -17.73
C VAL B 629 -7.83 29.69 -18.96
N THR B 630 -7.48 28.68 -19.74
CA THR B 630 -8.16 28.42 -21.00
C THR B 630 -9.41 27.59 -20.79
N LEU B 631 -10.36 27.75 -21.70
CA LEU B 631 -11.60 26.98 -21.69
C LEU B 631 -11.99 26.71 -23.15
N GLY B 632 -13.17 26.15 -23.34
CA GLY B 632 -13.66 25.87 -24.68
C GLY B 632 -14.08 27.14 -25.40
N THR B 633 -14.32 26.97 -26.71
CA THR B 633 -14.74 28.09 -27.54
C THR B 633 -16.15 28.57 -27.19
N GLN B 634 -16.92 27.82 -26.40
CA GLN B 634 -18.23 28.27 -26.00
C GLN B 634 -18.12 29.50 -25.10
N PRO B 635 -19.04 30.44 -25.21
CA PRO B 635 -18.97 31.65 -24.38
C PRO B 635 -19.07 31.32 -22.90
N THR B 636 -18.36 32.09 -22.08
CA THR B 636 -18.30 31.89 -20.64
C THR B 636 -18.93 33.08 -19.93
N VAL B 637 -19.89 32.80 -19.05
CA VAL B 637 -20.59 33.83 -18.29
C VAL B 637 -20.25 33.63 -16.82
N LEU B 638 -19.76 34.69 -16.18
CA LEU B 638 -19.36 34.65 -14.79
C LEU B 638 -20.39 35.36 -13.90
N ARG B 639 -20.67 34.75 -12.75
CA ARG B 639 -21.62 35.34 -11.81
C ARG B 639 -21.35 34.80 -10.41
N THR B 640 -21.71 35.61 -9.42
CA THR B 640 -21.56 35.23 -8.02
C THR B 640 -22.68 34.28 -7.61
N PHE B 641 -22.33 33.28 -6.81
CA PHE B 641 -23.29 32.30 -6.32
C PHE B 641 -23.10 32.12 -4.82
N ARG B 642 -24.21 31.79 -4.13
CA ARG B 642 -24.24 31.73 -2.67
C ARG B 642 -24.09 30.27 -2.24
N SER B 643 -22.97 29.96 -1.59
CA SER B 643 -22.73 28.65 -1.00
C SER B 643 -22.55 28.73 0.50
N LEU B 644 -21.67 29.60 0.98
CA LEU B 644 -21.43 29.78 2.41
C LEU B 644 -21.59 31.24 2.80
N SER B 645 -21.20 31.59 4.02
CA SER B 645 -21.29 32.98 4.46
C SER B 645 -20.39 33.89 3.62
N THR B 646 -19.36 33.34 3.00
CA THR B 646 -18.47 34.09 2.12
C THR B 646 -18.91 33.87 0.68
N THR B 647 -19.06 34.96 -0.07
CA THR B 647 -19.54 34.88 -1.44
C THR B 647 -18.50 34.21 -2.34
N ASN B 648 -19.00 33.60 -3.41
CA ASN B 648 -18.15 32.89 -4.37
C ASN B 648 -18.80 32.95 -5.74
N VAL B 649 -17.99 32.74 -6.77
CA VAL B 649 -18.45 32.81 -8.14
C VAL B 649 -18.57 31.40 -8.70
N PHE B 650 -19.28 31.27 -9.82
CA PHE B 650 -19.51 29.97 -10.47
C PHE B 650 -19.53 30.22 -11.97
N ALA B 651 -18.41 29.91 -12.63
CA ALA B 651 -18.30 30.08 -14.07
C ALA B 651 -19.16 29.05 -14.79
N CYS B 652 -19.48 29.35 -16.05
CA CYS B 652 -20.31 28.48 -16.87
C CYS B 652 -19.76 28.45 -18.28
N SER B 653 -19.45 27.26 -18.78
CA SER B 653 -18.93 27.07 -20.12
C SER B 653 -19.17 25.61 -20.52
N ASP B 654 -18.59 25.20 -21.65
CA ASP B 654 -18.66 23.80 -22.05
C ASP B 654 -17.98 22.89 -21.04
N ARG B 655 -17.07 23.43 -20.24
CA ARG B 655 -16.48 22.72 -19.10
C ARG B 655 -16.67 23.62 -17.89
N PRO B 656 -17.83 23.51 -17.22
CA PRO B 656 -18.09 24.39 -16.07
C PRO B 656 -17.07 24.19 -14.96
N THR B 657 -16.60 25.30 -14.41
CA THR B 657 -15.61 25.30 -13.34
C THR B 657 -16.15 26.07 -12.15
N VAL B 658 -16.03 25.49 -10.96
CA VAL B 658 -16.31 26.19 -9.72
C VAL B 658 -14.99 26.85 -9.28
N ILE B 659 -14.95 28.17 -9.30
CA ILE B 659 -13.73 28.91 -8.93
C ILE B 659 -13.79 29.09 -7.42
N TYR B 660 -13.38 28.05 -6.71
CA TYR B 660 -13.37 28.04 -5.25
C TYR B 660 -11.94 28.34 -4.83
N SER B 661 -11.64 29.62 -4.60
CA SER B 661 -10.28 30.06 -4.34
C SER B 661 -9.90 29.83 -2.89
N SER B 662 -8.70 29.30 -2.68
CA SER B 662 -8.14 29.13 -1.35
C SER B 662 -7.38 30.39 -0.94
N ASN B 663 -6.63 30.30 0.15
CA ASN B 663 -5.88 31.43 0.65
C ASN B 663 -4.75 31.82 -0.30
N HIS B 664 -4.83 33.04 -0.86
CA HIS B 664 -3.81 33.58 -1.74
C HIS B 664 -3.57 32.69 -2.96
N LYS B 665 -4.61 32.02 -3.42
CA LYS B 665 -4.51 31.15 -4.59
C LYS B 665 -5.91 30.91 -5.13
N LEU B 666 -6.02 30.89 -6.46
CA LEU B 666 -7.31 30.78 -7.15
C LEU B 666 -7.38 29.39 -7.80
N VAL B 667 -8.29 28.56 -7.30
CA VAL B 667 -8.49 27.21 -7.80
C VAL B 667 -9.62 27.23 -8.84
N PHE B 668 -9.40 26.55 -9.95
CA PHE B 668 -10.38 26.49 -11.04
C PHE B 668 -10.89 25.07 -11.23
N SER B 669 -11.22 24.39 -10.14
CA SER B 669 -11.67 23.01 -10.20
C SER B 669 -12.92 22.88 -11.06
N ASN B 670 -13.00 21.81 -11.84
CA ASN B 670 -14.09 21.57 -12.77
C ASN B 670 -15.19 20.78 -12.07
N VAL B 671 -16.36 21.40 -11.92
CA VAL B 671 -17.52 20.71 -11.36
C VAL B 671 -18.04 19.70 -12.39
N ASN B 672 -18.58 18.59 -11.89
CA ASN B 672 -19.00 17.49 -12.76
C ASN B 672 -20.29 17.83 -13.51
N LEU B 673 -20.21 18.79 -14.42
CA LEU B 673 -21.33 19.18 -15.26
C LEU B 673 -20.93 19.08 -16.71
N LYS B 674 -21.82 18.54 -17.54
CA LYS B 674 -21.50 18.32 -18.95
C LYS B 674 -21.36 19.64 -19.70
N GLU B 675 -22.31 20.56 -19.50
CA GLU B 675 -22.31 21.81 -20.23
C GLU B 675 -23.25 22.79 -19.54
N VAL B 676 -22.73 23.97 -19.18
CA VAL B 676 -23.52 25.01 -18.53
C VAL B 676 -23.13 26.36 -19.11
N ASN B 677 -24.12 27.20 -19.38
CA ASN B 677 -23.88 28.58 -19.79
C ASN B 677 -24.65 29.60 -18.96
N TYR B 678 -25.82 29.24 -18.43
CA TYR B 678 -26.62 30.16 -17.64
C TYR B 678 -27.15 29.43 -16.41
N MET B 679 -27.11 30.10 -15.27
CA MET B 679 -27.45 29.49 -14.00
C MET B 679 -27.79 30.59 -13.01
N CYS B 680 -28.54 30.24 -11.97
CA CYS B 680 -28.85 31.15 -10.89
C CYS B 680 -28.61 30.44 -9.56
N PRO B 681 -28.18 31.17 -8.52
CA PRO B 681 -27.97 30.54 -7.22
C PRO B 681 -29.27 30.03 -6.63
N LEU B 682 -29.16 28.93 -5.88
CA LEU B 682 -30.34 28.31 -5.27
C LEU B 682 -29.89 27.40 -4.14
N ASN B 683 -30.38 27.66 -2.94
CA ASN B 683 -30.13 26.83 -1.77
C ASN B 683 -31.45 26.42 -1.12
N SER B 684 -32.44 26.11 -1.94
CA SER B 684 -33.76 25.74 -1.44
C SER B 684 -33.73 24.34 -0.83
N ASP B 685 -34.86 23.96 -0.23
CA ASP B 685 -34.96 22.65 0.42
C ASP B 685 -34.88 21.52 -0.59
N GLY B 686 -35.43 21.70 -1.79
CA GLY B 686 -35.42 20.63 -2.78
C GLY B 686 -34.02 20.26 -3.23
N TYR B 687 -33.18 21.27 -3.48
CA TYR B 687 -31.81 21.07 -3.94
C TYR B 687 -30.88 21.94 -3.08
N PRO B 688 -30.63 21.53 -1.83
CA PRO B 688 -29.78 22.36 -0.95
C PRO B 688 -28.37 22.56 -1.47
N ASP B 689 -27.79 21.54 -2.10
CA ASP B 689 -26.43 21.62 -2.61
C ASP B 689 -26.35 21.77 -4.12
N SER B 690 -27.45 21.63 -4.83
CA SER B 690 -27.48 21.75 -6.29
C SER B 690 -28.10 23.08 -6.67
N LEU B 691 -27.28 23.96 -7.25
CA LEU B 691 -27.78 25.24 -7.72
C LEU B 691 -28.74 25.05 -8.89
N ALA B 692 -29.66 25.98 -9.06
CA ALA B 692 -30.57 25.97 -10.20
C ALA B 692 -29.73 26.21 -11.45
N LEU B 693 -29.50 25.16 -12.22
CA LEU B 693 -28.43 25.11 -13.22
C LEU B 693 -29.01 24.74 -14.59
N ALA B 694 -29.31 25.76 -15.39
CA ALA B 694 -29.77 25.53 -16.75
C ALA B 694 -28.60 25.13 -17.65
N ASN B 695 -28.87 24.18 -18.54
CA ASN B 695 -27.89 23.70 -19.49
C ASN B 695 -27.90 24.60 -20.73
N ASN B 696 -27.22 24.17 -21.80
CA ASN B 696 -27.25 24.91 -23.05
C ASN B 696 -28.66 24.97 -23.62
N SER B 697 -29.38 23.84 -23.58
CA SER B 697 -30.73 23.80 -24.12
C SER B 697 -31.71 23.02 -23.24
N THR B 698 -31.31 22.65 -22.02
CA THR B 698 -32.20 21.95 -21.11
C THR B 698 -32.15 22.62 -19.74
N LEU B 699 -33.31 22.69 -19.09
CA LEU B 699 -33.41 23.30 -17.77
C LEU B 699 -33.24 22.22 -16.71
N THR B 700 -32.07 22.21 -16.07
CA THR B 700 -31.76 21.28 -14.99
C THR B 700 -31.59 22.05 -13.70
N ILE B 701 -31.43 21.31 -12.60
CA ILE B 701 -31.10 21.91 -11.31
C ILE B 701 -29.93 21.15 -10.71
N GLY B 702 -28.72 21.65 -10.93
CA GLY B 702 -27.52 20.99 -10.44
C GLY B 702 -27.18 19.73 -11.21
N GLN B 708 -17.14 14.03 -1.99
CA GLN B 708 -15.89 14.75 -1.77
C GLN B 708 -15.28 15.20 -3.09
N LYS B 709 -14.04 15.67 -3.03
CA LYS B 709 -13.35 16.09 -4.24
C LYS B 709 -13.02 14.91 -5.14
N LEU B 710 -12.87 13.72 -4.58
CA LEU B 710 -12.51 12.52 -5.32
C LEU B 710 -13.78 11.67 -5.47
N HIS B 711 -14.57 11.99 -6.50
CA HIS B 711 -15.82 11.29 -6.73
C HIS B 711 -15.58 9.90 -7.30
N ILE B 712 -16.26 8.91 -6.73
CA ILE B 712 -16.07 7.51 -7.09
C ILE B 712 -17.41 6.96 -7.56
N ARG B 713 -17.45 6.53 -8.82
CA ARG B 713 -18.58 5.76 -9.34
C ARG B 713 -18.29 4.28 -9.17
N THR B 714 -19.36 3.48 -9.20
CA THR B 714 -19.26 2.05 -9.00
C THR B 714 -19.96 1.30 -10.12
N VAL B 715 -19.26 0.35 -10.73
CA VAL B 715 -19.85 -0.53 -11.73
C VAL B 715 -19.66 -1.97 -11.25
N PRO B 716 -20.62 -2.53 -10.52
CA PRO B 716 -20.44 -3.88 -9.98
C PRO B 716 -20.26 -4.91 -11.09
N LEU B 717 -19.37 -5.86 -10.85
CA LEU B 717 -19.10 -6.94 -11.79
C LEU B 717 -19.43 -8.32 -11.25
N TYR B 718 -19.51 -8.49 -9.93
CA TYR B 718 -19.78 -9.78 -9.28
C TYR B 718 -18.72 -10.82 -9.63
N GLU B 719 -17.53 -10.38 -10.03
CA GLU B 719 -16.39 -11.26 -10.22
C GLU B 719 -15.13 -10.42 -10.10
N SER B 720 -14.00 -11.09 -9.90
CA SER B 720 -12.76 -10.40 -9.61
C SER B 720 -12.12 -9.91 -10.90
N PRO B 721 -11.96 -8.61 -11.09
CA PRO B 721 -11.22 -8.11 -12.26
C PRO B 721 -9.72 -8.21 -12.03
N ARG B 722 -8.98 -8.41 -13.11
CA ARG B 722 -7.55 -8.61 -13.03
C ARG B 722 -6.75 -7.50 -13.67
N LYS B 723 -7.02 -7.16 -14.93
CA LYS B 723 -6.31 -6.09 -15.62
C LYS B 723 -7.29 -5.32 -16.50
N ILE B 724 -6.97 -4.06 -16.75
CA ILE B 724 -7.80 -3.19 -17.57
C ILE B 724 -6.93 -2.44 -18.57
N CYS B 725 -7.56 -2.00 -19.64
CA CYS B 725 -6.90 -1.16 -20.64
C CYS B 725 -7.97 -0.42 -21.42
N TYR B 726 -7.55 0.65 -22.09
CA TYR B 726 -8.46 1.50 -22.85
C TYR B 726 -8.14 1.40 -24.34
N GLN B 727 -9.19 1.45 -25.16
CA GLN B 727 -9.07 1.42 -26.61
C GLN B 727 -9.86 2.60 -27.16
N GLU B 728 -9.13 3.65 -27.56
CA GLU B 728 -9.80 4.88 -28.02
C GLU B 728 -10.55 4.64 -29.33
N VAL B 729 -10.02 3.80 -30.20
CA VAL B 729 -10.65 3.58 -31.51
C VAL B 729 -12.03 2.97 -31.34
N SER B 730 -12.14 1.94 -30.51
CA SER B 730 -13.42 1.27 -30.29
C SER B 730 -14.25 1.91 -29.19
N GLN B 731 -13.67 2.80 -28.39
CA GLN B 731 -14.36 3.43 -27.26
C GLN B 731 -14.89 2.38 -26.27
N CYS B 732 -14.08 1.36 -26.02
CA CYS B 732 -14.44 0.31 -25.07
C CYS B 732 -13.23 -0.02 -24.20
N PHE B 733 -13.50 -0.62 -23.05
CA PHE B 733 -12.47 -1.04 -22.12
C PHE B 733 -12.13 -2.51 -22.36
N GLY B 734 -11.21 -3.04 -21.55
CA GLY B 734 -10.71 -4.38 -21.75
C GLY B 734 -10.56 -5.19 -20.47
N VAL B 735 -11.48 -5.02 -19.53
CA VAL B 735 -11.40 -5.67 -18.22
C VAL B 735 -11.23 -7.18 -18.38
N LEU B 736 -10.51 -7.79 -17.43
CA LEU B 736 -10.14 -9.20 -17.50
C LEU B 736 -10.71 -9.99 -16.34
N SER B 737 -12.00 -9.80 -16.06
CA SER B 737 -12.63 -10.45 -14.91
C SER B 737 -12.56 -11.97 -15.04
N SER B 738 -12.42 -12.64 -13.89
CA SER B 738 -12.33 -14.09 -13.82
C SER B 738 -13.42 -14.62 -12.91
N ARG B 739 -14.33 -15.40 -13.46
CA ARG B 739 -15.41 -15.99 -12.69
C ARG B 739 -14.93 -17.25 -11.97
N ILE B 740 -15.63 -17.60 -10.90
CA ILE B 740 -15.35 -18.80 -10.12
C ILE B 740 -16.67 -19.57 -10.02
N GLU B 741 -16.70 -20.79 -10.55
CA GLU B 741 -17.89 -21.61 -10.56
C GLU B 741 -17.56 -23.01 -10.06
N VAL B 742 -18.45 -23.54 -9.22
CA VAL B 742 -18.25 -24.86 -8.64
C VAL B 742 -18.53 -25.93 -9.69
N GLN B 743 -17.66 -26.95 -9.72
CA GLN B 743 -17.85 -28.05 -10.66
C GLN B 743 -19.15 -28.78 -10.36
N ASP B 744 -19.92 -29.06 -11.42
CA ASP B 744 -21.20 -29.74 -11.26
C ASP B 744 -21.00 -31.21 -10.95
N THR B 745 -21.99 -31.79 -10.26
CA THR B 745 -21.91 -33.20 -9.90
C THR B 745 -22.13 -34.11 -11.11
N SER B 746 -22.79 -33.60 -12.15
CA SER B 746 -23.09 -34.39 -13.34
C SER B 746 -22.27 -33.93 -14.55
N GLY B 747 -21.15 -33.26 -14.32
CA GLY B 747 -20.34 -32.76 -15.41
C GLY B 747 -20.62 -31.31 -15.70
N GLY B 748 -19.60 -30.62 -16.21
CA GLY B 748 -19.72 -29.20 -16.47
C GLY B 748 -19.56 -28.36 -15.21
N THR B 749 -19.75 -27.05 -15.38
CA THR B 749 -19.62 -26.10 -14.30
C THR B 749 -20.89 -25.27 -14.17
N THR B 750 -21.22 -24.89 -12.95
CA THR B 750 -22.40 -24.09 -12.65
C THR B 750 -21.97 -22.84 -11.89
N ALA B 751 -22.33 -21.67 -12.41
CA ALA B 751 -21.94 -20.41 -11.78
C ALA B 751 -22.68 -20.23 -10.46
N LEU B 752 -21.98 -19.68 -9.47
CA LEU B 752 -22.60 -19.42 -8.18
C LEU B 752 -23.70 -18.37 -8.29
N ARG B 753 -23.40 -17.25 -8.93
CA ARG B 753 -24.35 -16.16 -9.11
C ARG B 753 -24.17 -15.57 -10.49
N PRO B 754 -25.20 -14.95 -11.05
CA PRO B 754 -25.05 -14.29 -12.36
C PRO B 754 -24.15 -13.08 -12.29
N SER B 755 -22.96 -13.19 -12.86
CA SER B 755 -21.97 -12.12 -12.81
C SER B 755 -22.10 -11.24 -14.04
N ALA B 756 -21.21 -10.27 -14.19
CA ALA B 756 -21.19 -9.44 -15.39
C ALA B 756 -20.77 -10.24 -16.62
N SER B 757 -20.08 -11.35 -16.44
CA SER B 757 -19.70 -12.18 -17.57
C SER B 757 -20.88 -12.94 -18.15
N THR B 758 -21.74 -13.50 -17.27
CA THR B 758 -22.90 -14.24 -17.75
C THR B 758 -23.90 -13.32 -18.43
N GLN B 759 -24.20 -12.17 -17.83
CA GLN B 759 -25.15 -11.22 -18.41
C GLN B 759 -24.43 -10.28 -19.37
N ALA B 760 -23.78 -10.89 -20.35
CA ALA B 760 -23.09 -10.17 -21.42
C ALA B 760 -23.76 -10.49 -22.74
N LEU B 761 -24.25 -9.46 -23.43
CA LEU B 761 -24.88 -9.62 -24.74
C LEU B 761 -23.77 -9.94 -25.75
N SER B 762 -24.02 -10.98 -26.54
CA SER B 762 -23.07 -11.42 -27.56
C SER B 762 -21.76 -11.88 -26.93
N SER B 763 -21.81 -12.97 -26.18
CA SER B 763 -20.65 -13.56 -25.56
C SER B 763 -20.20 -14.77 -26.38
N SER B 764 -18.90 -15.01 -26.37
CA SER B 764 -18.27 -16.05 -27.17
C SER B 764 -17.40 -16.95 -26.30
N VAL B 765 -16.99 -18.07 -26.88
CA VAL B 765 -16.15 -19.07 -26.22
C VAL B 765 -14.93 -19.34 -27.08
N SER B 766 -13.75 -19.33 -26.47
CA SER B 766 -12.53 -19.65 -27.20
C SER B 766 -12.54 -21.11 -27.63
N SER B 767 -12.00 -21.37 -28.83
CA SER B 767 -12.00 -22.70 -29.42
C SER B 767 -10.60 -23.10 -29.87
N SER B 768 -9.59 -22.79 -29.06
CA SER B 768 -8.21 -23.09 -29.43
C SER B 768 -7.98 -24.60 -29.51
N LYS B 769 -7.25 -25.02 -30.54
CA LYS B 769 -6.86 -26.40 -30.71
C LYS B 769 -5.37 -26.61 -30.45
N LEU B 770 -4.69 -25.63 -29.84
CA LEU B 770 -3.26 -25.75 -29.59
C LEU B 770 -2.96 -26.85 -28.58
N PHE B 771 -3.76 -26.93 -27.51
CA PHE B 771 -3.51 -27.87 -26.42
C PHE B 771 -4.47 -29.04 -26.58
N SER B 772 -4.07 -30.02 -27.38
CA SER B 772 -4.87 -31.22 -27.63
C SER B 772 -4.46 -32.39 -26.75
N SER B 773 -3.53 -32.19 -25.81
CA SER B 773 -3.08 -33.25 -24.93
C SER B 773 -4.17 -33.62 -23.92
N HIS B 778 -5.60 -32.60 -13.93
CA HIS B 778 -6.60 -32.17 -14.91
C HIS B 778 -7.99 -32.69 -14.56
N GLU B 779 -8.04 -33.78 -13.80
CA GLU B 779 -9.31 -34.31 -13.35
C GLU B 779 -9.94 -33.38 -12.33
N THR B 780 -11.25 -33.16 -12.46
CA THR B 780 -12.00 -32.26 -11.60
C THR B 780 -12.98 -33.05 -10.76
N SER B 781 -12.90 -32.88 -9.44
CA SER B 781 -13.82 -33.52 -8.53
C SER B 781 -15.13 -32.75 -8.46
N PHE B 782 -16.15 -33.38 -7.86
CA PHE B 782 -17.44 -32.73 -7.74
C PHE B 782 -17.36 -31.48 -6.86
N GLY B 783 -16.55 -31.54 -5.80
CA GLY B 783 -16.38 -30.43 -4.90
C GLY B 783 -15.35 -29.40 -5.32
N GLU B 784 -14.62 -29.65 -6.40
CA GLU B 784 -13.60 -28.71 -6.85
C GLU B 784 -14.23 -27.45 -7.41
N GLU B 785 -13.57 -26.32 -7.16
CA GLU B 785 -14.04 -25.01 -7.63
C GLU B 785 -13.06 -24.52 -8.70
N VAL B 786 -13.42 -24.77 -9.96
CA VAL B 786 -12.58 -24.36 -11.08
C VAL B 786 -12.83 -22.89 -11.38
N GLU B 787 -11.77 -22.20 -11.82
CA GLU B 787 -11.85 -20.78 -12.14
C GLU B 787 -11.91 -20.61 -13.65
N VAL B 788 -12.84 -19.76 -14.10
CA VAL B 788 -13.04 -19.50 -15.52
C VAL B 788 -12.71 -18.04 -15.78
N HIS B 789 -11.80 -17.79 -16.71
CA HIS B 789 -11.30 -16.45 -17.01
C HIS B 789 -11.87 -15.97 -18.32
N ASN B 790 -12.47 -14.78 -18.31
CA ASN B 790 -13.07 -14.17 -19.49
C ASN B 790 -12.43 -12.81 -19.75
N LEU B 791 -12.52 -12.39 -21.01
CA LEU B 791 -12.12 -11.04 -21.42
C LEU B 791 -13.39 -10.25 -21.67
N LEU B 792 -13.72 -9.35 -20.75
CA LEU B 792 -14.89 -8.50 -20.92
C LEU B 792 -14.56 -7.31 -21.81
N ILE B 793 -15.59 -6.73 -22.40
CA ILE B 793 -15.48 -5.50 -23.18
C ILE B 793 -16.59 -4.59 -22.72
N ILE B 794 -16.22 -3.49 -22.04
CA ILE B 794 -17.17 -2.61 -21.38
C ILE B 794 -17.22 -1.29 -22.14
N ASP B 795 -18.43 -0.88 -22.51
CA ASP B 795 -18.60 0.41 -23.18
C ASP B 795 -18.18 1.55 -22.27
N GLN B 796 -17.60 2.59 -22.86
CA GLN B 796 -17.07 3.70 -22.07
C GLN B 796 -18.15 4.64 -21.57
N HIS B 797 -19.35 4.62 -22.16
CA HIS B 797 -20.42 5.53 -21.78
C HIS B 797 -21.44 4.88 -20.86
N THR B 798 -22.07 3.79 -21.31
CA THR B 798 -23.10 3.12 -20.52
C THR B 798 -22.52 2.06 -19.58
N PHE B 799 -21.27 1.65 -19.80
CA PHE B 799 -20.59 0.67 -18.94
C PHE B 799 -21.31 -0.66 -18.91
N GLU B 800 -21.96 -1.02 -20.02
CA GLU B 800 -22.55 -2.35 -20.16
C GLU B 800 -21.56 -3.29 -20.84
N VAL B 801 -21.61 -4.56 -20.46
CA VAL B 801 -20.65 -5.55 -20.94
C VAL B 801 -21.01 -5.90 -22.38
N LEU B 802 -20.26 -5.33 -23.33
CA LEU B 802 -20.58 -5.52 -24.74
C LEU B 802 -20.18 -6.91 -25.24
N HIS B 803 -19.21 -7.55 -24.58
CA HIS B 803 -18.75 -8.86 -25.02
C HIS B 803 -18.16 -9.60 -23.83
N ALA B 804 -18.08 -10.92 -23.96
CA ALA B 804 -17.44 -11.74 -22.93
C ALA B 804 -16.89 -12.99 -23.61
N HIS B 805 -15.60 -12.98 -23.89
CA HIS B 805 -14.94 -14.08 -24.59
C HIS B 805 -14.34 -15.01 -23.54
N GLN B 806 -15.07 -16.06 -23.18
CA GLN B 806 -14.57 -17.04 -22.23
C GLN B 806 -13.39 -17.80 -22.83
N PHE B 807 -12.35 -17.98 -22.02
CA PHE B 807 -11.13 -18.61 -22.48
C PHE B 807 -11.25 -20.14 -22.40
N LEU B 808 -10.16 -20.82 -22.72
CA LEU B 808 -10.13 -22.27 -22.66
C LEU B 808 -10.28 -22.75 -21.23
N GLN B 809 -10.69 -24.01 -21.09
CA GLN B 809 -10.82 -24.60 -19.76
C GLN B 809 -9.47 -24.69 -19.08
N ASN B 810 -9.46 -24.38 -17.78
CA ASN B 810 -8.23 -24.42 -16.97
C ASN B 810 -7.17 -23.46 -17.48
N GLU B 811 -7.60 -22.37 -18.11
CA GLU B 811 -6.69 -21.35 -18.63
C GLU B 811 -6.94 -20.04 -17.91
N TYR B 812 -5.89 -19.46 -17.34
CA TYR B 812 -5.97 -18.18 -16.65
C TYR B 812 -5.47 -17.07 -17.56
N ALA B 813 -5.96 -15.86 -17.30
CA ALA B 813 -5.55 -14.67 -18.03
C ALA B 813 -4.81 -13.73 -17.08
N LEU B 814 -3.61 -13.33 -17.45
CA LEU B 814 -2.75 -12.54 -16.59
C LEU B 814 -2.50 -11.13 -17.13
N SER B 815 -1.99 -11.02 -18.36
CA SER B 815 -1.63 -9.73 -18.93
C SER B 815 -2.54 -9.38 -20.09
N LEU B 816 -2.63 -8.08 -20.38
CA LEU B 816 -3.51 -7.59 -21.42
C LEU B 816 -3.09 -6.18 -21.81
N VAL B 817 -2.89 -5.95 -23.12
CA VAL B 817 -2.60 -4.64 -23.66
C VAL B 817 -3.41 -4.43 -24.93
N SER B 818 -3.62 -3.16 -25.27
CA SER B 818 -4.30 -2.77 -26.50
C SER B 818 -3.41 -1.77 -27.21
N CYS B 819 -2.86 -2.16 -28.35
CA CYS B 819 -1.90 -1.31 -29.05
C CYS B 819 -1.87 -1.69 -30.53
N LYS B 820 -1.46 -0.74 -31.35
CA LYS B 820 -1.26 -1.00 -32.77
C LYS B 820 0.06 -1.75 -32.97
N LEU B 821 0.00 -2.83 -33.74
CA LEU B 821 1.14 -3.70 -33.95
C LEU B 821 1.62 -3.64 -35.38
N GLY B 822 2.93 -3.48 -35.56
CA GLY B 822 3.51 -3.45 -36.89
C GLY B 822 2.94 -2.32 -37.72
N LYS B 823 2.64 -2.63 -38.98
CA LYS B 823 2.08 -1.66 -39.91
C LYS B 823 0.56 -1.75 -40.00
N ASP B 824 -0.07 -2.60 -39.21
CA ASP B 824 -1.51 -2.78 -39.29
C ASP B 824 -2.23 -1.59 -38.66
N PRO B 825 -3.13 -0.93 -39.39
CA PRO B 825 -3.84 0.22 -38.80
C PRO B 825 -4.84 -0.17 -37.73
N ASN B 826 -5.32 -1.41 -37.73
CA ASN B 826 -6.35 -1.83 -36.79
C ASN B 826 -5.78 -1.88 -35.37
N THR B 827 -6.57 -1.38 -34.42
CA THR B 827 -6.20 -1.46 -33.01
C THR B 827 -6.59 -2.84 -32.47
N TYR B 828 -5.64 -3.50 -31.82
CA TYR B 828 -5.77 -4.90 -31.45
C TYR B 828 -5.90 -5.07 -29.95
N PHE B 829 -6.60 -6.13 -29.56
CA PHE B 829 -6.75 -6.53 -28.16
C PHE B 829 -5.91 -7.79 -27.95
N ILE B 830 -4.79 -7.65 -27.25
CA ILE B 830 -3.82 -8.73 -27.07
C ILE B 830 -3.87 -9.16 -25.61
N VAL B 831 -4.06 -10.46 -25.38
CA VAL B 831 -4.17 -11.02 -24.05
C VAL B 831 -3.17 -12.16 -23.91
N GLY B 832 -2.42 -12.16 -22.82
CA GLY B 832 -1.48 -13.22 -22.53
C GLY B 832 -2.03 -14.13 -21.44
N THR B 833 -2.28 -15.38 -21.81
CA THR B 833 -2.88 -16.36 -20.92
C THR B 833 -1.84 -17.37 -20.45
N ALA B 834 -2.27 -18.25 -19.56
CA ALA B 834 -1.36 -19.23 -18.96
C ALA B 834 -2.17 -20.40 -18.43
N MET B 835 -1.99 -21.58 -19.02
CA MET B 835 -2.62 -22.78 -18.50
C MET B 835 -1.92 -23.24 -17.23
N VAL B 836 -2.69 -23.43 -16.17
CA VAL B 836 -2.15 -23.90 -14.89
C VAL B 836 -3.00 -25.07 -14.41
N TYR B 837 -2.38 -26.22 -14.23
CA TYR B 837 -3.04 -27.37 -13.64
C TYR B 837 -2.76 -27.42 -12.14
N PRO B 838 -3.65 -28.06 -11.37
CA PRO B 838 -3.44 -28.10 -9.91
C PRO B 838 -2.13 -28.77 -9.50
N GLU B 839 -1.68 -29.78 -10.23
CA GLU B 839 -0.46 -30.49 -9.85
C GLU B 839 0.80 -29.70 -10.16
N GLU B 840 0.79 -28.89 -11.21
CA GLU B 840 2.00 -28.17 -11.61
C GLU B 840 2.26 -27.00 -10.66
N ALA B 841 3.52 -26.89 -10.21
CA ALA B 841 3.91 -25.75 -9.40
C ALA B 841 3.96 -24.48 -10.22
N GLU B 842 4.37 -24.57 -11.48
CA GLU B 842 4.45 -23.43 -12.38
C GLU B 842 3.81 -23.80 -13.71
N PRO B 843 3.16 -22.83 -14.36
CA PRO B 843 2.58 -23.11 -15.68
C PRO B 843 3.65 -23.50 -16.69
N LYS B 844 3.30 -24.44 -17.56
CA LYS B 844 4.21 -24.89 -18.60
C LYS B 844 3.79 -24.45 -20.00
N GLN B 845 2.50 -24.20 -20.22
CA GLN B 845 1.99 -23.79 -21.52
C GLN B 845 1.19 -22.51 -21.37
N GLY B 846 1.43 -21.57 -22.28
CA GLY B 846 0.71 -20.30 -22.30
C GLY B 846 0.32 -19.93 -23.71
N ARG B 847 -0.38 -18.81 -23.83
CA ARG B 847 -0.85 -18.33 -25.12
C ARG B 847 -0.83 -16.81 -25.12
N ILE B 848 -0.36 -16.23 -26.22
CA ILE B 848 -0.49 -14.80 -26.43
C ILE B 848 -1.48 -14.60 -27.58
N VAL B 849 -2.76 -14.50 -27.25
CA VAL B 849 -3.82 -14.45 -28.23
C VAL B 849 -4.21 -12.99 -28.45
N VAL B 850 -4.33 -12.60 -29.72
CA VAL B 850 -4.61 -11.23 -30.10
C VAL B 850 -5.98 -11.16 -30.75
N PHE B 851 -6.84 -10.30 -30.22
CA PHE B 851 -8.19 -10.10 -30.74
C PHE B 851 -8.27 -8.75 -31.43
N GLN B 852 -9.45 -8.45 -31.97
CA GLN B 852 -9.72 -7.16 -32.60
C GLN B 852 -11.22 -6.91 -32.53
N TYR B 853 -11.64 -5.95 -31.72
CA TYR B 853 -13.05 -5.64 -31.54
C TYR B 853 -13.53 -4.87 -32.77
N SER B 854 -13.80 -5.61 -33.85
CA SER B 854 -14.26 -5.02 -35.09
C SER B 854 -15.60 -4.34 -34.92
N ASP B 855 -16.65 -5.11 -34.64
CA ASP B 855 -17.97 -4.54 -34.39
C ASP B 855 -18.76 -5.56 -33.57
N GLY B 856 -18.85 -5.32 -32.26
CA GLY B 856 -19.65 -6.16 -31.38
C GLY B 856 -19.14 -7.56 -31.20
N LYS B 857 -17.99 -7.91 -31.77
CA LYS B 857 -17.47 -9.27 -31.69
C LYS B 857 -15.95 -9.21 -31.61
N LEU B 858 -15.37 -10.28 -31.06
CA LEU B 858 -13.92 -10.41 -30.95
C LEU B 858 -13.48 -11.55 -31.86
N GLN B 859 -12.56 -11.25 -32.77
CA GLN B 859 -12.01 -12.24 -33.69
C GLN B 859 -10.58 -12.57 -33.29
N THR B 860 -10.29 -13.85 -33.12
CA THR B 860 -8.94 -14.28 -32.74
C THR B 860 -8.08 -14.25 -34.00
N VAL B 861 -7.28 -13.20 -34.15
CA VAL B 861 -6.43 -13.08 -35.33
C VAL B 861 -5.27 -14.07 -35.29
N ALA B 862 -4.64 -14.22 -34.13
CA ALA B 862 -3.49 -15.09 -33.98
C ALA B 862 -3.48 -15.69 -32.59
N GLU B 863 -2.74 -16.79 -32.46
CA GLU B 863 -2.69 -17.56 -31.23
C GLU B 863 -1.31 -17.56 -30.58
N LYS B 864 -0.26 -17.96 -31.32
CA LYS B 864 1.12 -17.87 -30.87
C LYS B 864 1.33 -18.60 -29.54
N GLU B 865 1.19 -19.92 -29.61
CA GLU B 865 1.42 -20.75 -28.43
C GLU B 865 2.84 -20.57 -27.92
N VAL B 866 2.96 -20.40 -26.59
CA VAL B 866 4.25 -20.20 -25.94
C VAL B 866 4.39 -21.22 -24.81
N LYS B 867 5.64 -21.43 -24.40
CA LYS B 867 5.96 -22.40 -23.34
C LYS B 867 6.26 -21.62 -22.06
N GLY B 868 5.20 -21.35 -21.30
CA GLY B 868 5.32 -20.65 -20.03
C GLY B 868 4.24 -19.60 -19.88
N ALA B 869 4.06 -19.15 -18.64
CA ALA B 869 3.07 -18.13 -18.35
C ALA B 869 3.49 -16.79 -18.93
N VAL B 870 2.51 -16.00 -19.37
CA VAL B 870 2.75 -14.67 -19.92
C VAL B 870 2.41 -13.69 -18.80
N TYR B 871 3.42 -13.35 -17.99
CA TYR B 871 3.17 -12.57 -16.78
C TYR B 871 2.87 -11.11 -17.08
N SER B 872 3.51 -10.54 -18.10
CA SER B 872 3.29 -9.13 -18.40
C SER B 872 3.53 -8.89 -19.89
N MET B 873 2.91 -7.82 -20.38
CA MET B 873 3.03 -7.42 -21.78
C MET B 873 2.92 -5.90 -21.86
N VAL B 874 3.55 -5.33 -22.89
CA VAL B 874 3.48 -3.89 -23.15
C VAL B 874 4.00 -3.61 -24.55
N GLU B 875 3.44 -2.60 -25.21
CA GLU B 875 3.87 -2.25 -26.55
C GLU B 875 5.28 -1.66 -26.54
N PHE B 876 6.04 -1.93 -27.59
CA PHE B 876 7.43 -1.50 -27.68
C PHE B 876 7.72 -1.11 -29.14
N ASN B 877 7.60 0.19 -29.43
CA ASN B 877 7.97 0.75 -30.74
C ASN B 877 7.28 0.01 -31.89
N GLY B 878 6.00 -0.26 -31.74
CA GLY B 878 5.26 -0.99 -32.74
C GLY B 878 5.43 -2.49 -32.67
N LYS B 879 6.27 -2.99 -31.76
CA LYS B 879 6.42 -4.41 -31.51
C LYS B 879 5.95 -4.70 -30.09
N LEU B 880 5.69 -5.97 -29.81
CA LEU B 880 5.20 -6.41 -28.52
C LEU B 880 6.23 -7.34 -27.89
N LEU B 881 6.57 -7.09 -26.62
CA LEU B 881 7.42 -7.99 -25.86
C LEU B 881 6.66 -8.53 -24.65
N ALA B 882 6.91 -9.79 -24.33
CA ALA B 882 6.21 -10.47 -23.24
C ALA B 882 7.22 -11.17 -22.34
N SER B 883 6.85 -11.29 -21.07
CA SER B 883 7.68 -11.96 -20.07
C SER B 883 7.18 -13.40 -19.98
N ILE B 884 7.80 -14.28 -20.77
CA ILE B 884 7.29 -15.65 -20.93
C ILE B 884 7.97 -16.48 -19.85
N ASN B 885 7.43 -16.41 -18.63
CA ASN B 885 7.81 -17.27 -17.51
C ASN B 885 9.34 -17.27 -17.32
N SER B 886 9.83 -16.11 -16.89
CA SER B 886 11.27 -15.88 -16.66
C SER B 886 12.05 -15.86 -17.97
N THR B 887 11.46 -15.30 -19.02
CA THR B 887 12.13 -15.15 -20.31
C THR B 887 11.47 -13.99 -21.04
N VAL B 888 12.23 -12.93 -21.29
CA VAL B 888 11.71 -11.74 -21.95
C VAL B 888 11.88 -11.91 -23.45
N ARG B 889 10.77 -12.09 -24.16
CA ARG B 889 10.75 -12.28 -25.59
C ARG B 889 10.09 -11.08 -26.26
N LEU B 890 10.65 -10.65 -27.39
CA LEU B 890 10.13 -9.52 -28.16
C LEU B 890 9.54 -10.05 -29.45
N TYR B 891 8.28 -9.71 -29.71
CA TYR B 891 7.56 -10.23 -30.86
C TYR B 891 7.32 -9.12 -31.87
N GLU B 892 7.57 -9.42 -33.13
CA GLU B 892 7.32 -8.48 -34.23
C GLU B 892 6.08 -8.95 -34.99
N TRP B 893 5.18 -8.00 -35.26
CA TRP B 893 3.91 -8.30 -35.92
C TRP B 893 4.13 -8.32 -37.42
N THR B 894 4.19 -9.52 -37.99
CA THR B 894 4.41 -9.66 -39.43
C THR B 894 3.16 -9.24 -40.20
N THR B 895 3.38 -8.93 -41.48
CA THR B 895 2.26 -8.60 -42.36
C THR B 895 1.34 -9.80 -42.59
N GLU B 896 1.81 -11.00 -42.29
CA GLU B 896 0.99 -12.21 -42.38
C GLU B 896 0.07 -12.37 -41.18
N LYS B 897 0.03 -11.38 -40.27
CA LYS B 897 -0.78 -11.44 -39.05
C LYS B 897 -0.37 -12.61 -38.17
N GLU B 898 0.93 -12.71 -37.91
CA GLU B 898 1.47 -13.74 -37.03
C GLU B 898 2.65 -13.18 -36.25
N LEU B 899 2.64 -13.39 -34.94
CA LEU B 899 3.74 -12.95 -34.10
C LEU B 899 4.99 -13.77 -34.39
N ARG B 900 6.14 -13.11 -34.40
CA ARG B 900 7.42 -13.76 -34.69
C ARG B 900 8.42 -13.42 -33.58
N THR B 901 9.20 -14.41 -33.19
CA THR B 901 10.14 -14.24 -32.08
C THR B 901 11.30 -13.34 -32.48
N GLU B 902 11.87 -12.68 -31.46
CA GLU B 902 13.00 -11.77 -31.63
C GLU B 902 13.48 -11.33 -30.25
N CYS B 903 14.78 -11.09 -30.14
CA CYS B 903 15.37 -10.47 -28.96
C CYS B 903 15.01 -11.22 -27.68
N ASN B 904 15.50 -12.44 -27.59
CA ASN B 904 15.27 -13.25 -26.40
C ASN B 904 16.28 -12.90 -25.32
N HIS B 905 15.93 -13.20 -24.06
CA HIS B 905 16.80 -12.85 -22.92
C HIS B 905 16.48 -13.80 -21.76
N TYR B 906 17.34 -14.79 -21.56
CA TYR B 906 17.24 -15.71 -20.42
C TYR B 906 18.17 -15.26 -19.30
N ASN B 907 17.76 -14.23 -18.56
CA ASN B 907 18.51 -13.86 -17.37
C ASN B 907 17.61 -13.39 -16.24
N ASN B 908 16.37 -13.89 -16.19
CA ASN B 908 15.42 -13.46 -15.18
C ASN B 908 14.85 -14.66 -14.45
N ILE B 909 14.32 -14.41 -13.26
CA ILE B 909 13.59 -15.40 -12.48
C ILE B 909 12.21 -14.83 -12.21
N MET B 910 11.20 -15.33 -12.91
CA MET B 910 9.81 -14.87 -12.79
C MET B 910 9.73 -13.34 -12.96
N ALA B 911 10.03 -12.92 -14.19
CA ALA B 911 10.01 -11.50 -14.54
C ALA B 911 8.55 -11.05 -14.63
N LEU B 912 7.98 -10.73 -13.46
CA LEU B 912 6.55 -10.48 -13.38
C LEU B 912 6.15 -9.16 -14.01
N TYR B 913 7.02 -8.15 -13.96
CA TYR B 913 6.63 -6.79 -14.30
C TYR B 913 7.53 -6.23 -15.38
N LEU B 914 6.93 -5.64 -16.41
CA LEU B 914 7.64 -4.98 -17.49
C LEU B 914 7.14 -3.54 -17.64
N LYS B 915 8.09 -2.62 -17.83
CA LYS B 915 7.77 -1.25 -18.17
C LYS B 915 8.79 -0.76 -19.19
N THR B 916 8.38 0.19 -20.03
CA THR B 916 9.21 0.63 -21.13
C THR B 916 9.13 2.15 -21.28
N LYS B 917 10.20 2.72 -21.81
CA LYS B 917 10.24 4.14 -22.17
C LYS B 917 11.34 4.31 -23.21
N GLY B 918 10.94 4.62 -24.43
CA GLY B 918 11.90 4.72 -25.52
C GLY B 918 12.44 3.38 -25.94
N ASP B 919 13.72 3.13 -25.64
CA ASP B 919 14.36 1.85 -25.95
C ASP B 919 14.89 1.17 -24.70
N PHE B 920 14.35 1.53 -23.54
CA PHE B 920 14.78 1.00 -22.25
C PHE B 920 13.65 0.19 -21.64
N ILE B 921 13.95 -1.04 -21.25
CA ILE B 921 12.97 -1.94 -20.64
C ILE B 921 13.36 -2.16 -19.18
N LEU B 922 12.42 -1.94 -18.27
CA LEU B 922 12.64 -2.12 -16.84
C LEU B 922 11.94 -3.40 -16.41
N VAL B 923 12.70 -4.49 -16.38
CA VAL B 923 12.15 -5.83 -16.15
C VAL B 923 12.32 -6.11 -14.66
N GLY B 924 11.29 -5.82 -13.88
CA GLY B 924 11.30 -6.16 -12.46
C GLY B 924 11.16 -7.66 -12.28
N ASP B 925 12.05 -8.25 -11.49
CA ASP B 925 12.06 -9.68 -11.27
C ASP B 925 11.24 -10.02 -10.03
N LEU B 926 11.22 -11.30 -9.66
CA LEU B 926 10.49 -11.74 -8.48
C LEU B 926 11.26 -11.48 -7.20
N MET B 927 12.57 -11.80 -7.21
CA MET B 927 13.41 -11.53 -6.04
C MET B 927 14.77 -10.98 -6.42
N ARG B 928 15.03 -10.73 -7.70
CA ARG B 928 16.30 -10.18 -8.15
C ARG B 928 16.25 -8.68 -8.39
N SER B 929 15.28 -8.00 -7.77
CA SER B 929 15.10 -6.56 -7.91
C SER B 929 14.88 -6.17 -9.36
N VAL B 930 15.08 -4.89 -9.69
CA VAL B 930 14.79 -4.37 -11.02
C VAL B 930 16.01 -4.56 -11.92
N LEU B 931 15.75 -4.93 -13.17
CA LEU B 931 16.78 -5.06 -14.19
C LEU B 931 16.43 -4.12 -15.34
N LEU B 932 17.42 -3.39 -15.84
CA LEU B 932 17.23 -2.45 -16.94
C LEU B 932 17.83 -3.06 -18.20
N LEU B 933 16.98 -3.38 -19.17
CA LEU B 933 17.40 -3.92 -20.45
C LEU B 933 17.38 -2.83 -21.51
N ALA B 934 18.08 -3.08 -22.61
CA ALA B 934 18.14 -2.14 -23.72
C ALA B 934 18.02 -2.91 -25.03
N TYR B 935 17.21 -2.39 -25.94
CA TYR B 935 17.06 -2.98 -27.27
C TYR B 935 18.02 -2.30 -28.23
N LYS B 936 18.91 -3.07 -28.84
CA LYS B 936 19.85 -2.54 -29.82
C LYS B 936 19.23 -2.69 -31.20
N PRO B 937 18.90 -1.60 -31.89
CA PRO B 937 18.20 -1.70 -33.18
C PRO B 937 18.98 -2.47 -34.24
N MET B 938 20.21 -2.02 -34.53
CA MET B 938 20.97 -2.65 -35.60
C MET B 938 21.53 -4.00 -35.19
N GLU B 939 21.90 -4.17 -33.91
CA GLU B 939 22.30 -5.49 -33.45
C GLU B 939 21.13 -6.47 -33.49
N GLY B 940 19.95 -6.03 -33.07
CA GLY B 940 18.81 -6.92 -32.98
C GLY B 940 18.82 -7.85 -31.80
N ASN B 941 19.55 -7.50 -30.73
CA ASN B 941 19.63 -8.33 -29.54
C ASN B 941 19.49 -7.44 -28.31
N PHE B 942 19.04 -8.04 -27.21
CA PHE B 942 18.92 -7.32 -25.95
C PHE B 942 20.29 -7.16 -25.30
N GLU B 943 20.42 -6.10 -24.51
CA GLU B 943 21.66 -5.80 -23.79
C GLU B 943 21.33 -5.37 -22.38
N GLU B 944 22.00 -5.98 -21.40
CA GLU B 944 21.79 -5.66 -19.99
C GLU B 944 22.61 -4.42 -19.66
N ILE B 945 21.96 -3.25 -19.71
CA ILE B 945 22.65 -2.00 -19.40
C ILE B 945 23.02 -1.95 -17.92
N ALA B 946 22.07 -2.29 -17.04
CA ALA B 946 22.32 -2.22 -15.61
C ALA B 946 21.36 -3.16 -14.91
N ARG B 947 21.66 -3.45 -13.64
CA ARG B 947 20.85 -4.37 -12.86
C ARG B 947 21.01 -4.05 -11.38
N ASP B 948 19.88 -3.95 -10.68
CA ASP B 948 19.91 -3.83 -9.23
C ASP B 948 20.28 -5.17 -8.61
N PHE B 949 21.07 -5.13 -7.54
CA PHE B 949 21.68 -6.35 -7.01
C PHE B 949 21.09 -6.81 -5.69
N ASN B 950 20.77 -5.91 -4.77
CA ASN B 950 20.18 -6.32 -3.51
C ASN B 950 18.78 -6.87 -3.75
N PRO B 951 18.42 -8.01 -3.17
CA PRO B 951 17.08 -8.56 -3.41
C PRO B 951 16.02 -7.73 -2.71
N ASN B 952 14.88 -7.56 -3.39
CA ASN B 952 13.85 -6.67 -2.89
C ASN B 952 12.43 -7.22 -2.96
N TRP B 953 12.20 -8.37 -3.60
CA TRP B 953 10.87 -8.96 -3.71
C TRP B 953 9.87 -7.95 -4.28
N MET B 954 10.10 -7.62 -5.54
CA MET B 954 9.35 -6.56 -6.20
C MET B 954 7.87 -6.89 -6.28
N SER B 955 7.04 -5.84 -6.30
CA SER B 955 5.60 -6.00 -6.47
C SER B 955 5.08 -5.11 -7.60
N ALA B 956 5.77 -4.01 -7.86
CA ALA B 956 5.42 -3.13 -8.95
C ALA B 956 6.64 -2.29 -9.32
N VAL B 957 6.73 -1.92 -10.59
CA VAL B 957 7.84 -1.13 -11.09
C VAL B 957 7.29 -0.01 -11.98
N GLU B 958 8.11 1.01 -12.19
CA GLU B 958 7.74 2.13 -13.03
C GLU B 958 9.00 2.88 -13.45
N ILE B 959 9.01 3.35 -14.69
CA ILE B 959 10.13 4.14 -15.22
C ILE B 959 9.77 5.60 -15.02
N LEU B 960 10.34 6.22 -13.99
CA LEU B 960 10.04 7.62 -13.71
C LEU B 960 10.63 8.54 -14.77
N ASP B 961 11.91 8.35 -15.09
CA ASP B 961 12.61 9.17 -16.06
C ASP B 961 13.58 8.27 -16.83
N ASP B 962 14.46 8.88 -17.62
CA ASP B 962 15.44 8.10 -18.35
C ASP B 962 16.46 7.44 -17.43
N ASP B 963 16.59 7.92 -16.19
CA ASP B 963 17.50 7.34 -15.22
C ASP B 963 16.78 6.82 -13.99
N ASN B 964 15.86 7.60 -13.43
CA ASN B 964 15.17 7.18 -12.21
C ASN B 964 14.23 6.02 -12.51
N PHE B 965 14.28 4.98 -11.68
CA PHE B 965 13.44 3.79 -11.84
C PHE B 965 12.74 3.50 -10.52
N LEU B 966 11.46 3.85 -10.44
CA LEU B 966 10.69 3.60 -9.22
C LEU B 966 10.51 2.10 -9.00
N GLY B 967 10.39 1.73 -7.72
CA GLY B 967 10.14 0.35 -7.36
C GLY B 967 9.18 0.28 -6.19
N ALA B 968 8.75 -0.94 -5.87
CA ALA B 968 7.80 -1.14 -4.78
C ALA B 968 8.00 -2.54 -4.22
N GLU B 969 8.69 -2.62 -3.08
CA GLU B 969 8.88 -3.89 -2.40
C GLU B 969 7.55 -4.37 -1.80
N ASN B 970 7.41 -5.69 -1.70
CA ASN B 970 6.19 -6.27 -1.13
C ASN B 970 6.04 -5.99 0.36
N ALA B 971 7.07 -5.46 1.02
CA ALA B 971 7.02 -5.07 2.42
C ALA B 971 6.57 -3.63 2.61
N PHE B 972 5.75 -3.11 1.69
CA PHE B 972 5.19 -1.76 1.77
C PHE B 972 6.28 -0.69 1.74
N ASN B 973 7.37 -0.94 1.02
CA ASN B 973 8.49 -0.02 0.94
C ASN B 973 8.72 0.42 -0.50
N LEU B 974 8.81 1.72 -0.71
CA LEU B 974 9.16 2.28 -2.01
C LEU B 974 10.66 2.53 -2.08
N PHE B 975 11.21 2.47 -3.28
CA PHE B 975 12.62 2.76 -3.49
C PHE B 975 12.82 3.20 -4.93
N VAL B 976 13.87 4.01 -5.15
CA VAL B 976 14.18 4.56 -6.45
C VAL B 976 15.59 4.13 -6.84
N CYS B 977 15.71 3.42 -7.96
CA CYS B 977 17.02 3.12 -8.50
C CYS B 977 17.47 4.25 -9.43
N GLN B 978 18.76 4.27 -9.72
CA GLN B 978 19.31 5.28 -10.62
C GLN B 978 20.61 4.74 -11.20
N LYS B 979 20.79 4.94 -12.51
CA LYS B 979 21.99 4.47 -13.17
C LYS B 979 23.21 5.23 -12.68
N ASP B 980 24.24 4.51 -12.25
CA ASP B 980 25.45 5.11 -11.70
C ASP B 980 26.29 5.63 -12.85
N SER B 981 25.94 6.84 -13.31
CA SER B 981 26.62 7.44 -14.44
C SER B 981 28.09 7.73 -14.12
N ALA B 982 28.36 8.22 -12.90
CA ALA B 982 29.72 8.59 -12.50
C ALA B 982 30.50 7.33 -12.13
N ALA B 983 30.85 6.56 -13.16
CA ALA B 983 31.59 5.32 -13.00
C ALA B 983 32.17 4.93 -14.36
N THR B 984 32.74 3.73 -14.43
CA THR B 984 33.29 3.19 -15.66
C THR B 984 32.41 2.04 -16.15
N THR B 985 32.47 1.78 -17.46
CA THR B 985 31.53 0.84 -18.07
C THR B 985 31.68 -0.57 -17.54
N ASP B 986 32.91 -1.03 -17.34
CA ASP B 986 33.18 -2.44 -17.04
C ASP B 986 32.88 -2.74 -15.58
N GLU B 987 31.63 -3.09 -15.31
CA GLU B 987 31.08 -3.55 -14.04
C GLU B 987 30.85 -2.41 -13.05
N GLU B 988 31.29 -1.19 -13.34
CA GLU B 988 30.98 -0.06 -12.47
C GLU B 988 29.79 0.76 -12.95
N ARG B 989 29.57 0.83 -14.27
CA ARG B 989 28.37 1.44 -14.81
C ARG B 989 27.21 0.47 -14.90
N GLN B 990 27.45 -0.82 -14.67
CA GLN B 990 26.39 -1.82 -14.60
C GLN B 990 25.78 -1.91 -13.21
N HIS B 991 26.27 -1.12 -12.26
CA HIS B 991 25.76 -1.13 -10.90
C HIS B 991 24.59 -0.17 -10.80
N LEU B 992 23.42 -0.69 -10.43
CA LEU B 992 22.26 0.15 -10.16
C LEU B 992 22.25 0.50 -8.68
N GLN B 993 22.42 1.78 -8.37
CA GLN B 993 22.56 2.24 -6.99
C GLN B 993 21.22 2.78 -6.49
N GLU B 994 20.75 2.22 -5.39
CA GLU B 994 19.52 2.70 -4.78
C GLU B 994 19.71 4.10 -4.21
N VAL B 995 18.71 4.96 -4.41
CA VAL B 995 18.78 6.33 -3.93
C VAL B 995 17.61 6.57 -2.98
N GLY B 996 16.40 6.28 -3.44
CA GLY B 996 15.22 6.50 -2.62
C GLY B 996 14.96 5.32 -1.69
N LEU B 997 14.51 5.65 -0.48
CA LEU B 997 14.07 4.65 0.49
C LEU B 997 12.92 5.25 1.28
N PHE B 998 11.80 4.54 1.36
CA PHE B 998 10.59 5.10 1.95
C PHE B 998 9.64 3.98 2.29
N HIS B 999 9.18 3.96 3.54
CA HIS B 999 8.19 2.98 4.00
C HIS B 999 6.80 3.55 3.75
N LEU B 1000 6.20 3.19 2.62
CA LEU B 1000 4.88 3.72 2.29
C LEU B 1000 3.83 3.23 3.28
N GLY B 1001 3.95 1.98 3.74
CA GLY B 1001 2.96 1.39 4.62
C GLY B 1001 1.82 0.71 3.90
N GLU B 1002 1.85 0.63 2.58
CA GLU B 1002 0.80 -0.02 1.81
C GLU B 1002 1.43 -0.87 0.72
N PHE B 1003 0.74 -1.96 0.38
CA PHE B 1003 1.20 -2.84 -0.70
C PHE B 1003 0.84 -2.23 -2.04
N VAL B 1004 1.86 -1.82 -2.81
CA VAL B 1004 1.64 -1.19 -4.10
C VAL B 1004 1.38 -2.27 -5.13
N ASN B 1005 0.25 -2.16 -5.83
CA ASN B 1005 -0.15 -3.15 -6.82
C ASN B 1005 0.17 -2.75 -8.24
N VAL B 1006 0.00 -1.48 -8.60
CA VAL B 1006 0.22 -1.04 -9.97
C VAL B 1006 0.70 0.40 -9.97
N PHE B 1007 1.50 0.74 -10.97
CA PHE B 1007 1.96 2.10 -11.21
C PHE B 1007 1.45 2.56 -12.56
N CYS B 1008 1.02 3.81 -12.65
CA CYS B 1008 0.53 4.36 -13.90
C CYS B 1008 0.86 5.83 -13.98
N HIS B 1009 1.24 6.27 -15.18
CA HIS B 1009 1.55 7.68 -15.40
C HIS B 1009 0.26 8.50 -15.46
N GLY B 1010 0.42 9.79 -15.69
CA GLY B 1010 -0.72 10.68 -15.75
C GLY B 1010 -1.16 11.16 -14.38
N SER B 1011 -1.95 12.22 -14.37
CA SER B 1011 -2.43 12.82 -13.14
C SER B 1011 -3.92 13.11 -13.26
N LEU B 1012 -4.60 13.10 -12.11
CA LEU B 1012 -6.02 13.42 -12.08
C LEU B 1012 -6.30 14.91 -12.17
N VAL B 1013 -5.28 15.75 -12.10
CA VAL B 1013 -5.45 17.20 -12.15
C VAL B 1013 -5.24 17.67 -13.58
N MET B 1014 -6.11 18.58 -14.01
CA MET B 1014 -6.02 19.13 -15.36
C MET B 1014 -4.79 20.02 -15.50
N GLN B 1015 -4.23 20.05 -16.70
CA GLN B 1015 -3.12 20.94 -17.03
C GLN B 1015 -3.52 21.97 -18.08
N ASN B 1016 -4.00 21.54 -19.24
CA ASN B 1016 -4.47 22.43 -20.30
C ASN B 1016 -3.44 23.51 -20.62
N LEU B 1017 -2.18 23.11 -20.71
CA LEU B 1017 -1.06 24.02 -20.97
C LEU B 1017 -1.03 25.15 -19.95
N GLY B 1018 -1.26 24.80 -18.69
CA GLY B 1018 -1.17 25.77 -17.60
C GLY B 1018 0.26 26.00 -17.18
N GLU B 1019 1.01 26.73 -18.01
CA GLU B 1019 2.44 26.95 -17.79
C GLU B 1019 2.60 27.96 -16.66
N THR B 1020 2.55 27.46 -15.42
CA THR B 1020 2.67 28.27 -14.23
C THR B 1020 3.93 27.93 -13.43
N SER B 1021 4.95 27.41 -14.10
CA SER B 1021 6.22 27.04 -13.48
C SER B 1021 6.01 26.04 -12.33
N THR B 1022 5.53 24.85 -12.71
CA THR B 1022 5.26 23.82 -11.73
C THR B 1022 6.56 23.36 -11.09
N PRO B 1023 6.68 23.40 -9.76
CA PRO B 1023 7.92 22.94 -9.12
C PRO B 1023 8.19 21.46 -9.33
N THR B 1024 7.15 20.64 -9.44
CA THR B 1024 7.31 19.20 -9.61
C THR B 1024 7.27 18.84 -11.09
N GLN B 1025 7.94 17.74 -11.43
CA GLN B 1025 8.02 17.25 -12.79
C GLN B 1025 7.39 15.87 -12.85
N GLY B 1026 6.44 15.69 -13.76
CA GLY B 1026 5.79 14.41 -13.94
C GLY B 1026 4.79 14.11 -12.86
N SER B 1027 4.15 12.94 -12.99
CA SER B 1027 3.18 12.47 -12.02
C SER B 1027 2.96 10.98 -12.24
N VAL B 1028 3.04 10.20 -11.18
CA VAL B 1028 2.91 8.75 -11.23
C VAL B 1028 1.91 8.34 -10.17
N LEU B 1029 0.68 8.03 -10.59
CA LEU B 1029 -0.33 7.51 -9.68
C LEU B 1029 -0.12 6.02 -9.45
N PHE B 1030 -0.29 5.59 -8.20
CA PHE B 1030 -0.20 4.18 -7.86
C PHE B 1030 -1.40 3.78 -7.02
N GLY B 1031 -1.82 2.54 -7.17
CA GLY B 1031 -2.92 1.99 -6.39
C GLY B 1031 -2.43 0.89 -5.49
N THR B 1032 -3.04 0.78 -4.31
CA THR B 1032 -2.60 -0.17 -3.30
C THR B 1032 -3.73 -1.14 -2.97
N VAL B 1033 -3.38 -2.14 -2.15
CA VAL B 1033 -4.36 -3.15 -1.74
C VAL B 1033 -5.45 -2.52 -0.90
N ASN B 1034 -5.12 -1.51 -0.10
CA ASN B 1034 -6.09 -0.90 0.81
C ASN B 1034 -6.92 0.19 0.14
N GLY B 1035 -6.73 0.44 -1.15
CA GLY B 1035 -7.49 1.46 -1.84
C GLY B 1035 -6.85 2.83 -1.88
N MET B 1036 -5.65 2.98 -1.32
CA MET B 1036 -4.95 4.25 -1.37
C MET B 1036 -4.46 4.53 -2.77
N ILE B 1037 -4.49 5.81 -3.16
CA ILE B 1037 -3.96 6.27 -4.44
C ILE B 1037 -2.97 7.38 -4.15
N GLY B 1038 -1.72 7.20 -4.61
CA GLY B 1038 -0.67 8.18 -4.40
C GLY B 1038 -0.34 8.94 -5.66
N LEU B 1039 0.52 9.95 -5.50
CA LEU B 1039 0.89 10.84 -6.59
C LEU B 1039 2.39 11.12 -6.59
N VAL B 1040 3.20 10.06 -6.54
CA VAL B 1040 4.66 10.17 -6.58
C VAL B 1040 5.10 11.06 -7.73
N THR B 1041 5.81 12.13 -7.41
CA THR B 1041 6.31 13.09 -8.38
C THR B 1041 7.83 13.20 -8.25
N SER B 1042 8.42 14.17 -8.95
CA SER B 1042 9.85 14.41 -8.91
C SER B 1042 10.10 15.87 -8.58
N LEU B 1043 10.98 16.12 -7.63
CA LEU B 1043 11.33 17.47 -7.21
C LEU B 1043 12.75 17.83 -7.67
N SER B 1044 13.06 19.12 -7.54
CA SER B 1044 14.41 19.61 -7.80
C SER B 1044 15.23 19.56 -6.51
N GLU B 1045 16.54 19.81 -6.65
CA GLU B 1045 17.44 19.69 -5.51
C GLU B 1045 17.14 20.74 -4.45
N SER B 1046 16.99 22.00 -4.86
CA SER B 1046 16.73 23.07 -3.91
C SER B 1046 15.40 22.86 -3.20
N TRP B 1047 14.36 22.51 -3.96
CA TRP B 1047 13.06 22.25 -3.36
C TRP B 1047 13.10 21.01 -2.47
N TYR B 1048 13.87 20.00 -2.85
CA TYR B 1048 14.01 18.82 -1.99
C TYR B 1048 14.66 19.18 -0.67
N ASN B 1049 15.72 19.99 -0.70
CA ASN B 1049 16.38 20.39 0.54
C ASN B 1049 15.44 21.23 1.40
N LEU B 1050 14.72 22.16 0.79
CA LEU B 1050 13.78 22.99 1.54
C LEU B 1050 12.69 22.13 2.18
N LEU B 1051 12.17 21.16 1.43
CA LEU B 1051 11.12 20.30 1.98
C LEU B 1051 11.65 19.36 3.04
N LEU B 1052 12.91 18.92 2.93
CA LEU B 1052 13.49 18.11 3.99
C LEU B 1052 13.63 18.92 5.27
N ASP B 1053 14.07 20.18 5.16
CA ASP B 1053 14.13 21.05 6.32
C ASP B 1053 12.74 21.25 6.91
N MET B 1054 11.73 21.46 6.06
CA MET B 1054 10.37 21.63 6.53
C MET B 1054 9.86 20.39 7.24
N GLN B 1055 10.18 19.22 6.70
CA GLN B 1055 9.78 17.96 7.31
C GLN B 1055 10.41 17.80 8.69
N ASN B 1056 11.70 18.11 8.81
CA ASN B 1056 12.35 18.00 10.11
C ASN B 1056 11.76 18.97 11.12
N ARG B 1057 11.50 20.21 10.71
CA ARG B 1057 10.94 21.19 11.64
C ARG B 1057 9.53 20.80 12.05
N LEU B 1058 8.72 20.32 11.11
CA LEU B 1058 7.37 19.88 11.45
C LEU B 1058 7.40 18.70 12.41
N ASN B 1059 8.32 17.76 12.19
CA ASN B 1059 8.48 16.66 13.13
C ASN B 1059 8.86 17.16 14.51
N LYS B 1060 9.72 18.19 14.56
CA LYS B 1060 10.06 18.78 15.85
C LYS B 1060 8.86 19.46 16.50
N VAL B 1061 7.92 19.97 15.70
CA VAL B 1061 6.79 20.72 16.25
C VAL B 1061 5.56 19.82 16.37
N ILE B 1062 5.15 19.20 15.26
CA ILE B 1062 3.94 18.37 15.26
C ILE B 1062 4.16 17.15 16.14
N LYS B 1063 3.19 16.89 17.03
CA LYS B 1063 3.23 15.72 17.90
C LYS B 1063 2.25 14.68 17.35
N SER B 1064 2.75 13.47 17.13
CA SER B 1064 1.91 12.40 16.60
C SER B 1064 0.91 11.96 17.66
N VAL B 1065 -0.18 11.35 17.18
CA VAL B 1065 -1.22 10.89 18.09
C VAL B 1065 -0.72 9.72 18.94
N GLY B 1066 0.15 8.88 18.40
CA GLY B 1066 0.69 7.75 19.11
C GLY B 1066 2.10 7.93 19.64
N LYS B 1067 2.63 9.15 19.61
CA LYS B 1067 4.00 9.42 20.06
C LYS B 1067 5.02 8.58 19.29
N ILE B 1068 4.78 8.41 18.00
CA ILE B 1068 5.66 7.64 17.12
C ILE B 1068 6.45 8.61 16.25
N GLU B 1069 7.77 8.47 16.25
CA GLU B 1069 8.62 9.34 15.45
C GLU B 1069 8.38 9.09 13.97
N HIS B 1070 8.29 10.18 13.21
CA HIS B 1070 8.04 10.06 11.77
C HIS B 1070 9.22 9.43 11.05
N SER B 1071 10.44 9.76 11.46
CA SER B 1071 11.63 9.19 10.82
C SER B 1071 11.70 7.69 11.02
N PHE B 1072 11.22 7.19 12.17
CA PHE B 1072 11.17 5.76 12.39
C PHE B 1072 10.04 5.10 11.59
N TRP B 1073 8.91 5.79 11.47
CA TRP B 1073 7.78 5.24 10.72
C TRP B 1073 8.10 5.13 9.23
N ARG B 1074 8.84 6.11 8.70
CA ARG B 1074 9.14 6.14 7.27
C ARG B 1074 10.45 5.45 6.92
N SER B 1075 11.16 4.86 7.89
CA SER B 1075 12.41 4.19 7.60
C SER B 1075 12.17 2.95 6.76
N PHE B 1076 13.14 2.62 5.92
CA PHE B 1076 13.03 1.48 5.00
C PHE B 1076 13.12 0.18 5.79
N HIS B 1077 11.99 -0.31 6.28
CA HIS B 1077 11.97 -1.49 7.15
C HIS B 1077 11.85 -2.76 6.33
N THR B 1078 12.65 -3.76 6.70
CA THR B 1078 12.62 -5.08 6.10
C THR B 1078 13.22 -6.04 7.12
N GLU B 1079 12.87 -7.32 7.00
CA GLU B 1079 13.39 -8.32 7.92
C GLU B 1079 14.91 -8.43 7.87
N ARG B 1080 15.53 -7.95 6.79
CA ARG B 1080 16.98 -8.01 6.65
C ARG B 1080 17.68 -6.69 6.90
N LYS B 1081 17.00 -5.56 6.66
CA LYS B 1081 17.64 -4.26 6.81
C LYS B 1081 16.61 -3.23 7.25
N THR B 1082 17.11 -2.14 7.83
CA THR B 1082 16.26 -1.03 8.27
C THR B 1082 17.06 0.25 8.08
N GLU B 1083 16.81 0.95 6.99
CA GLU B 1083 17.56 2.16 6.66
C GLU B 1083 16.67 3.39 6.79
N PRO B 1084 17.23 4.53 7.18
CA PRO B 1084 16.44 5.76 7.25
C PRO B 1084 15.98 6.20 5.88
N ALA B 1085 14.85 6.92 5.85
CA ALA B 1085 14.31 7.42 4.60
C ALA B 1085 15.29 8.37 3.94
N THR B 1086 15.49 8.19 2.63
CA THR B 1086 16.42 9.02 1.87
C THR B 1086 15.79 9.35 0.53
N GLY B 1087 15.83 10.63 0.16
CA GLY B 1087 15.34 11.04 -1.14
C GLY B 1087 13.85 10.79 -1.36
N PHE B 1088 13.03 11.07 -0.35
CA PHE B 1088 11.58 10.88 -0.47
C PHE B 1088 10.92 11.85 0.51
N ILE B 1089 10.33 12.91 -0.03
CA ILE B 1089 9.65 13.90 0.80
C ILE B 1089 8.22 13.44 1.06
N ASP B 1090 7.87 13.28 2.32
CA ASP B 1090 6.51 12.90 2.67
C ASP B 1090 5.55 14.03 2.32
N GLY B 1091 4.41 13.66 1.75
CA GLY B 1091 3.45 14.65 1.32
C GLY B 1091 2.46 15.04 2.38
N ASP B 1092 1.99 14.06 3.15
CA ASP B 1092 1.02 14.34 4.20
C ASP B 1092 1.61 15.27 5.27
N LEU B 1093 2.86 15.01 5.67
CA LEU B 1093 3.48 15.83 6.70
C LEU B 1093 3.63 17.28 6.24
N ILE B 1094 4.08 17.49 5.01
CA ILE B 1094 4.24 18.85 4.49
C ILE B 1094 2.88 19.52 4.34
N GLU B 1095 1.90 18.79 3.79
CA GLU B 1095 0.57 19.36 3.62
C GLU B 1095 -0.11 19.68 4.94
N SER B 1096 0.26 19.01 6.02
CA SER B 1096 -0.29 19.31 7.33
C SER B 1096 0.16 20.67 7.87
N PHE B 1097 1.18 21.28 7.25
CA PHE B 1097 1.64 22.58 7.71
C PHE B 1097 0.56 23.65 7.58
N LEU B 1098 -0.34 23.49 6.61
CA LEU B 1098 -1.38 24.48 6.40
C LEU B 1098 -2.37 24.53 7.56
N ASP B 1099 -2.73 23.37 8.11
CA ASP B 1099 -3.76 23.30 9.13
C ASP B 1099 -3.31 23.81 10.49
N ILE B 1100 -2.01 24.01 10.70
CA ILE B 1100 -1.51 24.43 11.99
C ILE B 1100 -1.84 25.90 12.22
N SER B 1101 -1.99 26.28 13.49
CA SER B 1101 -2.32 27.65 13.84
C SER B 1101 -1.14 28.58 13.57
N ARG B 1102 -1.45 29.86 13.40
CA ARG B 1102 -0.42 30.85 13.07
C ARG B 1102 0.69 30.94 14.12
N PRO B 1103 0.40 31.03 15.43
CA PRO B 1103 1.51 31.07 16.39
C PRO B 1103 2.39 29.84 16.35
N LYS B 1104 1.81 28.66 16.07
CA LYS B 1104 2.61 27.46 15.95
C LYS B 1104 3.37 27.40 14.62
N MET B 1105 2.76 27.91 13.55
CA MET B 1105 3.48 27.98 12.27
C MET B 1105 4.67 28.92 12.35
N GLN B 1106 4.56 29.99 13.14
CA GLN B 1106 5.70 30.88 13.33
C GLN B 1106 6.88 30.16 13.96
N GLU B 1107 6.60 29.17 14.83
CA GLU B 1107 7.67 28.40 15.46
C GLU B 1107 8.45 27.60 14.42
N VAL B 1108 7.75 26.97 13.48
CA VAL B 1108 8.41 26.25 12.40
C VAL B 1108 9.19 27.21 11.51
N VAL B 1109 8.59 28.36 11.21
CA VAL B 1109 9.15 29.27 10.22
C VAL B 1109 10.45 29.91 10.71
N ALA B 1110 10.54 30.22 12.01
CA ALA B 1110 11.62 31.03 12.54
C ALA B 1110 12.98 30.39 12.27
N ASN B 1111 13.96 31.24 11.93
CA ASN B 1111 15.33 30.82 11.65
C ASN B 1111 15.38 29.80 10.51
N LEU B 1112 14.98 30.26 9.34
CA LEU B 1112 14.97 29.44 8.12
C LEU B 1112 14.12 28.18 8.28
N LYS B 1121 14.44 30.25 2.55
CA LYS B 1121 15.13 31.14 1.62
C LYS B 1121 15.81 32.27 2.36
N ARG B 1122 15.96 33.41 1.68
CA ARG B 1122 16.64 34.57 2.28
C ARG B 1122 15.88 35.08 3.49
N GLU B 1123 14.66 35.56 3.29
CA GLU B 1123 13.86 36.05 4.41
C GLU B 1123 13.35 34.91 5.28
N ALA B 1124 12.84 33.85 4.64
CA ALA B 1124 12.32 32.67 5.33
C ALA B 1124 11.24 33.05 6.35
N THR B 1125 10.17 33.66 5.83
CA THR B 1125 9.04 34.09 6.64
C THR B 1125 7.80 33.32 6.18
N ALA B 1126 6.79 33.26 7.05
CA ALA B 1126 5.70 32.31 6.91
C ALA B 1126 5.01 32.39 5.55
N ASP B 1127 4.99 33.57 4.93
CA ASP B 1127 4.37 33.67 3.61
C ASP B 1127 5.09 32.80 2.59
N ASP B 1128 6.42 32.79 2.63
CA ASP B 1128 7.19 31.96 1.69
C ASP B 1128 6.87 30.48 1.88
N LEU B 1129 6.93 30.00 3.12
CA LEU B 1129 6.69 28.58 3.35
C LEU B 1129 5.26 28.19 3.03
N ILE B 1130 4.31 29.08 3.33
CA ILE B 1130 2.91 28.81 3.02
C ILE B 1130 2.72 28.72 1.51
N LYS B 1131 3.35 29.62 0.74
CA LYS B 1131 3.17 29.54 -0.70
C LYS B 1131 3.86 28.33 -1.30
N VAL B 1132 5.00 27.90 -0.74
CA VAL B 1132 5.63 26.66 -1.18
C VAL B 1132 4.69 25.48 -0.97
N VAL B 1133 4.14 25.35 0.24
CA VAL B 1133 3.30 24.18 0.52
C VAL B 1133 2.00 24.25 -0.29
N GLU B 1134 1.45 25.45 -0.50
CA GLU B 1134 0.23 25.57 -1.29
C GLU B 1134 0.49 25.23 -2.76
N GLU B 1135 1.64 25.65 -3.30
CA GLU B 1135 1.98 25.28 -4.66
C GLU B 1135 2.16 23.77 -4.79
N LEU B 1136 2.77 23.15 -3.78
CA LEU B 1136 2.99 21.71 -3.84
C LEU B 1136 1.69 20.93 -3.74
N THR B 1137 0.75 21.40 -2.92
CA THR B 1137 -0.48 20.64 -2.69
C THR B 1137 -1.41 20.65 -3.90
N ARG B 1138 -1.13 21.46 -4.92
CA ARG B 1138 -2.04 21.54 -6.06
C ARG B 1138 -2.07 20.25 -6.86
N ILE B 1139 -0.94 19.55 -6.96
CA ILE B 1139 -0.91 18.30 -7.71
C ILE B 1139 -1.84 17.27 -7.05
N HIS B 1140 -1.88 17.25 -5.74
CA HIS B 1140 -2.73 16.33 -4.99
C HIS B 1140 -4.20 16.64 -5.26
#